data_9LKV
# 
_entry.id   9LKV 
# 
_audit_conform.dict_name       mmcif_pdbx.dic 
_audit_conform.dict_version    5.404 
_audit_conform.dict_location   http://mmcif.pdb.org/dictionaries/ascii/mmcif_pdbx.dic 
# 
loop_
_database_2.database_id 
_database_2.database_code 
_database_2.pdbx_database_accession 
_database_2.pdbx_DOI 
PDB   9LKV         pdb_00009lkv 10.2210/pdb9lkv/pdb 
WWPDB D_1300055879 ?            ?                   
# 
_pdbx_audit_revision_history.ordinal             1 
_pdbx_audit_revision_history.data_content_type   'Structure model' 
_pdbx_audit_revision_history.major_revision      1 
_pdbx_audit_revision_history.minor_revision      0 
_pdbx_audit_revision_history.revision_date       2025-08-20 
_pdbx_audit_revision_history.part_number         ? 
# 
_pdbx_audit_revision_details.ordinal             1 
_pdbx_audit_revision_details.revision_ordinal    1 
_pdbx_audit_revision_details.data_content_type   'Structure model' 
_pdbx_audit_revision_details.provider            repository 
_pdbx_audit_revision_details.type                'Initial release' 
_pdbx_audit_revision_details.description         ? 
_pdbx_audit_revision_details.details             ? 
# 
_pdbx_database_status.status_code                     REL 
_pdbx_database_status.status_code_sf                  REL 
_pdbx_database_status.status_code_mr                  ? 
_pdbx_database_status.entry_id                        9LKV 
_pdbx_database_status.recvd_initial_deposition_date   2025-01-16 
_pdbx_database_status.SG_entry                        N 
_pdbx_database_status.deposit_site                    PDBJ 
_pdbx_database_status.process_site                    PDBC 
_pdbx_database_status.status_code_cs                  ? 
_pdbx_database_status.status_code_nmr_data            ? 
_pdbx_database_status.methods_development_category    ? 
_pdbx_database_status.pdb_format_compatible           Y 
# 
_pdbx_contact_author.id                 2 
_pdbx_contact_author.email              aimingren@zju.edu.cn 
_pdbx_contact_author.name_first         Aiming 
_pdbx_contact_author.name_last          Ren 
_pdbx_contact_author.name_mi            ? 
_pdbx_contact_author.role               'principal investigator/group leader' 
_pdbx_contact_author.identifier_ORCID   0000-0002-5420-4899 
# 
loop_
_audit_author.name 
_audit_author.pdbx_ordinal 
_audit_author.identifier_ORCID 
'Shen, X.'  1 ? 
'Ren, A.M.' 2 ? 
# 
_citation.abstract                  ? 
_citation.abstract_id_CAS           ? 
_citation.book_id_ISBN              ? 
_citation.book_publisher            ? 
_citation.book_publisher_city       ? 
_citation.book_title                ? 
_citation.coordinate_linkage        ? 
_citation.country                   UK 
_citation.database_id_Medline       ? 
_citation.details                   ? 
_citation.id                        primary 
_citation.journal_abbrev            'Nucleic Acids Res.' 
_citation.journal_id_ASTM           NARHAD 
_citation.journal_id_CSD            0389 
_citation.journal_id_ISSN           1362-4962 
_citation.journal_full              ? 
_citation.journal_issue             ? 
_citation.journal_volume            53 
_citation.language                  ? 
_citation.page_first                ? 
_citation.page_last                 ? 
_citation.title                     
;Structure-based insights into the ligand specificity tuning of 2'-dG-III riboswitch.
;
_citation.year                      2025 
_citation.database_id_CSD           ? 
_citation.pdbx_database_id_DOI      10.1093/nar/gkaf773 
_citation.pdbx_database_id_PubMed   40795954 
_citation.pdbx_database_id_patent   ? 
_citation.unpublished_flag          ? 
# 
loop_
_citation_author.citation_id 
_citation_author.name 
_citation_author.ordinal 
_citation_author.identifier_ORCID 
primary 'Shen, X.' 1 ?                   
primary 'Li, H.'   2 ?                   
primary 'Xu, X.'   3 ?                   
primary 'Song, Q.' 4 ?                   
primary 'Tai, X.'  5 ?                   
primary 'He, M.'   6 ?                   
primary 'Ren, A.'  7 0000-0002-5420-4899 
# 
loop_
_entity.id 
_entity.type 
_entity.src_method 
_entity.pdbx_description 
_entity.formula_weight 
_entity.pdbx_number_of_molecules 
_entity.pdbx_ec 
_entity.pdbx_mutation 
_entity.pdbx_fragment 
_entity.details 
1 polymer     man 'RNA (73-MER)'       23479.760 1 ? ? ? ? 
2 non-polymer syn "2'-DEOXY-GUANOSINE" 267.241   1 ? ? ? ? 
3 non-polymer syn 'MAGNESIUM ION'      24.305    1 ? ? ? ? 
4 water       nat water                18.015    7 ? ? ? ? 
# 
_entity_poly.entity_id                      1 
_entity_poly.type                           polyribonucleotide 
_entity_poly.nstd_linkage                   no 
_entity_poly.nstd_monomer                   yes 
_entity_poly.pdbx_seq_one_letter_code       
;(GDP)GUUUUCGUAUAUCCUUAAUGAUAUGGUUUAAGGGCAAUACAUAGAAACCACAAAUUUCUUACUGCGAAAAU
(CCC)
;
_entity_poly.pdbx_seq_one_letter_code_can   GGUUUUCGUAUAUCCUUAAUGAUAUGGUUUAAGGGCAAUACAUAGAAACCACAAAUUUCUUACUGCGAAAAUC 
_entity_poly.pdbx_strand_id                 X 
_entity_poly.pdbx_target_identifier         ? 
# 
loop_
_pdbx_entity_nonpoly.entity_id 
_pdbx_entity_nonpoly.name 
_pdbx_entity_nonpoly.comp_id 
2 "2'-DEOXY-GUANOSINE" GNG 
3 'MAGNESIUM ION'      MG  
4 water                HOH 
# 
loop_
_entity_poly_seq.entity_id 
_entity_poly_seq.num 
_entity_poly_seq.mon_id 
_entity_poly_seq.hetero 
1 1  GDP n 
1 2  G   n 
1 3  U   n 
1 4  U   n 
1 5  U   n 
1 6  U   n 
1 7  C   n 
1 8  G   n 
1 9  U   n 
1 10 A   n 
1 11 U   n 
1 12 A   n 
1 13 U   n 
1 14 C   n 
1 15 C   n 
1 16 U   n 
1 17 U   n 
1 18 A   n 
1 19 A   n 
1 20 U   n 
1 21 G   n 
1 22 A   n 
1 23 U   n 
1 24 A   n 
1 25 U   n 
1 26 G   n 
1 27 G   n 
1 28 U   n 
1 29 U   n 
1 30 U   n 
1 31 A   n 
1 32 A   n 
1 33 G   n 
1 34 G   n 
1 35 G   n 
1 36 C   n 
1 37 A   n 
1 38 A   n 
1 39 U   n 
1 40 A   n 
1 41 C   n 
1 42 A   n 
1 43 U   n 
1 44 A   n 
1 45 G   n 
1 46 A   n 
1 47 A   n 
1 48 A   n 
1 49 C   n 
1 50 C   n 
1 51 A   n 
1 52 C   n 
1 53 A   n 
1 54 A   n 
1 55 A   n 
1 56 U   n 
1 57 U   n 
1 58 U   n 
1 59 C   n 
1 60 U   n 
1 61 U   n 
1 62 A   n 
1 63 C   n 
1 64 U   n 
1 65 G   n 
1 66 C   n 
1 67 G   n 
1 68 A   n 
1 69 A   n 
1 70 A   n 
1 71 A   n 
1 72 U   n 
1 73 CCC n 
# 
_entity_src_gen.entity_id                          1 
_entity_src_gen.pdbx_src_id                        1 
_entity_src_gen.pdbx_alt_source_flag               sample 
_entity_src_gen.pdbx_seq_type                      'Biological sequence' 
_entity_src_gen.pdbx_beg_seq_num                   1 
_entity_src_gen.pdbx_end_seq_num                   73 
_entity_src_gen.gene_src_common_name               ? 
_entity_src_gen.gene_src_genus                     ? 
_entity_src_gen.pdbx_gene_src_gene                 ? 
_entity_src_gen.gene_src_species                   ? 
_entity_src_gen.gene_src_strain                    ? 
_entity_src_gen.gene_src_tissue                    ? 
_entity_src_gen.gene_src_tissue_fraction           ? 
_entity_src_gen.gene_src_details                   ? 
_entity_src_gen.pdbx_gene_src_fragment             ? 
_entity_src_gen.pdbx_gene_src_scientific_name      'synthetic construct' 
_entity_src_gen.pdbx_gene_src_ncbi_taxonomy_id     32630 
_entity_src_gen.pdbx_gene_src_variant              ? 
_entity_src_gen.pdbx_gene_src_cell_line            ? 
_entity_src_gen.pdbx_gene_src_atcc                 ? 
_entity_src_gen.pdbx_gene_src_organ                ? 
_entity_src_gen.pdbx_gene_src_organelle            ? 
_entity_src_gen.pdbx_gene_src_cell                 ? 
_entity_src_gen.pdbx_gene_src_cellular_location    ? 
_entity_src_gen.host_org_common_name               ? 
_entity_src_gen.pdbx_host_org_scientific_name      'in vitro transcription vector pT7-TP(deltai)' 
_entity_src_gen.pdbx_host_org_ncbi_taxonomy_id     905931 
_entity_src_gen.host_org_genus                     ? 
_entity_src_gen.pdbx_host_org_gene                 ? 
_entity_src_gen.pdbx_host_org_organ                ? 
_entity_src_gen.host_org_species                   ? 
_entity_src_gen.pdbx_host_org_tissue               ? 
_entity_src_gen.pdbx_host_org_tissue_fraction      ? 
_entity_src_gen.pdbx_host_org_strain               ? 
_entity_src_gen.pdbx_host_org_variant              ? 
_entity_src_gen.pdbx_host_org_cell_line            ? 
_entity_src_gen.pdbx_host_org_atcc                 ? 
_entity_src_gen.pdbx_host_org_culture_collection   ? 
_entity_src_gen.pdbx_host_org_cell                 ? 
_entity_src_gen.pdbx_host_org_organelle            ? 
_entity_src_gen.pdbx_host_org_cellular_location    ? 
_entity_src_gen.pdbx_host_org_vector_type          ? 
_entity_src_gen.pdbx_host_org_vector               ? 
_entity_src_gen.host_org_details                   ? 
_entity_src_gen.expression_system_id               ? 
_entity_src_gen.plasmid_name                       ? 
_entity_src_gen.plasmid_details                    ? 
_entity_src_gen.pdbx_description                   ? 
# 
loop_
_chem_comp.id 
_chem_comp.type 
_chem_comp.mon_nstd_flag 
_chem_comp.name 
_chem_comp.pdbx_synonyms 
_chem_comp.formula 
_chem_comp.formula_weight 
A   'RNA linking' y "ADENOSINE-5'-MONOPHOSPHATE"                   ? 'C10 H14 N5 O7 P'   347.221 
C   'RNA linking' y "CYTIDINE-5'-MONOPHOSPHATE"                    ? 'C9 H14 N3 O8 P'    323.197 
CCC 'RNA linking' n 
;CYTIDINE-5'-PHOSPHATE-2',3'-CYCLIC PHOSPHATE
;
? 'C9 H13 N3 O10 P2'  385.161 
G   'RNA linking' y "GUANOSINE-5'-MONOPHOSPHATE"                   ? 'C10 H14 N5 O8 P'   363.221 
GDP 'RNA linking' n "GUANOSINE-5'-DIPHOSPHATE"                     ? 'C10 H15 N5 O11 P2' 443.201 
GNG non-polymer   n "2'-DEOXY-GUANOSINE"                           ? 'C10 H13 N5 O4'     267.241 
HOH non-polymer   . WATER                                          ? 'H2 O'              18.015  
MG  non-polymer   . 'MAGNESIUM ION'                                ? 'Mg 2'              24.305  
U   'RNA linking' y "URIDINE-5'-MONOPHOSPHATE"                     ? 'C9 H13 N2 O9 P'    324.181 
# 
loop_
_pdbx_poly_seq_scheme.asym_id 
_pdbx_poly_seq_scheme.entity_id 
_pdbx_poly_seq_scheme.seq_id 
_pdbx_poly_seq_scheme.mon_id 
_pdbx_poly_seq_scheme.ndb_seq_num 
_pdbx_poly_seq_scheme.pdb_seq_num 
_pdbx_poly_seq_scheme.auth_seq_num 
_pdbx_poly_seq_scheme.pdb_mon_id 
_pdbx_poly_seq_scheme.auth_mon_id 
_pdbx_poly_seq_scheme.pdb_strand_id 
_pdbx_poly_seq_scheme.pdb_ins_code 
_pdbx_poly_seq_scheme.hetero 
A 1 1  GDP 1  1  1  GDP GDP X . n 
A 1 2  G   2  2  2  G   G   X . n 
A 1 3  U   3  3  3  U   U   X . n 
A 1 4  U   4  4  4  U   U   X . n 
A 1 5  U   5  5  5  U   U   X . n 
A 1 6  U   6  6  6  U   U   X . n 
A 1 7  C   7  7  7  C   C   X . n 
A 1 8  G   8  8  8  G   G   X . n 
A 1 9  U   9  9  9  U   U   X . n 
A 1 10 A   10 10 10 A   A   X . n 
A 1 11 U   11 11 11 U   U   X . n 
A 1 12 A   12 12 12 A   A   X . n 
A 1 13 U   13 13 13 U   U   X . n 
A 1 14 C   14 14 14 C   C   X . n 
A 1 15 C   15 15 15 C   C   X . n 
A 1 16 U   16 16 16 U   U   X . n 
A 1 17 U   17 17 17 U   U   X . n 
A 1 18 A   18 18 18 A   A   X . n 
A 1 19 A   19 19 19 A   A   X . n 
A 1 20 U   20 20 20 U   U   X . n 
A 1 21 G   21 21 21 G   G   X . n 
A 1 22 A   22 22 22 A   A   X . n 
A 1 23 U   23 23 23 U   U   X . n 
A 1 24 A   24 24 24 A   A   X . n 
A 1 25 U   25 25 25 U   U   X . n 
A 1 26 G   26 26 26 G   G   X . n 
A 1 27 G   27 27 27 G   G   X . n 
A 1 28 U   28 28 28 U   U   X . n 
A 1 29 U   29 29 29 U   U   X . n 
A 1 30 U   30 30 30 U   U   X . n 
A 1 31 A   31 31 31 A   A   X . n 
A 1 32 A   32 32 32 A   A   X . n 
A 1 33 G   33 33 33 G   G   X . n 
A 1 34 G   34 34 34 G   G   X . n 
A 1 35 G   35 35 35 G   G   X . n 
A 1 36 C   36 36 36 C   C   X . n 
A 1 37 A   37 37 37 A   A   X . n 
A 1 38 A   38 38 38 A   A   X . n 
A 1 39 U   39 39 39 U   U   X . n 
A 1 40 A   40 40 40 A   A   X . n 
A 1 41 C   41 41 41 C   C   X . n 
A 1 42 A   42 42 42 A   A   X . n 
A 1 43 U   43 43 43 U   U   X . n 
A 1 44 A   44 44 44 A   A   X . n 
A 1 45 G   45 45 45 G   G   X . n 
A 1 46 A   46 46 46 A   A   X . n 
A 1 47 A   47 47 47 A   A   X . n 
A 1 48 A   48 48 48 A   A   X . n 
A 1 49 C   49 49 49 C   C   X . n 
A 1 50 C   50 50 50 C   C   X . n 
A 1 51 A   51 51 51 A   A   X . n 
A 1 52 C   52 52 52 C   C   X . n 
A 1 53 A   53 53 53 A   A   X . n 
A 1 54 A   54 54 54 A   A   X . n 
A 1 55 A   55 55 55 A   A   X . n 
A 1 56 U   56 56 56 U   U   X . n 
A 1 57 U   57 57 57 U   U   X . n 
A 1 58 U   58 58 58 U   U   X . n 
A 1 59 C   59 59 59 C   C   X . n 
A 1 60 U   60 60 60 U   U   X . n 
A 1 61 U   61 61 61 U   U   X . n 
A 1 62 A   62 62 62 A   A   X . n 
A 1 63 C   63 63 63 C   C   X . n 
A 1 64 U   64 64 64 U   U   X . n 
A 1 65 G   65 65 65 G   G   X . n 
A 1 66 C   66 66 66 C   C   X . n 
A 1 67 G   67 67 67 G   G   X . n 
A 1 68 A   68 68 68 A   A   X . n 
A 1 69 A   69 69 69 A   A   X . n 
A 1 70 A   70 70 70 A   A   X . n 
A 1 71 A   71 71 71 A   A   X . n 
A 1 72 U   72 72 72 U   U   X . n 
A 1 73 CCC 73 73 73 CCC CCC X . n 
# 
_pdbx_entity_instance_feature.ordinal        1 
_pdbx_entity_instance_feature.comp_id        GNG 
_pdbx_entity_instance_feature.asym_id        ? 
_pdbx_entity_instance_feature.seq_num        ? 
_pdbx_entity_instance_feature.auth_comp_id   GNG 
_pdbx_entity_instance_feature.auth_asym_id   ? 
_pdbx_entity_instance_feature.auth_seq_num   ? 
_pdbx_entity_instance_feature.feature_type   'SUBJECT OF INVESTIGATION' 
_pdbx_entity_instance_feature.details        ? 
# 
loop_
_pdbx_nonpoly_scheme.asym_id 
_pdbx_nonpoly_scheme.entity_id 
_pdbx_nonpoly_scheme.mon_id 
_pdbx_nonpoly_scheme.ndb_seq_num 
_pdbx_nonpoly_scheme.pdb_seq_num 
_pdbx_nonpoly_scheme.auth_seq_num 
_pdbx_nonpoly_scheme.pdb_mon_id 
_pdbx_nonpoly_scheme.auth_mon_id 
_pdbx_nonpoly_scheme.pdb_strand_id 
_pdbx_nonpoly_scheme.pdb_ins_code 
B 2 GNG 1 101 101 GNG GNG X . 
C 3 MG  1 102 1   MG  MG  X . 
D 4 HOH 1 201 2   HOH HOH X . 
D 4 HOH 2 202 1   HOH HOH X . 
D 4 HOH 3 203 5   HOH HOH X . 
D 4 HOH 4 204 4   HOH HOH X . 
D 4 HOH 5 205 7   HOH HOH X . 
D 4 HOH 6 206 3   HOH HOH X . 
D 4 HOH 7 207 6   HOH HOH X . 
# 
loop_
_software.citation_id 
_software.classification 
_software.compiler_name 
_software.compiler_version 
_software.contact_author 
_software.contact_author_email 
_software.date 
_software.description 
_software.dependencies 
_software.hardware 
_software.language 
_software.location 
_software.mods 
_software.name 
_software.os 
_software.os_version 
_software.type 
_software.version 
_software.pdbx_reference_DOI 
_software.pdbx_ordinal 
? refinement        ? ? ? ? ? ? ? ? ? ? ? PHENIX      ? ? ? '(1.20.1_4487: ???)' ? 1 
? 'data scaling'    ? ? ? ? ? ? ? ? ? ? ? Aimless     ? ? ? .                    ? 2 
? 'data extraction' ? ? ? ? ? ? ? ? ? ? ? PDB_EXTRACT ? ? ? .                    ? 3 
? phasing           ? ? ? ? ? ? ? ? ? ? ? PHASER      ? ? ? .                    ? 4 
? 'data reduction'  ? ? ? ? ? ? ? ? ? ? ? XDS         ? ? ? .                    ? 5 
# 
_cell.angle_alpha                  90.00 
_cell.angle_alpha_esd              ? 
_cell.angle_beta                   116.20 
_cell.angle_beta_esd               ? 
_cell.angle_gamma                  90.00 
_cell.angle_gamma_esd              ? 
_cell.entry_id                     9LKV 
_cell.details                      ? 
_cell.formula_units_Z              ? 
_cell.length_a                     100.415 
_cell.length_a_esd                 ? 
_cell.length_b                     44.993 
_cell.length_b_esd                 ? 
_cell.length_c                     51.508 
_cell.length_c_esd                 ? 
_cell.volume                       ? 
_cell.volume_esd                   ? 
_cell.Z_PDB                        4 
_cell.reciprocal_angle_alpha       ? 
_cell.reciprocal_angle_beta        ? 
_cell.reciprocal_angle_gamma       ? 
_cell.reciprocal_angle_alpha_esd   ? 
_cell.reciprocal_angle_beta_esd    ? 
_cell.reciprocal_angle_gamma_esd   ? 
_cell.reciprocal_length_a          ? 
_cell.reciprocal_length_b          ? 
_cell.reciprocal_length_c          ? 
_cell.reciprocal_length_a_esd      ? 
_cell.reciprocal_length_b_esd      ? 
_cell.reciprocal_length_c_esd      ? 
_cell.pdbx_unique_axis             ? 
_cell.pdbx_esd_method              ? 
# 
_symmetry.entry_id                         9LKV 
_symmetry.cell_setting                     ? 
_symmetry.Int_Tables_number                5 
_symmetry.space_group_name_Hall            ? 
_symmetry.space_group_name_H-M             'C 1 2 1' 
_symmetry.pdbx_full_space_group_name_H-M   ? 
# 
_exptl.absorpt_coefficient_mu     ? 
_exptl.absorpt_correction_T_max   ? 
_exptl.absorpt_correction_T_min   ? 
_exptl.absorpt_correction_type    ? 
_exptl.absorpt_process_details    ? 
_exptl.entry_id                   9LKV 
_exptl.crystals_number            1 
_exptl.details                    ? 
_exptl.method                     'X-RAY DIFFRACTION' 
_exptl.method_details             ? 
# 
_exptl_crystal.colour                       ? 
_exptl_crystal.density_diffrn               ? 
_exptl_crystal.density_Matthews             2.23 
_exptl_crystal.density_method               ? 
_exptl_crystal.density_percent_sol          45.01 
_exptl_crystal.description                  ? 
_exptl_crystal.F_000                        ? 
_exptl_crystal.id                           1 
_exptl_crystal.preparation                  ? 
_exptl_crystal.size_max                     ? 
_exptl_crystal.size_mid                     ? 
_exptl_crystal.size_min                     ? 
_exptl_crystal.size_rad                     ? 
_exptl_crystal.colour_lustre                ? 
_exptl_crystal.colour_modifier              ? 
_exptl_crystal.colour_primary               ? 
_exptl_crystal.density_meas                 ? 
_exptl_crystal.density_meas_esd             ? 
_exptl_crystal.density_meas_gt              ? 
_exptl_crystal.density_meas_lt              ? 
_exptl_crystal.density_meas_temp            ? 
_exptl_crystal.density_meas_temp_esd        ? 
_exptl_crystal.density_meas_temp_gt         ? 
_exptl_crystal.density_meas_temp_lt         ? 
_exptl_crystal.pdbx_crystal_image_url       ? 
_exptl_crystal.pdbx_crystal_image_format    ? 
_exptl_crystal.pdbx_mosaicity               ? 
_exptl_crystal.pdbx_mosaicity_esd           ? 
_exptl_crystal.pdbx_mosaic_method           ? 
_exptl_crystal.pdbx_mosaic_block_size       ? 
_exptl_crystal.pdbx_mosaic_block_size_esd   ? 
# 
_exptl_crystal_grow.apparatus       ? 
_exptl_crystal_grow.atmosphere      ? 
_exptl_crystal_grow.crystal_id      1 
_exptl_crystal_grow.details         ? 
_exptl_crystal_grow.method          'VAPOR DIFFUSION, SITTING DROP' 
_exptl_crystal_grow.method_ref      ? 
_exptl_crystal_grow.pH              ? 
_exptl_crystal_grow.pressure        ? 
_exptl_crystal_grow.pressure_esd    ? 
_exptl_crystal_grow.seeding         ? 
_exptl_crystal_grow.seeding_ref     ? 
_exptl_crystal_grow.temp_details    ? 
_exptl_crystal_grow.temp_esd        ? 
_exptl_crystal_grow.time            ? 
_exptl_crystal_grow.pdbx_details    
;0.08 M Sodium chloride, 0.04 M sodium cacodylate trihydrate 7.0, 30 % v/v 2-Methyl-2,4-pentanediol, 0.012 M spermine tetrahydrochloride
;
_exptl_crystal_grow.pdbx_pH_range   ? 
_exptl_crystal_grow.temp            289 
# 
_diffrn.ambient_environment              ? 
_diffrn.ambient_temp                     289 
_diffrn.ambient_temp_details             ? 
_diffrn.ambient_temp_esd                 ? 
_diffrn.crystal_id                       1 
_diffrn.crystal_support                  ? 
_diffrn.crystal_treatment                ? 
_diffrn.details                          ? 
_diffrn.id                               1 
_diffrn.ambient_pressure                 ? 
_diffrn.ambient_pressure_esd             ? 
_diffrn.ambient_pressure_gt              ? 
_diffrn.ambient_pressure_lt              ? 
_diffrn.ambient_temp_gt                  ? 
_diffrn.ambient_temp_lt                  ? 
_diffrn.pdbx_serial_crystal_experiment   N 
# 
_diffrn_detector.details                      ? 
_diffrn_detector.detector                     PIXEL 
_diffrn_detector.diffrn_id                    1 
_diffrn_detector.type                         'DECTRIS PILATUS 6M' 
_diffrn_detector.area_resol_mean              ? 
_diffrn_detector.dtime                        ? 
_diffrn_detector.pdbx_frames_total            ? 
_diffrn_detector.pdbx_collection_time_total   ? 
_diffrn_detector.pdbx_collection_date         2022-12-18 
_diffrn_detector.pdbx_frequency               ? 
_diffrn_detector.id                           ? 
_diffrn_detector.number_of_axes               ? 
# 
_diffrn_radiation.collimation                      ? 
_diffrn_radiation.diffrn_id                        1 
_diffrn_radiation.filter_edge                      ? 
_diffrn_radiation.inhomogeneity                    ? 
_diffrn_radiation.monochromator                    ? 
_diffrn_radiation.polarisn_norm                    ? 
_diffrn_radiation.polarisn_ratio                   ? 
_diffrn_radiation.probe                            ? 
_diffrn_radiation.type                             ? 
_diffrn_radiation.xray_symbol                      ? 
_diffrn_radiation.wavelength_id                    1 
_diffrn_radiation.pdbx_monochromatic_or_laue_m_l   M 
_diffrn_radiation.pdbx_wavelength_list             ? 
_diffrn_radiation.pdbx_wavelength                  ? 
_diffrn_radiation.pdbx_diffrn_protocol             'SINGLE WAVELENGTH' 
_diffrn_radiation.pdbx_analyzer                    ? 
_diffrn_radiation.pdbx_scattering_type             x-ray 
# 
_diffrn_radiation_wavelength.id           1 
_diffrn_radiation_wavelength.wavelength   0.97915 
_diffrn_radiation_wavelength.wt           1.0 
# 
_diffrn_source.current                     ? 
_diffrn_source.details                     ? 
_diffrn_source.diffrn_id                   1 
_diffrn_source.power                       ? 
_diffrn_source.size                        ? 
_diffrn_source.source                      SYNCHROTRON 
_diffrn_source.target                      ? 
_diffrn_source.type                        'SSRF BEAMLINE BL18U1' 
_diffrn_source.voltage                     ? 
_diffrn_source.take-off_angle              ? 
_diffrn_source.pdbx_wavelength_list        0.97915 
_diffrn_source.pdbx_wavelength             ? 
_diffrn_source.pdbx_synchrotron_beamline   BL18U1 
_diffrn_source.pdbx_synchrotron_site       SSRF 
# 
_reflns.B_iso_Wilson_estimate                          ? 
_reflns.entry_id                                       9LKV 
_reflns.data_reduction_details                         ? 
_reflns.data_reduction_method                          ? 
_reflns.d_resolution_high                              2.13 
_reflns.d_resolution_low                               43.16 
_reflns.details                                        ? 
_reflns.limit_h_max                                    ? 
_reflns.limit_h_min                                    ? 
_reflns.limit_k_max                                    ? 
_reflns.limit_k_min                                    ? 
_reflns.limit_l_max                                    ? 
_reflns.limit_l_min                                    ? 
_reflns.number_all                                     ? 
_reflns.number_obs                                     11392 
_reflns.observed_criterion                             ? 
_reflns.observed_criterion_F_max                       ? 
_reflns.observed_criterion_F_min                       ? 
_reflns.observed_criterion_I_max                       ? 
_reflns.observed_criterion_I_min                       ? 
_reflns.observed_criterion_sigma_F                     ? 
_reflns.observed_criterion_sigma_I                     ? 
_reflns.percent_possible_obs                           97.4 
_reflns.R_free_details                                 ? 
_reflns.Rmerge_F_all                                   ? 
_reflns.Rmerge_F_obs                                   ? 
_reflns.Friedel_coverage                               ? 
_reflns.number_gt                                      ? 
_reflns.threshold_expression                           ? 
_reflns.pdbx_redundancy                                6.7 
_reflns.pdbx_netI_over_av_sigmaI                       ? 
_reflns.pdbx_netI_over_sigmaI                          14.2 
_reflns.pdbx_res_netI_over_av_sigmaI_2                 ? 
_reflns.pdbx_res_netI_over_sigmaI_2                    ? 
_reflns.pdbx_chi_squared                               0.90 
_reflns.pdbx_scaling_rejects                           ? 
_reflns.pdbx_d_res_high_opt                            ? 
_reflns.pdbx_d_res_low_opt                             ? 
_reflns.pdbx_d_res_opt_method                          ? 
_reflns.phase_calculation_details                      ? 
_reflns.pdbx_Rrim_I_all                                0.064 
_reflns.pdbx_Rpim_I_all                                0.025 
_reflns.pdbx_d_opt                                     ? 
_reflns.pdbx_number_measured_all                       76012 
_reflns.pdbx_diffrn_id                                 1 
_reflns.pdbx_ordinal                                   1 
_reflns.pdbx_CC_half                                   0.999 
_reflns.pdbx_CC_star                                   ? 
_reflns.pdbx_R_split                                   ? 
_reflns.pdbx_Rmerge_I_obs                              0.058 
_reflns.pdbx_Rmerge_I_all                              ? 
_reflns.pdbx_Rsym_value                                ? 
_reflns.pdbx_CC_split_method                           ? 
_reflns.pdbx_aniso_diffraction_limit_axis_1_ortho[1]   ? 
_reflns.pdbx_aniso_diffraction_limit_axis_1_ortho[2]   ? 
_reflns.pdbx_aniso_diffraction_limit_axis_1_ortho[3]   ? 
_reflns.pdbx_aniso_diffraction_limit_axis_2_ortho[1]   ? 
_reflns.pdbx_aniso_diffraction_limit_axis_2_ortho[2]   ? 
_reflns.pdbx_aniso_diffraction_limit_axis_2_ortho[3]   ? 
_reflns.pdbx_aniso_diffraction_limit_axis_3_ortho[1]   ? 
_reflns.pdbx_aniso_diffraction_limit_axis_3_ortho[2]   ? 
_reflns.pdbx_aniso_diffraction_limit_axis_3_ortho[3]   ? 
_reflns.pdbx_aniso_diffraction_limit_1                 ? 
_reflns.pdbx_aniso_diffraction_limit_2                 ? 
_reflns.pdbx_aniso_diffraction_limit_3                 ? 
_reflns.pdbx_aniso_B_tensor_eigenvector_1_ortho[1]     ? 
_reflns.pdbx_aniso_B_tensor_eigenvector_1_ortho[2]     ? 
_reflns.pdbx_aniso_B_tensor_eigenvector_1_ortho[3]     ? 
_reflns.pdbx_aniso_B_tensor_eigenvector_2_ortho[1]     ? 
_reflns.pdbx_aniso_B_tensor_eigenvector_2_ortho[2]     ? 
_reflns.pdbx_aniso_B_tensor_eigenvector_2_ortho[3]     ? 
_reflns.pdbx_aniso_B_tensor_eigenvector_3_ortho[1]     ? 
_reflns.pdbx_aniso_B_tensor_eigenvector_3_ortho[2]     ? 
_reflns.pdbx_aniso_B_tensor_eigenvector_3_ortho[3]     ? 
_reflns.pdbx_aniso_B_tensor_eigenvalue_1               ? 
_reflns.pdbx_aniso_B_tensor_eigenvalue_2               ? 
_reflns.pdbx_aniso_B_tensor_eigenvalue_3               ? 
_reflns.pdbx_orthogonalization_convention              ? 
_reflns.pdbx_percent_possible_ellipsoidal              ? 
_reflns.pdbx_percent_possible_spherical                ? 
_reflns.pdbx_percent_possible_ellipsoidal_anomalous    ? 
_reflns.pdbx_percent_possible_spherical_anomalous      ? 
_reflns.pdbx_redundancy_anomalous                      ? 
_reflns.pdbx_CC_half_anomalous                         ? 
_reflns.pdbx_absDiff_over_sigma_anomalous              ? 
_reflns.pdbx_percent_possible_anomalous                ? 
_reflns.pdbx_observed_signal_threshold                 ? 
_reflns.pdbx_signal_type                               ? 
_reflns.pdbx_signal_details                            ? 
_reflns.pdbx_signal_software_id                        ? 
# 
_reflns_shell.d_res_high                                    2.13 
_reflns_shell.d_res_low                                     2.24 
_reflns_shell.meanI_over_sigI_all                           ? 
_reflns_shell.meanI_over_sigI_obs                           ? 
_reflns_shell.number_measured_all                           10962 
_reflns_shell.number_measured_obs                           ? 
_reflns_shell.number_possible                               ? 
_reflns_shell.number_unique_all                             ? 
_reflns_shell.number_unique_obs                             1654 
_reflns_shell.percent_possible_obs                          96.7 
_reflns_shell.Rmerge_F_all                                  ? 
_reflns_shell.Rmerge_F_obs                                  ? 
_reflns_shell.meanI_over_sigI_gt                            ? 
_reflns_shell.meanI_over_uI_all                             ? 
_reflns_shell.meanI_over_uI_gt                              ? 
_reflns_shell.number_measured_gt                            ? 
_reflns_shell.number_unique_gt                              ? 
_reflns_shell.percent_possible_gt                           ? 
_reflns_shell.Rmerge_F_gt                                   ? 
_reflns_shell.Rmerge_I_gt                                   ? 
_reflns_shell.pdbx_redundancy                               6.6 
_reflns_shell.pdbx_chi_squared                              0.81 
_reflns_shell.pdbx_netI_over_sigmaI_all                     ? 
_reflns_shell.pdbx_netI_over_sigmaI_obs                     2.3 
_reflns_shell.pdbx_Rrim_I_all                               1.036 
_reflns_shell.pdbx_Rpim_I_all                               0.400 
_reflns_shell.pdbx_rejects                                  ? 
_reflns_shell.pdbx_ordinal                                  1 
_reflns_shell.pdbx_diffrn_id                                1 
_reflns_shell.pdbx_CC_half                                  0.883 
_reflns_shell.pdbx_CC_star                                  ? 
_reflns_shell.pdbx_R_split                                  ? 
_reflns_shell.percent_possible_all                          ? 
_reflns_shell.Rmerge_I_all                                  ? 
_reflns_shell.Rmerge_I_obs                                  0.954 
_reflns_shell.pdbx_Rsym_value                               ? 
_reflns_shell.pdbx_percent_possible_ellipsoidal             ? 
_reflns_shell.pdbx_percent_possible_spherical               ? 
_reflns_shell.pdbx_percent_possible_ellipsoidal_anomalous   ? 
_reflns_shell.pdbx_percent_possible_spherical_anomalous     ? 
_reflns_shell.pdbx_redundancy_anomalous                     ? 
_reflns_shell.pdbx_CC_half_anomalous                        ? 
_reflns_shell.pdbx_absDiff_over_sigma_anomalous             ? 
_reflns_shell.pdbx_percent_possible_anomalous               ? 
# 
_refine.aniso_B[1][1]                            ? 
_refine.aniso_B[1][2]                            ? 
_refine.aniso_B[1][3]                            ? 
_refine.aniso_B[2][2]                            ? 
_refine.aniso_B[2][3]                            ? 
_refine.aniso_B[3][3]                            ? 
_refine.B_iso_max                                ? 
_refine.B_iso_mean                               ? 
_refine.B_iso_min                                ? 
_refine.correlation_coeff_Fo_to_Fc               ? 
_refine.correlation_coeff_Fo_to_Fc_free          ? 
_refine.details                                  ? 
_refine.diff_density_max                         ? 
_refine.diff_density_max_esd                     ? 
_refine.diff_density_min                         ? 
_refine.diff_density_min_esd                     ? 
_refine.diff_density_rms                         ? 
_refine.diff_density_rms_esd                     ? 
_refine.entry_id                                 9LKV 
_refine.pdbx_refine_id                           'X-RAY DIFFRACTION' 
_refine.ls_abs_structure_details                 ? 
_refine.ls_abs_structure_Flack                   ? 
_refine.ls_abs_structure_Flack_esd               ? 
_refine.ls_abs_structure_Rogers                  ? 
_refine.ls_abs_structure_Rogers_esd              ? 
_refine.ls_d_res_high                            2.13 
_refine.ls_d_res_low                             43.16 
_refine.ls_extinction_coef                       ? 
_refine.ls_extinction_coef_esd                   ? 
_refine.ls_extinction_expression                 ? 
_refine.ls_extinction_method                     ? 
_refine.ls_goodness_of_fit_all                   ? 
_refine.ls_goodness_of_fit_all_esd               ? 
_refine.ls_goodness_of_fit_obs                   ? 
_refine.ls_goodness_of_fit_obs_esd               ? 
_refine.ls_hydrogen_treatment                    ? 
_refine.ls_matrix_type                           ? 
_refine.ls_number_constraints                    ? 
_refine.ls_number_parameters                     ? 
_refine.ls_number_reflns_all                     ? 
_refine.ls_number_reflns_obs                     11252 
_refine.ls_number_reflns_R_free                  1135 
_refine.ls_number_reflns_R_work                  ? 
_refine.ls_number_restraints                     ? 
_refine.ls_percent_reflns_obs                    95.76 
_refine.ls_percent_reflns_R_free                 10.09 
_refine.ls_R_factor_all                          ? 
_refine.ls_R_factor_obs                          0.2346 
_refine.ls_R_factor_R_free                       0.2649 
_refine.ls_R_factor_R_free_error                 ? 
_refine.ls_R_factor_R_free_error_details         ? 
_refine.ls_R_factor_R_work                       0.2310 
_refine.ls_R_Fsqd_factor_obs                     ? 
_refine.ls_R_I_factor_obs                        ? 
_refine.ls_redundancy_reflns_all                 ? 
_refine.ls_redundancy_reflns_obs                 ? 
_refine.ls_restrained_S_all                      ? 
_refine.ls_restrained_S_obs                      ? 
_refine.ls_shift_over_esd_max                    ? 
_refine.ls_shift_over_esd_mean                   ? 
_refine.ls_structure_factor_coef                 ? 
_refine.ls_weighting_details                     ? 
_refine.ls_weighting_scheme                      ? 
_refine.ls_wR_factor_all                         ? 
_refine.ls_wR_factor_obs                         ? 
_refine.ls_wR_factor_R_free                      ? 
_refine.ls_wR_factor_R_work                      ? 
_refine.occupancy_max                            ? 
_refine.occupancy_min                            ? 
_refine.solvent_model_details                    'FLAT BULK SOLVENT MODEL' 
_refine.solvent_model_param_bsol                 ? 
_refine.solvent_model_param_ksol                 ? 
_refine.correlation_coeff_I_to_Fcsqd_work        ? 
_refine.correlation_coeff_I_to_Fcsqd_free        ? 
_refine.pdbx_R_complete                          ? 
_refine.ls_R_factor_gt                           ? 
_refine.ls_goodness_of_fit_gt                    ? 
_refine.ls_goodness_of_fit_ref                   ? 
_refine.ls_shift_over_su_max                     ? 
_refine.ls_shift_over_su_max_lt                  ? 
_refine.ls_shift_over_su_mean                    ? 
_refine.ls_shift_over_su_mean_lt                 ? 
_refine.pdbx_ls_sigma_I                          ? 
_refine.pdbx_ls_sigma_F                          1.35 
_refine.pdbx_ls_sigma_Fsqd                       ? 
_refine.pdbx_data_cutoff_high_absF               ? 
_refine.pdbx_data_cutoff_high_rms_absF           ? 
_refine.pdbx_data_cutoff_low_absF                ? 
_refine.pdbx_isotropic_thermal_model             ? 
_refine.pdbx_ls_cross_valid_method               THROUGHOUT 
_refine.pdbx_method_to_determine_struct          'MOLECULAR REPLACEMENT' 
_refine.pdbx_starting_model                      ? 
_refine.pdbx_stereochemistry_target_values       ML 
_refine.pdbx_R_Free_selection_details            ? 
_refine.pdbx_stereochem_target_val_spec_case     ? 
_refine.pdbx_overall_ESU_R                       ? 
_refine.pdbx_overall_ESU_R_Free                  ? 
_refine.pdbx_solvent_vdw_probe_radii             1.10 
_refine.pdbx_solvent_ion_probe_radii             ? 
_refine.pdbx_solvent_shrinkage_radii             0.90 
_refine.pdbx_real_space_R                        ? 
_refine.pdbx_density_correlation                 ? 
_refine.pdbx_pd_number_of_powder_patterns        ? 
_refine.pdbx_pd_number_of_points                 ? 
_refine.pdbx_pd_meas_number_of_points            ? 
_refine.pdbx_pd_proc_ls_prof_R_factor            ? 
_refine.pdbx_pd_proc_ls_prof_wR_factor           ? 
_refine.pdbx_pd_Marquardt_correlation_coeff      ? 
_refine.pdbx_pd_Fsqrd_R_factor                   ? 
_refine.pdbx_pd_ls_matrix_band_width             ? 
_refine.pdbx_overall_phase_error                 41.00 
_refine.pdbx_overall_SU_R_free_Cruickshank_DPI   ? 
_refine.pdbx_overall_SU_R_free_Blow_DPI          ? 
_refine.pdbx_overall_SU_R_Blow_DPI               ? 
_refine.pdbx_TLS_residual_ADP_flag               ? 
_refine.pdbx_diffrn_id                           1 
_refine.overall_SU_B                             ? 
_refine.overall_SU_ML                            0.33 
_refine.overall_SU_R_Cruickshank_DPI             ? 
_refine.overall_SU_R_free                        ? 
_refine.overall_FOM_free_R_set                   ? 
_refine.overall_FOM_work_R_set                   ? 
_refine.pdbx_average_fsc_overall                 ? 
_refine.pdbx_average_fsc_work                    ? 
_refine.pdbx_average_fsc_free                    ? 
# 
_refine_hist.pdbx_refine_id                   'X-RAY DIFFRACTION' 
_refine_hist.cycle_id                         LAST 
_refine_hist.details                          ? 
_refine_hist.d_res_high                       2.13 
_refine_hist.d_res_low                        43.16 
_refine_hist.number_atoms_solvent             7 
_refine_hist.number_atoms_total               1581 
_refine_hist.number_reflns_all                ? 
_refine_hist.number_reflns_obs                ? 
_refine_hist.number_reflns_R_free             ? 
_refine_hist.number_reflns_R_work             ? 
_refine_hist.R_factor_all                     ? 
_refine_hist.R_factor_obs                     ? 
_refine_hist.R_factor_R_free                  ? 
_refine_hist.R_factor_R_work                  ? 
_refine_hist.pdbx_number_residues_total       ? 
_refine_hist.pdbx_B_iso_mean_ligand           ? 
_refine_hist.pdbx_B_iso_mean_solvent          ? 
_refine_hist.pdbx_number_atoms_protein        0 
_refine_hist.pdbx_number_atoms_nucleic_acid   1573 
_refine_hist.pdbx_number_atoms_ligand         1 
_refine_hist.pdbx_number_atoms_lipid          ? 
_refine_hist.pdbx_number_atoms_carb           ? 
_refine_hist.pdbx_pseudo_atom_details         ? 
# 
loop_
_refine_ls_restr.pdbx_refine_id 
_refine_ls_restr.criterion 
_refine_ls_restr.dev_ideal 
_refine_ls_restr.dev_ideal_target 
_refine_ls_restr.number 
_refine_ls_restr.rejects 
_refine_ls_restr.type 
_refine_ls_restr.weight 
_refine_ls_restr.pdbx_Zscore 
_refine_ls_restr.pdbx_restraint_function 
'X-RAY DIFFRACTION' ? 0.005  ? 1757 ? f_bond_d           ? ? ? 
'X-RAY DIFFRACTION' ? 1.139  ? 2731 ? f_angle_d          ? ? ? 
'X-RAY DIFFRACTION' ? 16.560 ? 876  ? f_dihedral_angle_d ? ? ? 
'X-RAY DIFFRACTION' ? 0.046  ? 366  ? f_chiral_restr     ? ? ? 
'X-RAY DIFFRACTION' ? 0.007  ? 74   ? f_plane_restr      ? ? ? 
# 
loop_
_refine_ls_shell.pdbx_refine_id 
_refine_ls_shell.d_res_high 
_refine_ls_shell.d_res_low 
_refine_ls_shell.number_reflns_all 
_refine_ls_shell.number_reflns_obs 
_refine_ls_shell.number_reflns_R_free 
_refine_ls_shell.number_reflns_R_work 
_refine_ls_shell.percent_reflns_obs 
_refine_ls_shell.percent_reflns_R_free 
_refine_ls_shell.R_factor_all 
_refine_ls_shell.R_factor_obs 
_refine_ls_shell.R_factor_R_free_error 
_refine_ls_shell.R_factor_R_work 
_refine_ls_shell.redundancy_reflns_all 
_refine_ls_shell.redundancy_reflns_obs 
_refine_ls_shell.wR_factor_all 
_refine_ls_shell.wR_factor_obs 
_refine_ls_shell.wR_factor_R_free 
_refine_ls_shell.wR_factor_R_work 
_refine_ls_shell.pdbx_R_complete 
_refine_ls_shell.correlation_coeff_Fo_to_Fc 
_refine_ls_shell.correlation_coeff_Fo_to_Fc_free 
_refine_ls_shell.correlation_coeff_I_to_Fcsqd_work 
_refine_ls_shell.correlation_coeff_I_to_Fcsqd_free 
_refine_ls_shell.pdbx_total_number_of_bins_used 
_refine_ls_shell.pdbx_phase_error 
_refine_ls_shell.pdbx_fsc_work 
_refine_ls_shell.pdbx_fsc_free 
_refine_ls_shell.R_factor_R_free 
'X-RAY DIFFRACTION' 2.13 2.23  . . 137 1264 96.00 . . . . 0.4110 . . . . . . . . . . . . . . . 0.4066 
'X-RAY DIFFRACTION' 2.23 2.34  . . 135 1258 96.00 . . . . 0.3629 . . . . . . . . . . . . . . . 0.3977 
'X-RAY DIFFRACTION' 2.34 2.49  . . 146 1249 96.00 . . . . 0.3444 . . . . . . . . . . . . . . . 0.3671 
'X-RAY DIFFRACTION' 2.49 2.68  . . 131 1258 96.00 . . . . 0.3459 . . . . . . . . . . . . . . . 0.4886 
'X-RAY DIFFRACTION' 2.68 2.95  . . 149 1262 96.00 . . . . 0.3141 . . . . . . . . . . . . . . . 0.3542 
'X-RAY DIFFRACTION' 2.95 3.38  . . 142 1231 93.00 . . . . 0.2913 . . . . . . . . . . . . . . . 0.3302 
'X-RAY DIFFRACTION' 3.38 4.26  . . 141 1276 96.00 . . . . 0.2163 . . . . . . . . . . . . . . . 0.2355 
'X-RAY DIFFRACTION' 4.26 43.16 . . 154 1319 97.00 . . . . 0.1583 . . . . . . . . . . . . . . . 0.1951 
# 
_struct.entry_id                     9LKV 
_struct.title                        
;Crystal structure of the 2'-dG-III riboswitch bound to 2'-dG
;
_struct.pdbx_model_details           ? 
_struct.pdbx_formula_weight          ? 
_struct.pdbx_formula_weight_method   ? 
_struct.pdbx_model_type_details      ? 
_struct.pdbx_CASP_flag               N 
# 
_struct_keywords.entry_id        9LKV 
_struct_keywords.text            
;Riboswitch, 2'-dG, RNA
;
_struct_keywords.pdbx_keywords   RNA 
# 
loop_
_struct_asym.id 
_struct_asym.pdbx_blank_PDB_chainid_flag 
_struct_asym.pdbx_modified 
_struct_asym.entity_id 
_struct_asym.details 
A N N 1 ? 
B N N 2 ? 
C N N 3 ? 
D N N 4 ? 
# 
_struct_ref.id                         1 
_struct_ref.db_name                    PDB 
_struct_ref.db_code                    9LKV 
_struct_ref.pdbx_db_accession          9LKV 
_struct_ref.pdbx_db_isoform            ? 
_struct_ref.entity_id                  1 
_struct_ref.pdbx_seq_one_letter_code   ? 
_struct_ref.pdbx_align_begin           1 
# 
_struct_ref_seq.align_id                      1 
_struct_ref_seq.ref_id                        1 
_struct_ref_seq.pdbx_PDB_id_code              9LKV 
_struct_ref_seq.pdbx_strand_id                X 
_struct_ref_seq.seq_align_beg                 1 
_struct_ref_seq.pdbx_seq_align_beg_ins_code   ? 
_struct_ref_seq.seq_align_end                 73 
_struct_ref_seq.pdbx_seq_align_end_ins_code   ? 
_struct_ref_seq.pdbx_db_accession             9LKV 
_struct_ref_seq.db_align_beg                  1 
_struct_ref_seq.pdbx_db_align_beg_ins_code    ? 
_struct_ref_seq.db_align_end                  73 
_struct_ref_seq.pdbx_db_align_end_ins_code    ? 
_struct_ref_seq.pdbx_auth_seq_align_beg       1 
_struct_ref_seq.pdbx_auth_seq_align_end       73 
# 
_pdbx_struct_assembly.id                   1 
_pdbx_struct_assembly.details              author_and_software_defined_assembly 
_pdbx_struct_assembly.method_details       PISA 
_pdbx_struct_assembly.oligomeric_details   monomeric 
_pdbx_struct_assembly.oligomeric_count     1 
# 
loop_
_pdbx_struct_assembly_prop.biol_id 
_pdbx_struct_assembly_prop.type 
_pdbx_struct_assembly_prop.value 
_pdbx_struct_assembly_prop.details 
1 'ABSA (A^2)' 730   ? 
1 MORE         -3    ? 
1 'SSA (A^2)'  12280 ? 
# 
_pdbx_struct_assembly_gen.assembly_id       1 
_pdbx_struct_assembly_gen.oper_expression   1 
_pdbx_struct_assembly_gen.asym_id_list      A,B,C,D 
# 
_pdbx_struct_assembly_auth_evidence.id                     1 
_pdbx_struct_assembly_auth_evidence.assembly_id            1 
_pdbx_struct_assembly_auth_evidence.experimental_support   none 
_pdbx_struct_assembly_auth_evidence.details                ? 
# 
_pdbx_struct_oper_list.id                   1 
_pdbx_struct_oper_list.type                 'identity operation' 
_pdbx_struct_oper_list.name                 1_555 
_pdbx_struct_oper_list.symmetry_operation   x,y,z 
_pdbx_struct_oper_list.matrix[1][1]         1.0000000000 
_pdbx_struct_oper_list.matrix[1][2]         0.0000000000 
_pdbx_struct_oper_list.matrix[1][3]         0.0000000000 
_pdbx_struct_oper_list.vector[1]            0.0000000000 
_pdbx_struct_oper_list.matrix[2][1]         0.0000000000 
_pdbx_struct_oper_list.matrix[2][2]         1.0000000000 
_pdbx_struct_oper_list.matrix[2][3]         0.0000000000 
_pdbx_struct_oper_list.vector[2]            0.0000000000 
_pdbx_struct_oper_list.matrix[3][1]         0.0000000000 
_pdbx_struct_oper_list.matrix[3][2]         0.0000000000 
_pdbx_struct_oper_list.matrix[3][3]         1.0000000000 
_pdbx_struct_oper_list.vector[3]            0.0000000000 
# 
loop_
_struct_conn.id 
_struct_conn.conn_type_id 
_struct_conn.pdbx_leaving_atom_flag 
_struct_conn.pdbx_PDB_id 
_struct_conn.ptnr1_label_asym_id 
_struct_conn.ptnr1_label_comp_id 
_struct_conn.ptnr1_label_seq_id 
_struct_conn.ptnr1_label_atom_id 
_struct_conn.pdbx_ptnr1_label_alt_id 
_struct_conn.pdbx_ptnr1_PDB_ins_code 
_struct_conn.pdbx_ptnr1_standard_comp_id 
_struct_conn.ptnr1_symmetry 
_struct_conn.ptnr2_label_asym_id 
_struct_conn.ptnr2_label_comp_id 
_struct_conn.ptnr2_label_seq_id 
_struct_conn.ptnr2_label_atom_id 
_struct_conn.pdbx_ptnr2_label_alt_id 
_struct_conn.pdbx_ptnr2_PDB_ins_code 
_struct_conn.ptnr1_auth_asym_id 
_struct_conn.ptnr1_auth_comp_id 
_struct_conn.ptnr1_auth_seq_id 
_struct_conn.ptnr2_auth_asym_id 
_struct_conn.ptnr2_auth_comp_id 
_struct_conn.ptnr2_auth_seq_id 
_struct_conn.ptnr2_symmetry 
_struct_conn.pdbx_ptnr3_label_atom_id 
_struct_conn.pdbx_ptnr3_label_seq_id 
_struct_conn.pdbx_ptnr3_label_comp_id 
_struct_conn.pdbx_ptnr3_label_asym_id 
_struct_conn.pdbx_ptnr3_label_alt_id 
_struct_conn.pdbx_ptnr3_PDB_ins_code 
_struct_conn.details 
_struct_conn.pdbx_dist_value 
_struct_conn.pdbx_value_order 
_struct_conn.pdbx_role 
covale1  covale both ? A GDP 1  "O3'" ? ? ? 1_555 A G   2  P  ? ? X GDP 1  X G   2   1_555 ? ? ? ? ? ? ?                    1.560 
? ? 
covale2  covale both ? A U   72 "O3'" ? ? ? 1_555 A CCC 73 P  ? ? X U   72 X CCC 73  1_555 ? ? ? ? ? ? ?                    1.607 
? ? 
metalc1  metalc ?    ? A A   10 OP2   ? ? ? 1_555 C MG  .  MG ? ? X A   10 X MG  102 1_555 ? ? ? ? ? ? ?                    2.021 
? ? 
metalc2  metalc ?    ? A U   25 N3    ? ? ? 1_555 C MG  .  MG ? ? X U   25 X MG  102 4_546 ? ? ? ? ? ? ?                    2.380 
? ? 
hydrog1  hydrog ?    ? A GDP 1  N1    ? ? ? 1_555 A CCC 73 N3 ? ? X GDP 1  X CCC 73  1_555 ? ? ? ? ? ? WATSON-CRICK         ?     
? ? 
hydrog2  hydrog ?    ? A GDP 1  N2    ? ? ? 1_555 A CCC 73 O2 ? ? X GDP 1  X CCC 73  1_555 ? ? ? ? ? ? WATSON-CRICK         ?     
? ? 
hydrog3  hydrog ?    ? A GDP 1  O6    ? ? ? 1_555 A CCC 73 N4 ? ? X GDP 1  X CCC 73  1_555 ? ? ? ? ? ? WATSON-CRICK         ?     
? ? 
hydrog4  hydrog ?    ? A G   2  N1    ? ? ? 1_555 A U   72 O2 ? ? X G   2  X U   72  1_555 ? ? ? ? ? ? TYPE_28_PAIR         ?     
? ? 
hydrog5  hydrog ?    ? A G   2  O6    ? ? ? 1_555 A U   72 N3 ? ? X G   2  X U   72  1_555 ? ? ? ? ? ? TYPE_28_PAIR         ?     
? ? 
hydrog6  hydrog ?    ? A U   3  N3    ? ? ? 1_555 A A   71 N1 ? ? X U   3  X A   71  1_555 ? ? ? ? ? ? WATSON-CRICK         ?     
? ? 
hydrog7  hydrog ?    ? A U   3  O4    ? ? ? 1_555 A A   71 N6 ? ? X U   3  X A   71  1_555 ? ? ? ? ? ? WATSON-CRICK         ?     
? ? 
hydrog8  hydrog ?    ? A U   4  N3    ? ? ? 1_555 A A   70 N1 ? ? X U   4  X A   70  1_555 ? ? ? ? ? ? WATSON-CRICK         ?     
? ? 
hydrog9  hydrog ?    ? A U   4  O4    ? ? ? 1_555 A A   70 N6 ? ? X U   4  X A   70  1_555 ? ? ? ? ? ? WATSON-CRICK         ?     
? ? 
hydrog10 hydrog ?    ? A U   5  N3    ? ? ? 1_555 A A   69 N1 ? ? X U   5  X A   69  1_555 ? ? ? ? ? ? WATSON-CRICK         ?     
? ? 
hydrog11 hydrog ?    ? A U   5  O4    ? ? ? 1_555 A A   69 N6 ? ? X U   5  X A   69  1_555 ? ? ? ? ? ? WATSON-CRICK         ?     
? ? 
hydrog12 hydrog ?    ? A U   6  N3    ? ? ? 1_555 A A   68 N1 ? ? X U   6  X A   68  1_555 ? ? ? ? ? ? WATSON-CRICK         ?     
? ? 
hydrog13 hydrog ?    ? A U   6  O4    ? ? ? 1_555 A A   68 N6 ? ? X U   6  X A   68  1_555 ? ? ? ? ? ? WATSON-CRICK         ?     
? ? 
hydrog14 hydrog ?    ? A C   7  N3    ? ? ? 1_555 A G   67 N1 ? ? X C   7  X G   67  1_555 ? ? ? ? ? ? WATSON-CRICK         ?     
? ? 
hydrog15 hydrog ?    ? A C   7  N4    ? ? ? 1_555 A G   67 O6 ? ? X C   7  X G   67  1_555 ? ? ? ? ? ? WATSON-CRICK         ?     
? ? 
hydrog16 hydrog ?    ? A C   7  O2    ? ? ? 1_555 A G   67 N2 ? ? X C   7  X G   67  1_555 ? ? ? ? ? ? WATSON-CRICK         ?     
? ? 
hydrog17 hydrog ?    ? A G   8  O6    ? ? ? 1_555 A C   66 N4 ? ? X G   8  X C   66  1_555 ? ? ? ? ? ? 'G-C PAIR'           ?     
? ? 
hydrog18 hydrog ?    ? A U   9  N3    ? ? ? 1_555 A G   65 O6 ? ? X U   9  X G   65  1_555 ? ? ? ? ? ? TYPE_28_PAIR         ?     
? ? 
hydrog19 hydrog ?    ? A U   9  O2    ? ? ? 1_555 A G   65 N1 ? ? X U   9  X G   65  1_555 ? ? ? ? ? ? TYPE_28_PAIR         ?     
? ? 
hydrog20 hydrog ?    ? A A   10 N1    ? ? ? 1_555 A U   64 N3 ? ? X A   10 X U   64  1_555 ? ? ? ? ? ? WATSON-CRICK         ?     
? ? 
hydrog21 hydrog ?    ? A A   10 N6    ? ? ? 1_555 A U   64 O4 ? ? X A   10 X U   64  1_555 ? ? ? ? ? ? WATSON-CRICK         ?     
? ? 
hydrog22 hydrog ?    ? A U   11 N3    ? ? ? 1_555 A A   40 N1 ? ? X U   11 X A   40  1_555 ? ? ? ? ? ? WATSON-CRICK         ?     
? ? 
hydrog23 hydrog ?    ? A U   11 O4    ? ? ? 1_555 A A   40 N6 ? ? X U   11 X A   40  1_555 ? ? ? ? ? ? WATSON-CRICK         ?     
? ? 
hydrog24 hydrog ?    ? A A   12 N1    ? ? ? 1_555 A G   35 N2 ? ? X A   12 X G   35  1_555 ? ? ? ? ? ? TYPE_10_PAIR         ?     
? ? 
hydrog25 hydrog ?    ? A A   12 N6    ? ? ? 1_555 A G   35 N3 ? ? X A   12 X G   35  1_555 ? ? ? ? ? ? TYPE_10_PAIR         ?     
? ? 
hydrog26 hydrog ?    ? A U   13 N3    ? ? ? 1_555 A A   42 N7 ? ? X U   13 X A   42  1_555 ? ? ? ? ? ? HOOGSTEEN            ?     
? ? 
hydrog27 hydrog ?    ? A U   13 O4    ? ? ? 1_555 A A   42 N6 ? ? X U   13 X A   42  1_555 ? ? ? ? ? ? HOOGSTEEN            ?     
? ? 
hydrog28 hydrog ?    ? A C   14 N3    ? ? ? 1_555 A G   34 N1 ? ? X C   14 X G   34  1_555 ? ? ? ? ? ? WATSON-CRICK         ?     
? ? 
hydrog29 hydrog ?    ? A C   14 N4    ? ? ? 1_555 A G   34 O6 ? ? X C   14 X G   34  1_555 ? ? ? ? ? ? WATSON-CRICK         ?     
? ? 
hydrog30 hydrog ?    ? A C   14 O2    ? ? ? 1_555 A G   34 N2 ? ? X C   14 X G   34  1_555 ? ? ? ? ? ? WATSON-CRICK         ?     
? ? 
hydrog31 hydrog ?    ? A C   15 N3    ? ? ? 1_555 A G   33 N1 ? ? X C   15 X G   33  1_555 ? ? ? ? ? ? WATSON-CRICK         ?     
? ? 
hydrog32 hydrog ?    ? A C   15 N4    ? ? ? 1_555 A G   33 O6 ? ? X C   15 X G   33  1_555 ? ? ? ? ? ? WATSON-CRICK         ?     
? ? 
hydrog33 hydrog ?    ? A C   15 O2    ? ? ? 1_555 A G   33 N2 ? ? X C   15 X G   33  1_555 ? ? ? ? ? ? WATSON-CRICK         ?     
? ? 
hydrog34 hydrog ?    ? A U   16 N3    ? ? ? 1_555 A A   32 N1 ? ? X U   16 X A   32  1_555 ? ? ? ? ? ? WATSON-CRICK         ?     
? ? 
hydrog35 hydrog ?    ? A U   16 O4    ? ? ? 1_555 A A   32 N6 ? ? X U   16 X A   32  1_555 ? ? ? ? ? ? WATSON-CRICK         ?     
? ? 
hydrog36 hydrog ?    ? A U   17 N3    ? ? ? 1_555 A A   31 N1 ? ? X U   17 X A   31  1_555 ? ? ? ? ? ? WATSON-CRICK         ?     
? ? 
hydrog37 hydrog ?    ? A U   17 O4    ? ? ? 1_555 A A   31 N6 ? ? X U   17 X A   31  1_555 ? ? ? ? ? ? WATSON-CRICK         ?     
? ? 
hydrog38 hydrog ?    ? A A   18 N1    ? ? ? 1_555 A U   30 N3 ? ? X A   18 X U   30  1_555 ? ? ? ? ? ? WATSON-CRICK         ?     
? ? 
hydrog39 hydrog ?    ? A A   18 N6    ? ? ? 1_555 A U   30 O4 ? ? X A   18 X U   30  1_555 ? ? ? ? ? ? WATSON-CRICK         ?     
? ? 
hydrog40 hydrog ?    ? A A   19 N1    ? ? ? 1_555 A U   29 N3 ? ? X A   19 X U   29  1_555 ? ? ? ? ? ? WATSON-CRICK         ?     
? ? 
hydrog41 hydrog ?    ? A A   19 N6    ? ? ? 1_555 A U   29 O4 ? ? X A   19 X U   29  1_555 ? ? ? ? ? ? WATSON-CRICK         ?     
? ? 
hydrog42 hydrog ?    ? A U   20 N3    ? ? ? 1_555 A U   28 O4 ? ? X U   20 X U   28  1_555 ? ? ? ? ? ? TYPE_16_PAIR         ?     
? ? 
hydrog43 hydrog ?    ? A U   20 O2    ? ? ? 1_555 A U   28 N3 ? ? X U   20 X U   28  1_555 ? ? ? ? ? ? TYPE_16_PAIR         ?     
? ? 
hydrog44 hydrog ?    ? A A   22 N1    ? ? ? 1_555 A A   55 N6 ? ? X A   22 X A   55  1_555 ? ? ? ? ? ? TYPE_5_PAIR          ?     
? ? 
hydrog45 hydrog ?    ? A A   22 N6    ? ? ? 1_555 A A   55 N7 ? ? X A   22 X A   55  1_555 ? ? ? ? ? ? TYPE_5_PAIR          ?     
? ? 
hydrog46 hydrog ?    ? A U   23 O2    ? ? ? 1_555 A G   26 N2 ? ? X U   23 X G   26  1_555 ? ? ? ? ? ? 'U-G MISPAIR'        ?     
? ? 
hydrog47 hydrog ?    ? A U   23 N3    ? ? ? 1_555 A A   54 N7 ? ? X U   23 X A   54  1_555 ? ? ? ? ? ? 'REVERSED HOOGSTEEN' ?     
? ? 
hydrog48 hydrog ?    ? A U   23 O2    ? ? ? 1_555 A A   54 N6 ? ? X U   23 X A   54  1_555 ? ? ? ? ? ? 'REVERSED HOOGSTEEN' ?     
? ? 
hydrog49 hydrog ?    ? A A   24 N6    ? ? ? 1_555 A A   53 N1 ? ? X A   24 X A   53  1_555 ? ? ? ? ? ? TYPE_5_PAIR          ?     
? ? 
hydrog50 hydrog ?    ? A A   24 N7    ? ? ? 1_555 A A   53 N6 ? ? X A   24 X A   53  1_555 ? ? ? ? ? ? TYPE_5_PAIR          ?     
? ? 
hydrog51 hydrog ?    ? A G   26 N1    ? ? ? 1_555 A C   50 N3 ? ? X G   26 X C   50  1_555 ? ? ? ? ? ? WATSON-CRICK         ?     
? ? 
hydrog52 hydrog ?    ? A G   26 N2    ? ? ? 1_555 A C   50 O2 ? ? X G   26 X C   50  1_555 ? ? ? ? ? ? WATSON-CRICK         ?     
? ? 
hydrog53 hydrog ?    ? A G   26 O6    ? ? ? 1_555 A C   50 N4 ? ? X G   26 X C   50  1_555 ? ? ? ? ? ? WATSON-CRICK         ?     
? ? 
hydrog54 hydrog ?    ? A G   27 N1    ? ? ? 1_555 A C   49 N3 ? ? X G   27 X C   49  1_555 ? ? ? ? ? ? WATSON-CRICK         ?     
? ? 
hydrog55 hydrog ?    ? A G   27 N2    ? ? ? 1_555 A C   49 O2 ? ? X G   27 X C   49  1_555 ? ? ? ? ? ? WATSON-CRICK         ?     
? ? 
hydrog56 hydrog ?    ? A G   27 O6    ? ? ? 1_555 A C   49 N4 ? ? X G   27 X C   49  1_555 ? ? ? ? ? ? WATSON-CRICK         ?     
? ? 
hydrog57 hydrog ?    ? A G   27 N2    ? ? ? 1_555 A A   55 N1 ? ? X G   27 X A   55  1_555 ? ? ? ? ? ? TYPE_10_PAIR         ?     
? ? 
hydrog58 hydrog ?    ? A G   27 N3    ? ? ? 1_555 A A   55 N6 ? ? X G   27 X A   55  1_555 ? ? ? ? ? ? TYPE_10_PAIR         ?     
? ? 
hydrog59 hydrog ?    ? A G   35 N1    ? ? ? 1_555 A C   41 N3 ? ? X G   35 X C   41  1_555 ? ? ? ? ? ? WATSON-CRICK         ?     
? ? 
hydrog60 hydrog ?    ? A G   35 N2    ? ? ? 1_555 A C   41 O2 ? ? X G   35 X C   41  1_555 ? ? ? ? ? ? WATSON-CRICK         ?     
? ? 
hydrog61 hydrog ?    ? A G   35 O6    ? ? ? 1_555 A C   41 N4 ? ? X G   35 X C   41  1_555 ? ? ? ? ? ? WATSON-CRICK         ?     
? ? 
hydrog62 hydrog ?    ? A U   43 N3    ? ? ? 1_555 A U   61 O2 ? ? X U   43 X U   61  1_555 ? ? ? ? ? ? TYPE_16_PAIR         ?     
? ? 
hydrog63 hydrog ?    ? A U   43 O4    ? ? ? 1_555 A U   61 N3 ? ? X U   43 X U   61  1_555 ? ? ? ? ? ? TYPE_16_PAIR         ?     
? ? 
hydrog64 hydrog ?    ? A A   44 N1    ? ? ? 1_555 A U   60 N3 ? ? X A   44 X U   60  1_555 ? ? ? ? ? ? WATSON-CRICK         ?     
? ? 
hydrog65 hydrog ?    ? A A   44 N6    ? ? ? 1_555 A U   60 O4 ? ? X A   44 X U   60  1_555 ? ? ? ? ? ? WATSON-CRICK         ?     
? ? 
hydrog66 hydrog ?    ? A G   45 N1    ? ? ? 1_555 A C   59 N3 ? ? X G   45 X C   59  1_555 ? ? ? ? ? ? WATSON-CRICK         ?     
? ? 
hydrog67 hydrog ?    ? A G   45 N2    ? ? ? 1_555 A C   59 O2 ? ? X G   45 X C   59  1_555 ? ? ? ? ? ? WATSON-CRICK         ?     
? ? 
hydrog68 hydrog ?    ? A G   45 O6    ? ? ? 1_555 A C   59 N4 ? ? X G   45 X C   59  1_555 ? ? ? ? ? ? WATSON-CRICK         ?     
? ? 
hydrog69 hydrog ?    ? A A   46 N1    ? ? ? 1_555 A U   58 N3 ? ? X A   46 X U   58  1_555 ? ? ? ? ? ? WATSON-CRICK         ?     
? ? 
hydrog70 hydrog ?    ? A A   46 N6    ? ? ? 1_555 A U   58 O4 ? ? X A   46 X U   58  1_555 ? ? ? ? ? ? WATSON-CRICK         ?     
? ? 
hydrog71 hydrog ?    ? A A   47 N1    ? ? ? 1_555 A U   57 N3 ? ? X A   47 X U   57  1_555 ? ? ? ? ? ? WATSON-CRICK         ?     
? ? 
hydrog72 hydrog ?    ? A A   47 N6    ? ? ? 1_555 A U   57 O4 ? ? X A   47 X U   57  1_555 ? ? ? ? ? ? WATSON-CRICK         ?     
? ? 
hydrog73 hydrog ?    ? A A   48 N1    ? ? ? 1_555 A U   56 N3 ? ? X A   48 X U   56  1_555 ? ? ? ? ? ? WATSON-CRICK         ?     
? ? 
hydrog74 hydrog ?    ? A A   48 N6    ? ? ? 1_555 A U   56 O4 ? ? X A   48 X U   56  1_555 ? ? ? ? ? ? WATSON-CRICK         ?     
? ? 
hydrog75 hydrog ?    ? A C   50 O2    ? ? ? 1_555 A A   54 N6 ? ? X C   50 X A   54  1_555 ? ? ? ? ? ? 'C-A MISPAIR'        ?     
? ? 
# 
loop_
_struct_conn_type.id 
_struct_conn_type.criteria 
_struct_conn_type.reference 
covale ? ? 
metalc ? ? 
hydrog ? ? 
# 
_pdbx_struct_conn_angle.id                    1 
_pdbx_struct_conn_angle.ptnr1_label_atom_id   OP2 
_pdbx_struct_conn_angle.ptnr1_label_alt_id    ? 
_pdbx_struct_conn_angle.ptnr1_label_asym_id   A 
_pdbx_struct_conn_angle.ptnr1_label_comp_id   A 
_pdbx_struct_conn_angle.ptnr1_label_seq_id    10 
_pdbx_struct_conn_angle.ptnr1_auth_atom_id    ? 
_pdbx_struct_conn_angle.ptnr1_auth_asym_id    X 
_pdbx_struct_conn_angle.ptnr1_auth_comp_id    A 
_pdbx_struct_conn_angle.ptnr1_auth_seq_id     10 
_pdbx_struct_conn_angle.ptnr1_PDB_ins_code    ? 
_pdbx_struct_conn_angle.ptnr1_symmetry        1_555 
_pdbx_struct_conn_angle.ptnr2_label_atom_id   MG 
_pdbx_struct_conn_angle.ptnr2_label_alt_id    ? 
_pdbx_struct_conn_angle.ptnr2_label_asym_id   C 
_pdbx_struct_conn_angle.ptnr2_label_comp_id   MG 
_pdbx_struct_conn_angle.ptnr2_label_seq_id    . 
_pdbx_struct_conn_angle.ptnr2_auth_atom_id    ? 
_pdbx_struct_conn_angle.ptnr2_auth_asym_id    X 
_pdbx_struct_conn_angle.ptnr2_auth_comp_id    MG 
_pdbx_struct_conn_angle.ptnr2_auth_seq_id     102 
_pdbx_struct_conn_angle.ptnr2_PDB_ins_code    ? 
_pdbx_struct_conn_angle.ptnr2_symmetry        1_555 
_pdbx_struct_conn_angle.ptnr3_label_atom_id   N3 
_pdbx_struct_conn_angle.ptnr3_label_alt_id    ? 
_pdbx_struct_conn_angle.ptnr3_label_asym_id   A 
_pdbx_struct_conn_angle.ptnr3_label_comp_id   U 
_pdbx_struct_conn_angle.ptnr3_label_seq_id    25 
_pdbx_struct_conn_angle.ptnr3_auth_atom_id    ? 
_pdbx_struct_conn_angle.ptnr3_auth_asym_id    X 
_pdbx_struct_conn_angle.ptnr3_auth_comp_id    U 
_pdbx_struct_conn_angle.ptnr3_auth_seq_id     25 
_pdbx_struct_conn_angle.ptnr3_PDB_ins_code    ? 
_pdbx_struct_conn_angle.ptnr3_symmetry        1_555 
_pdbx_struct_conn_angle.value                 99.1 
_pdbx_struct_conn_angle.value_esd             ? 
# 
_pdbx_entry_details.entry_id                   9LKV 
_pdbx_entry_details.nonpolymer_details         ? 
_pdbx_entry_details.sequence_details           ? 
_pdbx_entry_details.compound_details           ? 
_pdbx_entry_details.source_details             ? 
_pdbx_entry_details.has_ligand_of_interest     Y 
_pdbx_entry_details.has_protein_modification   N 
# 
loop_
_pdbx_validate_rmsd_angle.id 
_pdbx_validate_rmsd_angle.PDB_model_num 
_pdbx_validate_rmsd_angle.auth_atom_id_1 
_pdbx_validate_rmsd_angle.auth_asym_id_1 
_pdbx_validate_rmsd_angle.auth_comp_id_1 
_pdbx_validate_rmsd_angle.auth_seq_id_1 
_pdbx_validate_rmsd_angle.PDB_ins_code_1 
_pdbx_validate_rmsd_angle.label_alt_id_1 
_pdbx_validate_rmsd_angle.auth_atom_id_2 
_pdbx_validate_rmsd_angle.auth_asym_id_2 
_pdbx_validate_rmsd_angle.auth_comp_id_2 
_pdbx_validate_rmsd_angle.auth_seq_id_2 
_pdbx_validate_rmsd_angle.PDB_ins_code_2 
_pdbx_validate_rmsd_angle.label_alt_id_2 
_pdbx_validate_rmsd_angle.auth_atom_id_3 
_pdbx_validate_rmsd_angle.auth_asym_id_3 
_pdbx_validate_rmsd_angle.auth_comp_id_3 
_pdbx_validate_rmsd_angle.auth_seq_id_3 
_pdbx_validate_rmsd_angle.PDB_ins_code_3 
_pdbx_validate_rmsd_angle.label_alt_id_3 
_pdbx_validate_rmsd_angle.angle_value 
_pdbx_validate_rmsd_angle.angle_target_value 
_pdbx_validate_rmsd_angle.angle_deviation 
_pdbx_validate_rmsd_angle.angle_standard_deviation 
_pdbx_validate_rmsd_angle.linker_flag 
1 1 "C3'" X GDP 1 ? ? "O3'" X GDP 1 ? ? P   X G 2 ? ? 93.84  119.70 -25.86 1.20 Y 
2 1 "O3'" X GDP 1 ? ? P     X G   2 ? ? OP2 X G 2 ? ? 139.43 110.50 28.93  1.10 Y 
3 1 "O3'" X GDP 1 ? ? P     X G   2 ? ? OP1 X G 2 ? ? 83.27  105.20 -21.93 2.20 Y 
# 
loop_
_chem_comp_atom.comp_id 
_chem_comp_atom.atom_id 
_chem_comp_atom.type_symbol 
_chem_comp_atom.pdbx_aromatic_flag 
_chem_comp_atom.pdbx_stereo_config 
_chem_comp_atom.pdbx_ordinal 
A   OP3    O  N N 1   
A   P      P  N N 2   
A   OP1    O  N N 3   
A   OP2    O  N N 4   
A   "O5'"  O  N N 5   
A   "C5'"  C  N N 6   
A   "C4'"  C  N R 7   
A   "O4'"  O  N N 8   
A   "C3'"  C  N S 9   
A   "O3'"  O  N N 10  
A   "C2'"  C  N R 11  
A   "O2'"  O  N N 12  
A   "C1'"  C  N R 13  
A   N9     N  Y N 14  
A   C8     C  Y N 15  
A   N7     N  Y N 16  
A   C5     C  Y N 17  
A   C6     C  Y N 18  
A   N6     N  N N 19  
A   N1     N  Y N 20  
A   C2     C  Y N 21  
A   N3     N  Y N 22  
A   C4     C  Y N 23  
A   HOP3   H  N N 24  
A   HOP2   H  N N 25  
A   "H5'"  H  N N 26  
A   "H5''" H  N N 27  
A   "H4'"  H  N N 28  
A   "H3'"  H  N N 29  
A   "HO3'" H  N N 30  
A   "H2'"  H  N N 31  
A   "HO2'" H  N N 32  
A   "H1'"  H  N N 33  
A   H8     H  N N 34  
A   H61    H  N N 35  
A   H62    H  N N 36  
A   H2     H  N N 37  
C   OP3    O  N N 38  
C   P      P  N N 39  
C   OP1    O  N N 40  
C   OP2    O  N N 41  
C   "O5'"  O  N N 42  
C   "C5'"  C  N N 43  
C   "C4'"  C  N R 44  
C   "O4'"  O  N N 45  
C   "C3'"  C  N S 46  
C   "O3'"  O  N N 47  
C   "C2'"  C  N R 48  
C   "O2'"  O  N N 49  
C   "C1'"  C  N R 50  
C   N1     N  N N 51  
C   C2     C  N N 52  
C   O2     O  N N 53  
C   N3     N  N N 54  
C   C4     C  N N 55  
C   N4     N  N N 56  
C   C5     C  N N 57  
C   C6     C  N N 58  
C   HOP3   H  N N 59  
C   HOP2   H  N N 60  
C   "H5'"  H  N N 61  
C   "H5''" H  N N 62  
C   "H4'"  H  N N 63  
C   "H3'"  H  N N 64  
C   "HO3'" H  N N 65  
C   "H2'"  H  N N 66  
C   "HO2'" H  N N 67  
C   "H1'"  H  N N 68  
C   H41    H  N N 69  
C   H42    H  N N 70  
C   H5     H  N N 71  
C   H6     H  N N 72  
CCC PC     P  N S 73  
CCC O1C    O  N N 74  
CCC O2C    O  N N 75  
CCC P      P  N N 76  
CCC OP1    O  N N 77  
CCC OP2    O  N N 78  
CCC OP3    O  N N 79  
CCC "O5'"  O  N N 80  
CCC "C5'"  C  N N 81  
CCC "C4'"  C  N R 82  
CCC "O4'"  O  N N 83  
CCC "C3'"  C  N R 84  
CCC "O3'"  O  N N 85  
CCC "C2'"  C  N R 86  
CCC "O2'"  O  N N 87  
CCC "C1'"  C  N R 88  
CCC N1     N  N N 89  
CCC C2     C  N N 90  
CCC O2     O  N N 91  
CCC N3     N  N N 92  
CCC C4     C  N N 93  
CCC N4     N  N N 94  
CCC C5     C  N N 95  
CCC C6     C  N N 96  
CCC HOC2   H  N N 97  
CCC HOP2   H  N N 98  
CCC HOP3   H  N N 99  
CCC "H5'"  H  N N 100 
CCC "H5''" H  N N 101 
CCC "H4'"  H  N N 102 
CCC "H3'"  H  N N 103 
CCC "H2'"  H  N N 104 
CCC "H1'"  H  N N 105 
CCC H41    H  N N 106 
CCC H42    H  N N 107 
CCC H5     H  N N 108 
CCC H6     H  N N 109 
G   OP3    O  N N 110 
G   P      P  N N 111 
G   OP1    O  N N 112 
G   OP2    O  N N 113 
G   "O5'"  O  N N 114 
G   "C5'"  C  N N 115 
G   "C4'"  C  N R 116 
G   "O4'"  O  N N 117 
G   "C3'"  C  N S 118 
G   "O3'"  O  N N 119 
G   "C2'"  C  N R 120 
G   "O2'"  O  N N 121 
G   "C1'"  C  N R 122 
G   N9     N  Y N 123 
G   C8     C  Y N 124 
G   N7     N  Y N 125 
G   C5     C  Y N 126 
G   C6     C  N N 127 
G   O6     O  N N 128 
G   N1     N  N N 129 
G   C2     C  N N 130 
G   N2     N  N N 131 
G   N3     N  N N 132 
G   C4     C  Y N 133 
G   HOP3   H  N N 134 
G   HOP2   H  N N 135 
G   "H5'"  H  N N 136 
G   "H5''" H  N N 137 
G   "H4'"  H  N N 138 
G   "H3'"  H  N N 139 
G   "HO3'" H  N N 140 
G   "H2'"  H  N N 141 
G   "HO2'" H  N N 142 
G   "H1'"  H  N N 143 
G   H8     H  N N 144 
G   H1     H  N N 145 
G   H21    H  N N 146 
G   H22    H  N N 147 
GDP PB     P  N N 148 
GDP O1B    O  N N 149 
GDP O2B    O  N N 150 
GDP O3B    O  N N 151 
GDP O3A    O  N N 152 
GDP PA     P  N N 153 
GDP O1A    O  N N 154 
GDP O2A    O  N N 155 
GDP "O5'"  O  N N 156 
GDP "C5'"  C  N N 157 
GDP "C4'"  C  N R 158 
GDP "O4'"  O  N N 159 
GDP "C3'"  C  N S 160 
GDP "O3'"  O  N N 161 
GDP "C2'"  C  N R 162 
GDP "O2'"  O  N N 163 
GDP "C1'"  C  N R 164 
GDP N9     N  Y N 165 
GDP C8     C  Y N 166 
GDP N7     N  Y N 167 
GDP C5     C  Y N 168 
GDP C6     C  N N 169 
GDP O6     O  N N 170 
GDP N1     N  N N 171 
GDP C2     C  N N 172 
GDP N2     N  N N 173 
GDP N3     N  N N 174 
GDP C4     C  Y N 175 
GDP HOB2   H  N N 176 
GDP HOB3   H  N N 177 
GDP HOA2   H  N N 178 
GDP "H5'"  H  N N 179 
GDP "H5''" H  N N 180 
GDP "H4'"  H  N N 181 
GDP "H3'"  H  N N 182 
GDP "HO3'" H  N N 183 
GDP "H2'"  H  N N 184 
GDP "HO2'" H  N N 185 
GDP "H1'"  H  N N 186 
GDP H8     H  N N 187 
GDP HN1    H  N N 188 
GDP HN21   H  N N 189 
GDP HN22   H  N N 190 
GNG "O5'"  O  N N 191 
GNG "C5'"  C  N N 192 
GNG "C4'"  C  N R 193 
GNG "O4'"  O  N N 194 
GNG "C1'"  C  N R 195 
GNG N9     N  Y N 196 
GNG C8     C  Y N 197 
GNG N7     N  Y N 198 
GNG C5     C  Y N 199 
GNG C4     C  Y N 200 
GNG N3     N  N N 201 
GNG C2     C  N N 202 
GNG N1     N  N N 203 
GNG C6     C  N N 204 
GNG O6     O  N N 205 
GNG N2     N  N N 206 
GNG "C2'"  C  N N 207 
GNG "C3'"  C  N S 208 
GNG "O3'"  O  N N 209 
GNG "H5'"  H  N N 210 
GNG "H5'1" H  N N 211 
GNG "H5'2" H  N N 212 
GNG "H4'"  H  N N 213 
GNG "H1'"  H  N N 214 
GNG H8     H  N N 215 
GNG HN3    H  N N 216 
GNG HN21   H  N N 217 
GNG HN22   H  N N 218 
GNG "H2'1" H  N N 219 
GNG "H2'2" H  N N 220 
GNG "H3'"  H  N N 221 
GNG H1     H  N N 222 
HOH O      O  N N 223 
HOH H1     H  N N 224 
HOH H2     H  N N 225 
MG  MG     MG N N 226 
U   OP3    O  N N 227 
U   P      P  N N 228 
U   OP1    O  N N 229 
U   OP2    O  N N 230 
U   "O5'"  O  N N 231 
U   "C5'"  C  N N 232 
U   "C4'"  C  N R 233 
U   "O4'"  O  N N 234 
U   "C3'"  C  N S 235 
U   "O3'"  O  N N 236 
U   "C2'"  C  N R 237 
U   "O2'"  O  N N 238 
U   "C1'"  C  N R 239 
U   N1     N  N N 240 
U   C2     C  N N 241 
U   O2     O  N N 242 
U   N3     N  N N 243 
U   C4     C  N N 244 
U   O4     O  N N 245 
U   C5     C  N N 246 
U   C6     C  N N 247 
U   HOP3   H  N N 248 
U   HOP2   H  N N 249 
U   "H5'"  H  N N 250 
U   "H5''" H  N N 251 
U   "H4'"  H  N N 252 
U   "H3'"  H  N N 253 
U   "HO3'" H  N N 254 
U   "H2'"  H  N N 255 
U   "HO2'" H  N N 256 
U   "H1'"  H  N N 257 
U   H3     H  N N 258 
U   H5     H  N N 259 
U   H6     H  N N 260 
# 
loop_
_chem_comp_bond.comp_id 
_chem_comp_bond.atom_id_1 
_chem_comp_bond.atom_id_2 
_chem_comp_bond.value_order 
_chem_comp_bond.pdbx_aromatic_flag 
_chem_comp_bond.pdbx_stereo_config 
_chem_comp_bond.pdbx_ordinal 
A   OP3   P      sing N N 1   
A   OP3   HOP3   sing N N 2   
A   P     OP1    doub N N 3   
A   P     OP2    sing N N 4   
A   P     "O5'"  sing N N 5   
A   OP2   HOP2   sing N N 6   
A   "O5'" "C5'"  sing N N 7   
A   "C5'" "C4'"  sing N N 8   
A   "C5'" "H5'"  sing N N 9   
A   "C5'" "H5''" sing N N 10  
A   "C4'" "O4'"  sing N N 11  
A   "C4'" "C3'"  sing N N 12  
A   "C4'" "H4'"  sing N N 13  
A   "O4'" "C1'"  sing N N 14  
A   "C3'" "O3'"  sing N N 15  
A   "C3'" "C2'"  sing N N 16  
A   "C3'" "H3'"  sing N N 17  
A   "O3'" "HO3'" sing N N 18  
A   "C2'" "O2'"  sing N N 19  
A   "C2'" "C1'"  sing N N 20  
A   "C2'" "H2'"  sing N N 21  
A   "O2'" "HO2'" sing N N 22  
A   "C1'" N9     sing N N 23  
A   "C1'" "H1'"  sing N N 24  
A   N9    C8     sing Y N 25  
A   N9    C4     sing Y N 26  
A   C8    N7     doub Y N 27  
A   C8    H8     sing N N 28  
A   N7    C5     sing Y N 29  
A   C5    C6     sing Y N 30  
A   C5    C4     doub Y N 31  
A   C6    N6     sing N N 32  
A   C6    N1     doub Y N 33  
A   N6    H61    sing N N 34  
A   N6    H62    sing N N 35  
A   N1    C2     sing Y N 36  
A   C2    N3     doub Y N 37  
A   C2    H2     sing N N 38  
A   N3    C4     sing Y N 39  
C   OP3   P      sing N N 40  
C   OP3   HOP3   sing N N 41  
C   P     OP1    doub N N 42  
C   P     OP2    sing N N 43  
C   P     "O5'"  sing N N 44  
C   OP2   HOP2   sing N N 45  
C   "O5'" "C5'"  sing N N 46  
C   "C5'" "C4'"  sing N N 47  
C   "C5'" "H5'"  sing N N 48  
C   "C5'" "H5''" sing N N 49  
C   "C4'" "O4'"  sing N N 50  
C   "C4'" "C3'"  sing N N 51  
C   "C4'" "H4'"  sing N N 52  
C   "O4'" "C1'"  sing N N 53  
C   "C3'" "O3'"  sing N N 54  
C   "C3'" "C2'"  sing N N 55  
C   "C3'" "H3'"  sing N N 56  
C   "O3'" "HO3'" sing N N 57  
C   "C2'" "O2'"  sing N N 58  
C   "C2'" "C1'"  sing N N 59  
C   "C2'" "H2'"  sing N N 60  
C   "O2'" "HO2'" sing N N 61  
C   "C1'" N1     sing N N 62  
C   "C1'" "H1'"  sing N N 63  
C   N1    C2     sing N N 64  
C   N1    C6     sing N N 65  
C   C2    O2     doub N N 66  
C   C2    N3     sing N N 67  
C   N3    C4     doub N N 68  
C   C4    N4     sing N N 69  
C   C4    C5     sing N N 70  
C   N4    H41    sing N N 71  
C   N4    H42    sing N N 72  
C   C5    C6     doub N N 73  
C   C5    H5     sing N N 74  
C   C6    H6     sing N N 75  
CCC PC    O1C    doub N N 76  
CCC PC    O2C    sing N N 77  
CCC PC    "O3'"  sing N N 78  
CCC PC    "O2'"  sing N N 79  
CCC O2C   HOC2   sing N N 80  
CCC P     OP1    doub N N 81  
CCC P     OP2    sing N N 82  
CCC P     OP3    sing N N 83  
CCC P     "O5'"  sing N N 84  
CCC OP2   HOP2   sing N N 85  
CCC OP3   HOP3   sing N N 86  
CCC "O5'" "C5'"  sing N N 87  
CCC "C5'" "C4'"  sing N N 88  
CCC "C5'" "H5'"  sing N N 89  
CCC "C5'" "H5''" sing N N 90  
CCC "C4'" "O4'"  sing N N 91  
CCC "C4'" "C3'"  sing N N 92  
CCC "C4'" "H4'"  sing N N 93  
CCC "O4'" "C1'"  sing N N 94  
CCC "C3'" "O3'"  sing N N 95  
CCC "C3'" "C2'"  sing N N 96  
CCC "C3'" "H3'"  sing N N 97  
CCC "C2'" "O2'"  sing N N 98  
CCC "C2'" "C1'"  sing N N 99  
CCC "C2'" "H2'"  sing N N 100 
CCC "C1'" N1     sing N N 101 
CCC "C1'" "H1'"  sing N N 102 
CCC N1    C2     sing N N 103 
CCC N1    C6     sing N N 104 
CCC C2    O2     doub N N 105 
CCC C2    N3     sing N N 106 
CCC N3    C4     doub N N 107 
CCC C4    N4     sing N N 108 
CCC C4    C5     sing N N 109 
CCC N4    H41    sing N N 110 
CCC N4    H42    sing N N 111 
CCC C5    C6     doub N N 112 
CCC C5    H5     sing N N 113 
CCC C6    H6     sing N N 114 
G   OP3   P      sing N N 115 
G   OP3   HOP3   sing N N 116 
G   P     OP1    doub N N 117 
G   P     OP2    sing N N 118 
G   P     "O5'"  sing N N 119 
G   OP2   HOP2   sing N N 120 
G   "O5'" "C5'"  sing N N 121 
G   "C5'" "C4'"  sing N N 122 
G   "C5'" "H5'"  sing N N 123 
G   "C5'" "H5''" sing N N 124 
G   "C4'" "O4'"  sing N N 125 
G   "C4'" "C3'"  sing N N 126 
G   "C4'" "H4'"  sing N N 127 
G   "O4'" "C1'"  sing N N 128 
G   "C3'" "O3'"  sing N N 129 
G   "C3'" "C2'"  sing N N 130 
G   "C3'" "H3'"  sing N N 131 
G   "O3'" "HO3'" sing N N 132 
G   "C2'" "O2'"  sing N N 133 
G   "C2'" "C1'"  sing N N 134 
G   "C2'" "H2'"  sing N N 135 
G   "O2'" "HO2'" sing N N 136 
G   "C1'" N9     sing N N 137 
G   "C1'" "H1'"  sing N N 138 
G   N9    C8     sing Y N 139 
G   N9    C4     sing Y N 140 
G   C8    N7     doub Y N 141 
G   C8    H8     sing N N 142 
G   N7    C5     sing Y N 143 
G   C5    C6     sing N N 144 
G   C5    C4     doub Y N 145 
G   C6    O6     doub N N 146 
G   C6    N1     sing N N 147 
G   N1    C2     sing N N 148 
G   N1    H1     sing N N 149 
G   C2    N2     sing N N 150 
G   C2    N3     doub N N 151 
G   N2    H21    sing N N 152 
G   N2    H22    sing N N 153 
G   N3    C4     sing N N 154 
GDP PB    O1B    doub N N 155 
GDP PB    O2B    sing N N 156 
GDP PB    O3B    sing N N 157 
GDP PB    O3A    sing N N 158 
GDP O2B   HOB2   sing N N 159 
GDP O3B   HOB3   sing N N 160 
GDP O3A   PA     sing N N 161 
GDP PA    O1A    doub N N 162 
GDP PA    O2A    sing N N 163 
GDP PA    "O5'"  sing N N 164 
GDP O2A   HOA2   sing N N 165 
GDP "O5'" "C5'"  sing N N 166 
GDP "C5'" "C4'"  sing N N 167 
GDP "C5'" "H5'"  sing N N 168 
GDP "C5'" "H5''" sing N N 169 
GDP "C4'" "O4'"  sing N N 170 
GDP "C4'" "C3'"  sing N N 171 
GDP "C4'" "H4'"  sing N N 172 
GDP "O4'" "C1'"  sing N N 173 
GDP "C3'" "O3'"  sing N N 174 
GDP "C3'" "C2'"  sing N N 175 
GDP "C3'" "H3'"  sing N N 176 
GDP "O3'" "HO3'" sing N N 177 
GDP "C2'" "O2'"  sing N N 178 
GDP "C2'" "C1'"  sing N N 179 
GDP "C2'" "H2'"  sing N N 180 
GDP "O2'" "HO2'" sing N N 181 
GDP "C1'" N9     sing N N 182 
GDP "C1'" "H1'"  sing N N 183 
GDP N9    C8     sing Y N 184 
GDP N9    C4     sing Y N 185 
GDP C8    N7     doub Y N 186 
GDP C8    H8     sing N N 187 
GDP N7    C5     sing Y N 188 
GDP C5    C6     sing N N 189 
GDP C5    C4     doub Y N 190 
GDP C6    O6     doub N N 191 
GDP C6    N1     sing N N 192 
GDP N1    C2     sing N N 193 
GDP N1    HN1    sing N N 194 
GDP C2    N2     sing N N 195 
GDP C2    N3     doub N N 196 
GDP N2    HN21   sing N N 197 
GDP N2    HN22   sing N N 198 
GDP N3    C4     sing N N 199 
GNG "O5'" "C5'"  sing N N 200 
GNG "O5'" "H5'"  sing N N 201 
GNG "C5'" "C4'"  sing N N 202 
GNG "C5'" "H5'1" sing N N 203 
GNG "C5'" "H5'2" sing N N 204 
GNG "C4'" "O4'"  sing N N 205 
GNG "C4'" "C3'"  sing N N 206 
GNG "C4'" "H4'"  sing N N 207 
GNG "O4'" "C1'"  sing N N 208 
GNG "C1'" N9     sing N N 209 
GNG "C1'" "C2'"  sing N N 210 
GNG "C1'" "H1'"  sing N N 211 
GNG N9    C8     sing Y N 212 
GNG N9    C4     sing Y N 213 
GNG C8    N7     doub Y N 214 
GNG C8    H8     sing N N 215 
GNG N7    C5     sing Y N 216 
GNG C5    C4     doub Y N 217 
GNG C5    C6     sing N N 218 
GNG C4    N3     sing N N 219 
GNG N3    C2     sing N N 220 
GNG N3    HN3    sing N N 221 
GNG C2    N1     doub N N 222 
GNG C2    N2     sing N N 223 
GNG N1    C6     sing N N 224 
GNG C6    O6     doub N N 225 
GNG N2    HN21   sing N N 226 
GNG N2    HN22   sing N N 227 
GNG "C2'" "C3'"  sing N N 228 
GNG "C2'" "H2'1" sing N N 229 
GNG "C2'" "H2'2" sing N N 230 
GNG "C3'" "O3'"  sing N N 231 
GNG "C3'" "H3'"  sing N N 232 
GNG "O3'" H1     sing N N 233 
HOH O     H1     sing N N 234 
HOH O     H2     sing N N 235 
U   OP3   P      sing N N 236 
U   OP3   HOP3   sing N N 237 
U   P     OP1    doub N N 238 
U   P     OP2    sing N N 239 
U   P     "O5'"  sing N N 240 
U   OP2   HOP2   sing N N 241 
U   "O5'" "C5'"  sing N N 242 
U   "C5'" "C4'"  sing N N 243 
U   "C5'" "H5'"  sing N N 244 
U   "C5'" "H5''" sing N N 245 
U   "C4'" "O4'"  sing N N 246 
U   "C4'" "C3'"  sing N N 247 
U   "C4'" "H4'"  sing N N 248 
U   "O4'" "C1'"  sing N N 249 
U   "C3'" "O3'"  sing N N 250 
U   "C3'" "C2'"  sing N N 251 
U   "C3'" "H3'"  sing N N 252 
U   "O3'" "HO3'" sing N N 253 
U   "C2'" "O2'"  sing N N 254 
U   "C2'" "C1'"  sing N N 255 
U   "C2'" "H2'"  sing N N 256 
U   "O2'" "HO2'" sing N N 257 
U   "C1'" N1     sing N N 258 
U   "C1'" "H1'"  sing N N 259 
U   N1    C2     sing N N 260 
U   N1    C6     sing N N 261 
U   C2    O2     doub N N 262 
U   C2    N3     sing N N 263 
U   N3    C4     sing N N 264 
U   N3    H3     sing N N 265 
U   C4    O4     doub N N 266 
U   C4    C5     sing N N 267 
U   C5    C6     doub N N 268 
U   C5    H5     sing N N 269 
U   C6    H6     sing N N 270 
# 
loop_
_ndb_struct_conf_na.entry_id 
_ndb_struct_conf_na.feature 
9LKV 'double helix'         
9LKV 'a-form double helix'  
9LKV 'mismatched base pair' 
9LKV 'three-way junction'   
# 
loop_
_ndb_struct_na_base_pair.model_number 
_ndb_struct_na_base_pair.i_label_asym_id 
_ndb_struct_na_base_pair.i_label_comp_id 
_ndb_struct_na_base_pair.i_label_seq_id 
_ndb_struct_na_base_pair.i_symmetry 
_ndb_struct_na_base_pair.j_label_asym_id 
_ndb_struct_na_base_pair.j_label_comp_id 
_ndb_struct_na_base_pair.j_label_seq_id 
_ndb_struct_na_base_pair.j_symmetry 
_ndb_struct_na_base_pair.shear 
_ndb_struct_na_base_pair.stretch 
_ndb_struct_na_base_pair.stagger 
_ndb_struct_na_base_pair.buckle 
_ndb_struct_na_base_pair.propeller 
_ndb_struct_na_base_pair.opening 
_ndb_struct_na_base_pair.pair_number 
_ndb_struct_na_base_pair.pair_name 
_ndb_struct_na_base_pair.i_auth_asym_id 
_ndb_struct_na_base_pair.i_auth_seq_id 
_ndb_struct_na_base_pair.i_PDB_ins_code 
_ndb_struct_na_base_pair.j_auth_asym_id 
_ndb_struct_na_base_pair.j_auth_seq_id 
_ndb_struct_na_base_pair.j_PDB_ins_code 
_ndb_struct_na_base_pair.hbond_type_28 
_ndb_struct_na_base_pair.hbond_type_12 
1 A GDP 1  1_555 A CCC 73 1_555 -0.659 -0.234 -0.159 -7.246  1.484   2.529    1  X_GDP1:CCC73_X X 1  ? X 73 ? 19 1 
1 A G   2  1_555 A U   72 1_555 -2.078 -0.559 0.515  3.466   -16.398 5.924    2  X_G2:U72_X     X 2  ? X 72 ? 28 1 
1 A U   3  1_555 A A   71 1_555 -0.579 -0.240 0.605  -5.532  -24.428 6.523    3  X_U3:A71_X     X 3  ? X 71 ? 20 1 
1 A U   4  1_555 A A   70 1_555 0.133  0.371  0.337  4.057   -7.912  -2.919   4  X_U4:A70_X     X 4  ? X 70 ? 20 1 
1 A U   5  1_555 A A   69 1_555 0.900  0.006  0.149  1.808   -8.084  -1.338   5  X_U5:A69_X     X 5  ? X 69 ? 20 1 
1 A U   6  1_555 A A   68 1_555 0.266  -0.245 0.476  11.994  -11.814 -13.294  6  X_U6:A68_X     X 6  ? X 68 ? 20 1 
1 A C   7  1_555 A G   67 1_555 0.579  -0.170 -0.517 11.519  -23.305 -7.677   7  X_C7:G67_X     X 7  ? X 67 ? 19 1 
1 A G   8  1_555 A C   66 1_555 -1.823 -0.183 0.157  -6.868  -18.013 -21.245  8  X_G8:C66_X     X 8  ? X 66 ? ?  1 
1 A U   9  1_555 A G   65 1_555 2.923  -0.045 0.304  -14.787 -22.710 5.056    9  X_U9:G65_X     X 9  ? X 65 ? 28 1 
1 A A   10 1_555 A U   64 1_555 0.069  -0.149 0.100  4.522   1.047   3.462    10 X_A10:U64_X    X 10 ? X 64 ? 20 1 
1 A U   28 1_555 A U   20 1_555 -2.503 -1.865 -0.369 -8.465  -19.479 16.366   11 X_U28:U20_X    X 28 ? X 20 ? 16 1 
1 A U   29 1_555 A A   19 1_555 -1.141 0.171  0.144  -12.826 -14.606 9.658    12 X_U29:A19_X    X 29 ? X 19 ? 20 1 
1 A U   30 1_555 A A   18 1_555 -0.111 -0.046 0.031  -1.136  -8.769  4.362    13 X_U30:A18_X    X 30 ? X 18 ? 20 1 
1 A A   31 1_555 A U   17 1_555 0.498  -0.269 0.319  -5.379  -7.331  -1.332   14 X_A31:U17_X    X 31 ? X 17 ? 20 1 
1 A A   32 1_555 A U   16 1_555 0.153  -0.019 -0.006 0.560   -10.717 -3.094   15 X_A32:U16_X    X 32 ? X 16 ? 20 1 
1 A G   33 1_555 A C   15 1_555 0.085  -0.151 0.286  -1.126  -6.883  3.129    16 X_G33:C15_X    X 33 ? X 15 ? 19 1 
1 A G   34 1_555 A C   14 1_555 0.091  -0.048 -0.160 -7.111  -9.024  3.112    17 X_G34:C14_X    X 34 ? X 14 ? 19 1 
1 A G   35 1_555 A C   41 1_555 -0.231 -0.182 -0.035 0.213   6.241   -1.042   18 X_G35:C41_X    X 35 ? X 41 ? 19 1 
1 A U   11 1_555 A A   40 1_555 -0.187 -0.146 -0.049 16.421  -6.010  5.661    19 X_U11:A40_X    X 11 ? X 40 ? 20 1 
1 A U   13 1_555 A A   42 1_555 -0.152 3.229  0.190  -4.828  15.538  -66.843  20 X_U13:A42_X    X 13 ? X 42 ? 23 3 
1 A U   61 1_555 A U   43 1_555 2.260  -1.733 0.178  9.238   -7.013  17.434   21 X_U61:U43_X    X 61 ? X 43 ? 16 1 
1 A U   60 1_555 A A   44 1_555 0.248  -0.060 -0.650 10.105  -4.728  11.306   22 X_U60:A44_X    X 60 ? X 44 ? 20 1 
1 A C   59 1_555 A G   45 1_555 0.734  -0.168 -0.101 6.169   -11.548 3.384    23 X_C59:G45_X    X 59 ? X 45 ? 19 1 
1 A U   58 1_555 A A   46 1_555 -0.324 -0.131 0.022  3.564   -7.916  3.050    24 X_U58:A46_X    X 58 ? X 46 ? 20 1 
1 A U   57 1_555 A A   47 1_555 -0.074 -0.073 0.332  -5.652  -4.095  5.573    25 X_U57:A47_X    X 57 ? X 47 ? 20 1 
1 A U   56 1_555 A A   48 1_555 -0.186 0.058  -0.348 9.166   -10.375 -0.337   26 X_U56:A48_X    X 56 ? X 48 ? 20 1 
1 A G   27 1_555 A C   49 1_555 0.124  -0.048 0.332  16.383  -14.813 -1.463   27 X_G27:C49_X    X 27 ? X 49 ? 19 1 
1 A G   26 1_555 A C   50 1_555 -0.668 -0.401 0.502  -3.251  -16.159 -4.101   28 X_G26:C50_X    X 26 ? X 50 ? 19 1 
1 A A   53 1_555 A A   24 1_555 3.258  2.842  0.082  11.544  3.533   -124.300 29 X_A53:A24_X    X 53 ? X 24 ? 5  4 
# 
loop_
_ndb_struct_na_base_pair_step.model_number 
_ndb_struct_na_base_pair_step.i_label_asym_id_1 
_ndb_struct_na_base_pair_step.i_label_comp_id_1 
_ndb_struct_na_base_pair_step.i_label_seq_id_1 
_ndb_struct_na_base_pair_step.i_symmetry_1 
_ndb_struct_na_base_pair_step.j_label_asym_id_1 
_ndb_struct_na_base_pair_step.j_label_comp_id_1 
_ndb_struct_na_base_pair_step.j_label_seq_id_1 
_ndb_struct_na_base_pair_step.j_symmetry_1 
_ndb_struct_na_base_pair_step.i_label_asym_id_2 
_ndb_struct_na_base_pair_step.i_label_comp_id_2 
_ndb_struct_na_base_pair_step.i_label_seq_id_2 
_ndb_struct_na_base_pair_step.i_symmetry_2 
_ndb_struct_na_base_pair_step.j_label_asym_id_2 
_ndb_struct_na_base_pair_step.j_label_comp_id_2 
_ndb_struct_na_base_pair_step.j_label_seq_id_2 
_ndb_struct_na_base_pair_step.j_symmetry_2 
_ndb_struct_na_base_pair_step.shift 
_ndb_struct_na_base_pair_step.slide 
_ndb_struct_na_base_pair_step.rise 
_ndb_struct_na_base_pair_step.tilt 
_ndb_struct_na_base_pair_step.roll 
_ndb_struct_na_base_pair_step.twist 
_ndb_struct_na_base_pair_step.x_displacement 
_ndb_struct_na_base_pair_step.y_displacement 
_ndb_struct_na_base_pair_step.helical_rise 
_ndb_struct_na_base_pair_step.inclination 
_ndb_struct_na_base_pair_step.tip 
_ndb_struct_na_base_pair_step.helical_twist 
_ndb_struct_na_base_pair_step.step_number 
_ndb_struct_na_base_pair_step.step_name 
_ndb_struct_na_base_pair_step.i_auth_asym_id_1 
_ndb_struct_na_base_pair_step.i_auth_seq_id_1 
_ndb_struct_na_base_pair_step.i_PDB_ins_code_1 
_ndb_struct_na_base_pair_step.j_auth_asym_id_1 
_ndb_struct_na_base_pair_step.j_auth_seq_id_1 
_ndb_struct_na_base_pair_step.j_PDB_ins_code_1 
_ndb_struct_na_base_pair_step.i_auth_asym_id_2 
_ndb_struct_na_base_pair_step.i_auth_seq_id_2 
_ndb_struct_na_base_pair_step.i_PDB_ins_code_2 
_ndb_struct_na_base_pair_step.j_auth_asym_id_2 
_ndb_struct_na_base_pair_step.j_auth_seq_id_2 
_ndb_struct_na_base_pair_step.j_PDB_ins_code_2 
1 A GDP 1  1_555 A CCC 73 1_555 A G 2  1_555 A U 72 1_555 0.277  -1.855 2.718  -6.962   11.369   25.601  -5.523  -1.655 1.635  
23.717  14.523  28.813  1  XX_GDP1G2:U72CCC73_XX X 1  ? X 73 ? X 2  ? X 72 ? 
1 A G   2  1_555 A U   72 1_555 A U 3  1_555 A A 71 1_555 -0.080 -1.031 3.271  -3.716   10.680   41.563  -2.426  -0.245 2.928  
14.725  5.123   43.008  2  XX_G2U3:A71U72_XX     X 2  ? X 72 ? X 3  ? X 71 ? 
1 A U   3  1_555 A A   71 1_555 A U 4  1_555 A A 70 1_555 -0.720 -1.368 3.021  -1.291   1.617    32.002  -2.743  1.090  2.976  
2.929   2.339   32.067  3  XX_U3U4:A70A71_XX     X 3  ? X 71 ? X 4  ? X 70 ? 
1 A U   4  1_555 A A   70 1_555 A U 5  1_555 A A 69 1_555 0.287  -1.586 3.095  3.314    6.266    37.174  -3.181  -0.055 2.815  
9.720   -5.141  37.820  4  XX_U4U5:A69A70_XX     X 4  ? X 70 ? X 5  ? X 69 ? 
1 A U   5  1_555 A A   69 1_555 A U 6  1_555 A A 68 1_555 0.762  -2.537 2.868  -2.696   1.456    29.431  -5.230  -1.977 2.663  
2.856   5.289   29.587  5  XX_U5U6:A68A69_XX     X 5  ? X 69 ? X 6  ? X 68 ? 
1 A U   6  1_555 A A   68 1_555 A C 7  1_555 A G 67 1_555 0.427  -1.139 3.027  10.272   3.298    34.926  -2.242  0.639  2.917  
5.340   -16.631 36.504  6  XX_U6C7:G67A68_XX     X 6  ? X 68 ? X 7  ? X 67 ? 
1 A C   7  1_555 A G   67 1_555 A G 8  1_555 A C 66 1_555 -0.706 -2.454 3.625  -8.430   16.639   15.354  -10.384 -0.596 0.881  
45.382  22.992  24.116  7  XX_C7G8:C66G67_XX     X 7  ? X 67 ? X 8  ? X 66 ? 
1 A G   8  1_555 A C   66 1_555 A U 9  1_555 A G 65 1_555 0.047  -1.904 3.473  2.046    8.338    53.815  -2.598  0.076  3.168  
9.146   -2.245  54.445  8  XX_G8U9:G65C66_XX     X 8  ? X 66 ? X 9  ? X 65 ? 
1 A U   9  1_555 A G   65 1_555 A A 10 1_555 A U 64 1_555 -0.491 -1.611 2.597  2.808    9.271    21.853  -5.975  1.817  1.705  
23.053  -6.981  23.879  9  XX_U9A10:U64G65_XX    X 9  ? X 65 ? X 10 ? X 64 ? 
1 A U   28 1_555 A U   20 1_555 A U 29 1_555 A A 19 1_555 -0.373 -1.199 3.366  -5.162   6.060    36.403  -2.690  -0.108 3.155  
9.559   8.143   37.234  10 XX_U28U29:A19U20_XX   X 28 ? X 20 ? X 29 ? X 19 ? 
1 A U   29 1_555 A A   19 1_555 A U 30 1_555 A A 18 1_555 0.029  -2.005 3.194  2.251    -0.555   28.432  -3.945  0.445  3.224  
-1.128  -4.574  28.525  11 XX_U29U30:A18A19_XX   X 29 ? X 19 ? X 30 ? X 18 ? 
1 A U   30 1_555 A A   18 1_555 A A 31 1_555 A U 17 1_555 0.134  -1.638 3.174  -1.872   10.853   33.656  -4.130  -0.468 2.530  
18.150  3.130   35.362  12 XX_U30A31:U17A18_XX   X 30 ? X 18 ? X 31 ? X 17 ? 
1 A A   31 1_555 A U   17 1_555 A A 32 1_555 A U 16 1_555 -0.724 -1.329 3.110  3.781    3.709    31.796  -2.999  1.921  2.838  
6.712   -6.841  32.223  13 XX_A31A32:U16U17_XX   X 31 ? X 17 ? X 32 ? X 16 ? 
1 A A   32 1_555 A U   16 1_555 A G 33 1_555 A C 15 1_555 0.967  -1.782 3.269  -0.842   8.390    26.834  -5.473  -2.171 2.573  
17.538  1.759   28.105  14 XX_A32G33:C15U16_XX   X 32 ? X 16 ? X 33 ? X 15 ? 
1 A G   33 1_555 A C   15 1_555 A G 34 1_555 A C 14 1_555 0.320  -2.130 3.347  4.566    4.227    32.785  -4.407  0.194  3.072  
7.406   -7.999  33.354  15 XX_G33G34:C14C15_XX   X 33 ? X 15 ? X 34 ? X 14 ? 
1 A G   34 1_555 A C   14 1_555 A G 35 1_555 A C 41 1_555 2.597  -0.683 2.976  1.538    0.259    51.312  -0.805  -2.900 3.045  
0.299   -1.776  51.334  16 XX_G34G35:C41C14_XX   X 34 ? X 14 ? X 35 ? X 41 ? 
1 A G   35 1_555 A C   41 1_555 A U 11 1_555 A A 40 1_555 -1.874 -0.745 2.982  -0.869   5.548    43.936  -1.456  2.413  2.907  
7.380   1.156   44.276  17 XX_G35U11:A40C41_XX   X 35 ? X 41 ? X 11 ? X 40 ? 
1 A U   13 1_555 A A   42 1_555 A U 61 1_555 A U 43 1_555 3.318  -1.562 -2.978 -132.755 -110.496 135.578 -1.177  -1.183 -3.343 
-55.420 66.585  177.251 18 XX_U13U61:U43A42_XX   X 13 ? X 42 ? X 61 ? X 43 ? 
1 A U   61 1_555 A U   43 1_555 A U 60 1_555 A A 44 1_555 -0.649 1.212  -3.297 3.451    -10.261  -37.457 -3.004  -1.373 -2.813 
15.584  5.242   -38.936 19 XX_U61U60:A44U43_XX   X 61 ? X 43 ? X 60 ? X 44 ? 
1 A U   60 1_555 A A   44 1_555 A C 59 1_555 A G 45 1_555 0.074  1.912  -3.216 -0.553   -5.893   -21.946 -6.782  0.368  -2.616 
15.129  -1.419  -22.721 20 XX_U60C59:G45A44_XX   X 60 ? X 44 ? X 59 ? X 45 ? 
1 A C   59 1_555 A G   45 1_555 A U 58 1_555 A A 46 1_555 0.236  1.407  -3.162 0.693    -6.091   -37.293 -2.907  0.280  -2.908 
9.446   1.076   -37.776 21 XX_C59U58:A46G45_XX   X 59 ? X 45 ? X 58 ? X 46 ? 
1 A U   58 1_555 A A   46 1_555 A U 57 1_555 A A 47 1_555 0.470  2.092  -2.967 -1.311   -2.343   -25.980 -5.188  1.352  -2.744 
5.195   -2.907  -26.116 22 XX_U58U57:A47A46_XX   X 58 ? X 46 ? X 57 ? X 47 ? 
1 A U   57 1_555 A A   47 1_555 A U 56 1_555 A A 48 1_555 0.705  2.771  -3.537 8.068    -8.113   -30.008 -6.480  -0.180 -2.804 
15.000  14.918  -32.068 23 XX_U57U56:A48A47_XX   X 57 ? X 47 ? X 56 ? X 48 ? 
1 A U   56 1_555 A A   48 1_555 A G 27 1_555 A C 49 1_555 1.988  0.726  -3.120 1.371    -10.046  -51.976 -1.426  2.148  -2.990 
11.340  1.548   -52.889 24 XX_U56G27:C49A48_XX   X 56 ? X 48 ? X 27 ? X 49 ? 
1 A G   27 1_555 A C   49 1_555 A G 26 1_555 A C 50 1_555 -0.785 0.862  -2.874 -2.845   -6.934   -32.993 -2.449  -0.954 -2.698 
12.017  -4.931  -33.810 25 XX_G27G26:C50C49_XX   X 27 ? X 49 ? X 26 ? X 50 ? 
1 A G   26 1_555 A C   50 1_555 A A 53 1_555 A A 24 1_555 -5.086 -0.370 -3.904 5.909    -4.683   129.357 -0.247  2.759  -4.019 
-2.590  -3.268  129.474 26 XX_G26A53:A24C50_XX   X 26 ? X 50 ? X 53 ? X 24 ? 
# 
_pdbx_audit_support.funding_organization   'National Natural Science Foundation of China (NSFC)' 
_pdbx_audit_support.country                China 
_pdbx_audit_support.grant_number           ? 
_pdbx_audit_support.ordinal                1 
# 
_pdbx_initial_refinement_model.id               1 
_pdbx_initial_refinement_model.entity_id_list   ? 
_pdbx_initial_refinement_model.type             'experimental model' 
_pdbx_initial_refinement_model.source_name      PDB 
_pdbx_initial_refinement_model.accession_code   9LKU 
_pdbx_initial_refinement_model.details          ? 
# 
_atom_sites.entry_id                    9LKV 
_atom_sites.Cartn_transf_matrix[1][1]   ? 
_atom_sites.Cartn_transf_matrix[1][2]   ? 
_atom_sites.Cartn_transf_matrix[1][3]   ? 
_atom_sites.Cartn_transf_matrix[2][1]   ? 
_atom_sites.Cartn_transf_matrix[2][2]   ? 
_atom_sites.Cartn_transf_matrix[2][3]   ? 
_atom_sites.Cartn_transf_matrix[3][1]   ? 
_atom_sites.Cartn_transf_matrix[3][2]   ? 
_atom_sites.Cartn_transf_matrix[3][3]   ? 
_atom_sites.Cartn_transf_vector[1]      ? 
_atom_sites.Cartn_transf_vector[2]      ? 
_atom_sites.Cartn_transf_vector[3]      ? 
_atom_sites.Cartn_transform_axes        ? 
_atom_sites.fract_transf_matrix[1][1]   0.00261448 
_atom_sites.fract_transf_matrix[1][2]   0.00591274 
_atom_sites.fract_transf_matrix[1][3]   0.00902195 
_atom_sites.fract_transf_matrix[2][1]   -0.00570840 
_atom_sites.fract_transf_matrix[2][2]   0.01868700 
_atom_sites.fract_transf_matrix[2][3]   -0.01059270 
_atom_sites.fract_transf_matrix[3][1]   -0.01594788 
_atom_sites.fract_transf_matrix[3][2]   0.00321523 
_atom_sites.fract_transf_matrix[3][3]   0.01426641 
_atom_sites.fract_transf_vector[1]      0.239996 
_atom_sites.fract_transf_vector[2]      -0.001326 
_atom_sites.fract_transf_vector[3]      0.285499 
_atom_sites.solution_primary            ? 
_atom_sites.solution_secondary          ? 
_atom_sites.solution_hydrogens          ? 
_atom_sites.special_details             ? 
# 
loop_
_atom_type.symbol 
C  
H  
MG 
N  
O  
P  
# 
loop_
_atom_site.group_PDB 
_atom_site.id 
_atom_site.type_symbol 
_atom_site.label_atom_id 
_atom_site.label_alt_id 
_atom_site.label_comp_id 
_atom_site.label_asym_id 
_atom_site.label_entity_id 
_atom_site.label_seq_id 
_atom_site.pdbx_PDB_ins_code 
_atom_site.Cartn_x 
_atom_site.Cartn_y 
_atom_site.Cartn_z 
_atom_site.occupancy 
_atom_site.B_iso_or_equiv 
_atom_site.pdbx_formal_charge 
_atom_site.auth_seq_id 
_atom_site.auth_comp_id 
_atom_site.auth_asym_id 
_atom_site.auth_atom_id 
_atom_site.pdbx_PDB_model_num 
HETATM 1    P  PB    . GDP A 1 1  ? 31.033  12.899  3.908   1.00 124.89 ? 1   GDP X PB    1 
HETATM 2    O  O1B   . GDP A 1 1  ? 32.385  12.570  3.305   1.00 119.66 ? 1   GDP X O1B   1 
HETATM 3    O  O2B   . GDP A 1 1  ? 31.030  14.098  4.831   1.00 116.53 ? 1   GDP X O2B   1 
HETATM 4    O  O3B   . GDP A 1 1  ? 29.900  12.853  2.909   1.00 117.35 ? 1   GDP X O3B   1 
HETATM 5    O  O3A   . GDP A 1 1  ? 30.744  11.657  4.894   1.00 115.96 ? 1   GDP X O3A   1 
HETATM 6    P  PA    . GDP A 1 1  ? 29.350  10.846  4.869   1.00 114.93 ? 1   GDP X PA    1 
HETATM 7    O  O1A   . GDP A 1 1  ? 28.263  11.709  5.475   1.00 110.91 ? 1   GDP X O1A   1 
HETATM 8    O  O2A   . GDP A 1 1  ? 29.176  10.220  3.503   1.00 117.49 ? 1   GDP X O2A   1 
HETATM 9    O  "O5'" . GDP A 1 1  ? 29.665  9.674   5.917   1.00 108.88 ? 1   GDP X "O5'" 1 
HETATM 10   C  "C5'" . GDP A 1 1  ? 30.335  8.494   5.493   1.00 107.63 ? 1   GDP X "C5'" 1 
HETATM 11   C  "C4'" . GDP A 1 1  ? 30.898  7.834   6.738   1.00 105.15 ? 1   GDP X "C4'" 1 
HETATM 12   O  "O4'" . GDP A 1 1  ? 31.596  8.785   7.551   1.00 105.51 ? 1   GDP X "O4'" 1 
HETATM 13   C  "C3'" . GDP A 1 1  ? 29.767  7.358   7.619   1.00 106.82 ? 1   GDP X "C3'" 1 
HETATM 14   O  "O3'" . GDP A 1 1  ? 29.276  6.063   7.252   1.00 109.21 ? 1   GDP X "O3'" 1 
HETATM 15   C  "C2'" . GDP A 1 1  ? 30.366  7.390   9.012   1.00 106.15 ? 1   GDP X "C2'" 1 
HETATM 16   O  "O2'" . GDP A 1 1  ? 31.066  6.181   9.318   1.00 104.36 ? 1   GDP X "O2'" 1 
HETATM 17   C  "C1'" . GDP A 1 1  ? 31.365  8.522   8.944   1.00 104.34 ? 1   GDP X "C1'" 1 
HETATM 18   N  N9    . GDP A 1 1  ? 30.747  9.678   9.642   1.00 102.94 ? 1   GDP X N9    1 
HETATM 19   C  C8    . GDP A 1 1  ? 30.398  10.855  9.091   1.00 102.46 ? 1   GDP X C8    1 
HETATM 20   N  N7    . GDP A 1 1  ? 29.850  11.683  10.017  1.00 100.77 ? 1   GDP X N7    1 
HETATM 21   C  C5    . GDP A 1 1  ? 29.837  11.029  11.194  1.00 102.64 ? 1   GDP X C5    1 
HETATM 22   C  C6    . GDP A 1 1  ? 29.396  11.321  12.583  1.00 102.27 ? 1   GDP X C6    1 
HETATM 23   O  O6    . GDP A 1 1  ? 28.882  12.423  12.878  1.00 100.33 ? 1   GDP X O6    1 
HETATM 24   N  N1    . GDP A 1 1  ? 29.564  10.369  13.512  1.00 102.14 ? 1   GDP X N1    1 
HETATM 25   C  C2    . GDP A 1 1  ? 30.112  9.171   13.226  1.00 101.71 ? 1   GDP X C2    1 
HETATM 26   N  N2    . GDP A 1 1  ? 30.247  8.261   14.223  1.00 102.06 ? 1   GDP X N2    1 
HETATM 27   N  N3    . GDP A 1 1  ? 30.535  8.838   11.977  1.00 102.11 ? 1   GDP X N3    1 
HETATM 28   C  C4    . GDP A 1 1  ? 30.430  9.708   10.942  1.00 102.23 ? 1   GDP X C4    1 
ATOM   29   P  P     . G   A 1 2  ? 27.780  6.465   7.430   1.00 108.26 ? 2   G   X P     1 
ATOM   30   O  OP1   . G   A 1 2  ? 27.652  5.923   6.050   1.00 106.49 ? 2   G   X OP1   1 
ATOM   31   O  OP2   . G   A 1 2  ? 26.966  7.645   7.825   1.00 105.08 ? 2   G   X OP2   1 
ATOM   32   O  "O5'" . G   A 1 2  ? 27.424  5.299   8.454   1.00 106.43 ? 2   G   X "O5'" 1 
ATOM   33   C  "C5'" . G   A 1 2  ? 28.441  4.557   9.106   1.00 105.65 ? 2   G   X "C5'" 1 
ATOM   34   C  "C4'" . G   A 1 2  ? 28.150  4.417   10.573  1.00 106.63 ? 2   G   X "C4'" 1 
ATOM   35   O  "O4'" . G   A 1 2  ? 28.725  5.511   11.334  1.00 105.76 ? 2   G   X "O4'" 1 
ATOM   36   C  "C3'" . G   A 1 2  ? 26.691  4.469   10.951  1.00 108.96 ? 2   G   X "C3'" 1 
ATOM   37   O  "O3'" . G   A 1 2  ? 25.984  3.294   10.618  1.00 113.16 ? 2   G   X "O3'" 1 
ATOM   38   C  "C2'" . G   A 1 2  ? 26.760  4.767   12.442  1.00 109.00 ? 2   G   X "C2'" 1 
ATOM   39   O  "O2'" . G   A 1 2  ? 27.124  3.608   13.174  1.00 112.46 ? 2   G   X "O2'" 1 
ATOM   40   C  "C1'" . G   A 1 2  ? 27.930  5.749   12.483  1.00 106.58 ? 2   G   X "C1'" 1 
ATOM   41   N  N9    . G   A 1 2  ? 27.445  7.140   12.476  1.00 106.51 ? 2   G   X N9    1 
ATOM   42   C  C8    . G   A 1 2  ? 27.379  8.017   11.421  1.00 107.16 ? 2   G   X C8    1 
ATOM   43   N  N7    . G   A 1 2  ? 26.881  9.179   11.758  1.00 105.93 ? 2   G   X N7    1 
ATOM   44   C  C5    . G   A 1 2  ? 26.595  9.056   13.109  1.00 105.33 ? 2   G   X C5    1 
ATOM   45   C  C6    . G   A 1 2  ? 26.036  9.986   14.020  1.00 105.76 ? 2   G   X C6    1 
ATOM   46   O  O6    . G   A 1 2  ? 25.671  11.148  13.808  1.00 108.05 ? 2   G   X O6    1 
ATOM   47   N  N1    . G   A 1 2  ? 25.916  9.445   15.292  1.00 104.21 ? 2   G   X N1    1 
ATOM   48   C  C2    . G   A 1 2  ? 26.287  8.173   15.646  1.00 106.31 ? 2   G   X C2    1 
ATOM   49   N  N2    . G   A 1 2  ? 26.088  7.840   16.930  1.00 106.78 ? 2   G   X N2    1 
ATOM   50   N  N3    . G   A 1 2  ? 26.810  7.293   14.807  1.00 105.54 ? 2   G   X N3    1 
ATOM   51   C  C4    . G   A 1 2  ? 26.931  7.801   13.565  1.00 104.87 ? 2   G   X C4    1 
ATOM   52   P  P     . U   A 1 3  ? 24.393  3.262   10.816  1.00 116.84 ? 3   U   X P     1 
ATOM   53   O  OP1   . U   A 1 3  ? 23.837  2.161   9.986   1.00 114.95 ? 3   U   X OP1   1 
ATOM   54   O  OP2   . U   A 1 3  ? 23.883  4.645   10.634  1.00 113.39 ? 3   U   X OP2   1 
ATOM   55   O  "O5'" . U   A 1 3  ? 24.232  2.899   12.355  1.00 107.17 ? 3   U   X "O5'" 1 
ATOM   56   C  "C5'" . U   A 1 3  ? 22.951  2.766   12.919  1.00 109.73 ? 3   U   X "C5'" 1 
ATOM   57   C  "C4'" . U   A 1 3  ? 22.874  3.395   14.283  1.00 112.33 ? 3   U   X "C4'" 1 
ATOM   58   O  "O4'" . U   A 1 3  ? 23.908  4.403   14.457  1.00 112.62 ? 3   U   X "O4'" 1 
ATOM   59   C  "C3'" . U   A 1 3  ? 21.593  4.153   14.554  1.00 113.66 ? 3   U   X "C3'" 1 
ATOM   60   O  "O3'" . U   A 1 3  ? 20.494  3.311   14.806  1.00 116.36 ? 3   U   X "O3'" 1 
ATOM   61   C  "C2'" . U   A 1 3  ? 21.999  5.060   15.699  1.00 112.90 ? 3   U   X "C2'" 1 
ATOM   62   O  "O2'" . U   A 1 3  ? 22.130  4.317   16.903  1.00 109.06 ? 3   U   X "O2'" 1 
ATOM   63   C  "C1'" . U   A 1 3  ? 23.395  5.474   15.235  1.00 113.75 ? 3   U   X "C1'" 1 
ATOM   64   N  N1    . U   A 1 3  ? 23.349  6.685   14.375  1.00 113.98 ? 3   U   X N1    1 
ATOM   65   C  C2    . U   A 1 3  ? 22.833  7.888   14.861  1.00 111.41 ? 3   U   X C2    1 
ATOM   66   O  O2    . U   A 1 3  ? 22.389  8.054   15.986  1.00 111.31 ? 3   U   X O2    1 
ATOM   67   N  N3    . U   A 1 3  ? 22.846  8.927   13.963  1.00 110.39 ? 3   U   X N3    1 
ATOM   68   C  C4    . U   A 1 3  ? 23.307  8.910   12.662  1.00 110.96 ? 3   U   X C4    1 
ATOM   69   O  O4    . U   A 1 3  ? 23.249  9.940   11.985  1.00 110.80 ? 3   U   X O4    1 
ATOM   70   C  C5    . U   A 1 3  ? 23.821  7.644   12.233  1.00 108.67 ? 3   U   X C5    1 
ATOM   71   C  C6    . U   A 1 3  ? 23.825  6.611   13.082  1.00 109.97 ? 3   U   X C6    1 
ATOM   72   P  P     . U   A 1 4  ? 19.526  2.925   13.585  1.00 122.43 ? 4   U   X P     1 
ATOM   73   O  OP1   . U   A 1 4  ? 19.458  1.439   13.518  1.00 121.25 ? 4   U   X OP1   1 
ATOM   74   O  OP2   . U   A 1 4  ? 19.965  3.685   12.386  1.00 117.47 ? 4   U   X OP2   1 
ATOM   75   O  "O5'" . U   A 1 4  ? 18.118  3.510   14.041  1.00 119.69 ? 4   U   X "O5'" 1 
ATOM   76   C  "C5'" . U   A 1 4  ? 17.668  3.301   15.367  1.00 118.69 ? 4   U   X "C5'" 1 
ATOM   77   C  "C4'" . U   A 1 4  ? 17.460  4.596   16.108  1.00 118.57 ? 4   U   X "C4'" 1 
ATOM   78   O  "O4'" . U   A 1 4  ? 18.658  5.417   16.086  1.00 118.99 ? 4   U   X "O4'" 1 
ATOM   79   C  "C3'" . U   A 1 4  ? 16.400  5.520   15.553  1.00 120.16 ? 4   U   X "C3'" 1 
ATOM   80   O  "O3'" . U   A 1 4  ? 15.084  5.082   15.822  1.00 125.26 ? 4   U   X "O3'" 1 
ATOM   81   C  "C2'" . U   A 1 4  ? 16.763  6.844   16.207  1.00 119.29 ? 4   U   X "C2'" 1 
ATOM   82   O  "O2'" . U   A 1 4  ? 16.370  6.861   17.571  1.00 118.69 ? 4   U   X "O2'" 1 
ATOM   83   C  "C1'" . U   A 1 4  ? 18.291  6.784   16.154  1.00 118.69 ? 4   U   X "C1'" 1 
ATOM   84   N  N1    . U   A 1 4  ? 18.824  7.502   14.973  1.00 117.27 ? 4   U   X N1    1 
ATOM   85   C  C2    . U   A 1 4  ? 18.671  8.881   14.936  1.00 116.90 ? 4   U   X C2    1 
ATOM   86   O  O2    . U   A 1 4  ? 18.128  9.528   15.820  1.00 116.77 ? 4   U   X O2    1 
ATOM   87   N  N3    . U   A 1 4  ? 19.182  9.491   13.814  1.00 115.64 ? 4   U   X N3    1 
ATOM   88   C  C4    . U   A 1 4  ? 19.815  8.882   12.751  1.00 113.69 ? 4   U   X C4    1 
ATOM   89   O  O4    . U   A 1 4  ? 20.218  9.572   11.817  1.00 112.45 ? 4   U   X O4    1 
ATOM   90   C  C5    . U   A 1 4  ? 19.933  7.460   12.862  1.00 115.19 ? 4   U   X C5    1 
ATOM   91   C  C6    . U   A 1 4  ? 19.444  6.835   13.941  1.00 117.04 ? 4   U   X C6    1 
ATOM   92   P  P     . U   A 1 5  ? 13.999  5.084   14.640  1.00 128.89 ? 5   U   X P     1 
ATOM   93   O  OP1   . U   A 1 5  ? 13.066  3.946   14.854  1.00 125.97 ? 5   U   X OP1   1 
ATOM   94   O  OP2   . U   A 1 5  ? 14.745  5.195   13.357  1.00 122.24 ? 5   U   X OP2   1 
ATOM   95   O  "O5'" . U   A 1 5  ? 13.201  6.445   14.866  1.00 122.43 ? 5   U   X "O5'" 1 
ATOM   96   C  "C5'" . U   A 1 5  ? 13.206  7.097   16.128  1.00 122.73 ? 5   U   X "C5'" 1 
ATOM   97   C  "C4'" . U   A 1 5  ? 13.068  8.588   15.966  1.00 123.17 ? 5   U   X "C4'" 1 
ATOM   98   O  "O4'" . U   A 1 5  ? 14.373  9.207   15.814  1.00 121.20 ? 5   U   X "O4'" 1 
ATOM   99   C  "C3'" . U   A 1 5  ? 12.312  9.038   14.730  1.00 124.91 ? 5   U   X "C3'" 1 
ATOM   100  O  "O3'" . U   A 1 5  ? 10.907  8.914   14.855  1.00 124.20 ? 5   U   X "O3'" 1 
ATOM   101  C  "C2'" . U   A 1 5  ? 12.804  10.467  14.548  1.00 123.46 ? 5   U   X "C2'" 1 
ATOM   102  O  "O2'" . U   A 1 5  ? 12.161  11.344  15.462  1.00 122.57 ? 5   U   X "O2'" 1 
ATOM   103  C  "C1'" . U   A 1 5  ? 14.273  10.328  14.955  1.00 120.81 ? 5   U   X "C1'" 1 
ATOM   104  N  N1    . U   A 1 5  ? 15.157  10.125  13.781  1.00 119.41 ? 5   U   X N1    1 
ATOM   105  C  C2    . U   A 1 5  ? 15.551  11.247  13.074  1.00 118.48 ? 5   U   X C2    1 
ATOM   106  O  O2    . U   A 1 5  ? 15.210  12.377  13.376  1.00 118.78 ? 5   U   X O2    1 
ATOM   107  N  N3    . U   A 1 5  ? 16.365  11.012  11.994  1.00 117.57 ? 5   U   X N3    1 
ATOM   108  C  C4    . U   A 1 5  ? 16.822  9.790   11.550  1.00 116.32 ? 5   U   X C4    1 
ATOM   109  O  O4    . U   A 1 5  ? 17.551  9.742   10.558  1.00 112.50 ? 5   U   X O4    1 
ATOM   110  C  C5    . U   A 1 5  ? 16.370  8.678   12.330  1.00 118.80 ? 5   U   X C5    1 
ATOM   111  C  C6    . U   A 1 5  ? 15.575  8.875   13.390  1.00 119.12 ? 5   U   X C6    1 
ATOM   112  P  P     . U   A 1 6  ? 10.023  8.606   13.550  1.00 127.62 ? 6   U   X P     1 
ATOM   113  O  OP1   . U   A 1 6  ? 8.797   7.870   13.955  1.00 124.76 ? 6   U   X OP1   1 
ATOM   114  O  OP2   . U   A 1 6  ? 10.913  8.053   12.495  1.00 122.23 ? 6   U   X OP2   1 
ATOM   115  O  "O5'" . U   A 1 6  ? 9.601   10.049  13.045  1.00 123.11 ? 6   U   X "O5'" 1 
ATOM   116  C  "C5'" . U   A 1 6  ? 9.950   10.471  11.743  1.00 117.71 ? 6   U   X "C5'" 1 
ATOM   117  C  "C4'" . U   A 1 6  ? 10.409  11.900  11.740  1.00 117.71 ? 6   U   X "C4'" 1 
ATOM   118  O  "O4'" . U   A 1 6  ? 11.845  11.956  11.952  1.00 120.02 ? 6   U   X "O4'" 1 
ATOM   119  C  "C3'" . U   A 1 6  ? 10.195  12.624  10.425  1.00 118.52 ? 6   U   X "C3'" 1 
ATOM   120  O  "O3'" . U   A 1 6  ? 8.875   13.119  10.296  1.00 119.24 ? 6   U   X "O3'" 1 
ATOM   121  C  "C2'" . U   A 1 6  ? 11.273  13.698  10.451  1.00 117.84 ? 6   U   X "C2'" 1 
ATOM   122  O  "O2'" . U   A 1 6  ? 10.886  14.780  11.286  1.00 120.73 ? 6   U   X "O2'" 1 
ATOM   123  C  "C1'" . U   A 1 6  ? 12.418  12.950  11.131  1.00 116.39 ? 6   U   X "C1'" 1 
ATOM   124  N  N1    . U   A 1 6  ? 13.304  12.270  10.159  1.00 116.18 ? 6   U   X N1    1 
ATOM   125  C  C2    . U   A 1 6  ? 14.046  13.005  9.242   1.00 118.50 ? 6   U   X C2    1 
ATOM   126  O  O2    . U   A 1 6  ? 14.024  14.224  9.151   1.00 118.51 ? 6   U   X O2    1 
ATOM   127  N  N3    . U   A 1 6  ? 14.831  12.249  8.402   1.00 119.08 ? 6   U   X N3    1 
ATOM   128  C  C4    . U   A 1 6  ? 14.965  10.871  8.380   1.00 118.04 ? 6   U   X C4    1 
ATOM   129  O  O4    . U   A 1 6  ? 15.720  10.345  7.555   1.00 116.45 ? 6   U   X O4    1 
ATOM   130  C  C5    . U   A 1 6  ? 14.173  10.191  9.359   1.00 117.39 ? 6   U   X C5    1 
ATOM   131  C  C6    . U   A 1 6  ? 13.398  10.897  10.191  1.00 117.18 ? 6   U   X C6    1 
ATOM   132  P  P     . C   A 1 7  ? 7.837   12.395  9.307   1.00 118.22 ? 7   C   X P     1 
ATOM   133  O  OP1   . C   A 1 7  ? 6.487   12.487  9.920   1.00 112.66 ? 7   C   X OP1   1 
ATOM   134  O  OP2   . C   A 1 7  ? 8.390   11.070  8.919   1.00 115.95 ? 7   C   X OP2   1 
ATOM   135  O  "O5'" . C   A 1 7  ? 7.852   13.332  8.024   1.00 114.98 ? 7   C   X "O5'" 1 
ATOM   136  C  "C5'" . C   A 1 7  ? 7.729   14.736  8.176   1.00 114.98 ? 7   C   X "C5'" 1 
ATOM   137  C  "C4'" . C   A 1 7  ? 8.797   15.480  7.417   1.00 115.05 ? 7   C   X "C4'" 1 
ATOM   138  O  "O4'" . C   A 1 7  ? 10.121  15.124  7.905   1.00 115.30 ? 7   C   X "O4'" 1 
ATOM   139  C  "C3'" . C   A 1 7  ? 8.891   15.193  5.933   1.00 115.42 ? 7   C   X "C3'" 1 
ATOM   140  O  "O3'" . C   A 1 7  ? 7.850   15.772  5.167   1.00 117.09 ? 7   C   X "O3'" 1 
ATOM   141  C  "C2'" . C   A 1 7  ? 10.289  15.698  5.609   1.00 115.36 ? 7   C   X "C2'" 1 
ATOM   142  O  "O2'" . C   A 1 7  ? 10.328  17.119  5.598   1.00 115.12 ? 7   C   X "O2'" 1 
ATOM   143  C  "C1'" . C   A 1 7  ? 11.053  15.208  6.840   1.00 115.39 ? 7   C   X "C1'" 1 
ATOM   144  N  N1    . C   A 1 7  ? 11.643  13.870  6.593   1.00 114.63 ? 7   C   X N1    1 
ATOM   145  C  C2    . C   A 1 7  ? 12.800  13.806  5.815   1.00 112.15 ? 7   C   X C2    1 
ATOM   146  O  O2    . C   A 1 7  ? 13.287  14.861  5.391   1.00 112.68 ? 7   C   X O2    1 
ATOM   147  N  N3    . C   A 1 7  ? 13.363  12.607  5.547   1.00 112.30 ? 7   C   X N3    1 
ATOM   148  C  C4    . C   A 1 7  ? 12.813  11.489  6.018   1.00 113.97 ? 7   C   X C4    1 
ATOM   149  N  N4    . C   A 1 7  ? 13.410  10.328  5.728   1.00 113.55 ? 7   C   X N4    1 
ATOM   150  C  C5    . C   A 1 7  ? 11.629  11.518  6.810   1.00 114.41 ? 7   C   X C5    1 
ATOM   151  C  C6    . C   A 1 7  ? 11.080  12.716  7.064   1.00 115.88 ? 7   C   X C6    1 
ATOM   152  P  P     . G   A 1 8  ? 6.673   14.829  4.608   1.00 119.55 ? 8   G   X P     1 
ATOM   153  O  OP1   . G   A 1 8  ? 5.426   15.156  5.354   1.00 113.93 ? 8   G   X OP1   1 
ATOM   154  O  OP2   . G   A 1 8  ? 7.187   13.432  4.607   1.00 115.71 ? 8   G   X OP2   1 
ATOM   155  O  "O5'" . G   A 1 8  ? 6.501   15.273  3.086   1.00 115.41 ? 8   G   X "O5'" 1 
ATOM   156  C  "C5'" . G   A 1 8  ? 7.316   14.717  2.065   1.00 110.71 ? 8   G   X "C5'" 1 
ATOM   157  C  "C4'" . G   A 1 8  ? 8.508   15.593  1.771   1.00 107.54 ? 8   G   X "C4'" 1 
ATOM   158  O  "O4'" . G   A 1 8  ? 9.601   15.264  2.675   1.00 109.23 ? 8   G   X "O4'" 1 
ATOM   159  C  "C3'" . G   A 1 8  ? 9.124   15.424  0.393   1.00 109.92 ? 8   G   X "C3'" 1 
ATOM   160  O  "O3'" . G   A 1 8  ? 8.412   16.088  -0.633  1.00 112.66 ? 8   G   X "O3'" 1 
ATOM   161  C  "C2'" . G   A 1 8  ? 10.536  15.936  0.612   1.00 106.47 ? 8   G   X "C2'" 1 
ATOM   162  O  "O2'" . G   A 1 8  ? 10.537  17.350  0.742   1.00 101.92 ? 8   G   X "O2'" 1 
ATOM   163  C  "C1'" . G   A 1 8  ? 10.834  15.336  1.982   1.00 107.90 ? 8   G   X "C1'" 1 
ATOM   164  N  N9    . G   A 1 8  ? 11.386  13.963  1.889   1.00 107.43 ? 8   G   X N9    1 
ATOM   165  C  C8    . G   A 1 8  ? 11.128  12.955  2.791   1.00 107.35 ? 8   G   X C8    1 
ATOM   166  N  N7    . G   A 1 8  ? 11.721  11.824  2.511   1.00 105.14 ? 8   G   X N7    1 
ATOM   167  C  C5    . G   A 1 8  ? 12.430  12.085  1.344   1.00 106.27 ? 8   G   X C5    1 
ATOM   168  C  C6    . G   A 1 8  ? 13.269  11.226  0.564   1.00 105.29 ? 8   G   X C6    1 
ATOM   169  O  O6    . G   A 1 8  ? 13.559  10.034  0.756   1.00 103.65 ? 8   G   X O6    1 
ATOM   170  N  N1    . G   A 1 8  ? 13.799  11.876  -0.547  1.00 103.27 ? 8   G   X N1    1 
ATOM   171  C  C2    . G   A 1 8  ? 13.553  13.188  -0.866  1.00 104.26 ? 8   G   X C2    1 
ATOM   172  N  N2    . G   A 1 8  ? 14.152  13.645  -1.975  1.00 106.13 ? 8   G   X N2    1 
ATOM   173  N  N3    . G   A 1 8  ? 12.781  13.996  -0.151  1.00 106.15 ? 8   G   X N3    1 
ATOM   174  C  C4    . G   A 1 8  ? 12.241  13.399  0.943   1.00 106.37 ? 8   G   X C4    1 
ATOM   175  P  P     . U   A 1 9  ? 7.939   15.263  -1.929  1.00 110.15 ? 9   U   X P     1 
ATOM   176  O  OP1   . U   A 1 9  ? 6.913   16.069  -2.637  1.00 104.83 ? 9   U   X OP1   1 
ATOM   177  O  OP2   . U   A 1 9  ? 7.572   13.900  -1.464  1.00 107.13 ? 9   U   X OP2   1 
ATOM   178  O  "O5'" . U   A 1 9  ? 9.261   15.152  -2.826  1.00 101.11 ? 9   U   X "O5'" 1 
ATOM   179  C  "C5'" . U   A 1 9  ? 9.177   14.824  -4.206  1.00 97.45  ? 9   U   X "C5'" 1 
ATOM   180  C  "C4'" . U   A 1 9  ? 10.300  13.914  -4.644  1.00 100.15 ? 9   U   X "C4'" 1 
ATOM   181  O  "O4'" . U   A 1 9  ? 11.097  13.516  -3.498  1.00 102.02 ? 9   U   X "O4'" 1 
ATOM   182  C  "C3'" . U   A 1 9  ? 9.871   12.599  -5.282  1.00 100.59 ? 9   U   X "C3'" 1 
ATOM   183  O  "O3'" . U   A 1 9  ? 9.547   12.736  -6.657  1.00 96.95  ? 9   U   X "O3'" 1 
ATOM   184  C  "C2'" . U   A 1 9  ? 11.065  11.681  -5.026  1.00 98.09  ? 9   U   X "C2'" 1 
ATOM   185  O  "O2'" . U   A 1 9  ? 12.075  11.874  -6.008  1.00 93.30  ? 9   U   X "O2'" 1 
ATOM   186  C  "C1'" . U   A 1 9  ? 11.577  12.196  -3.675  1.00 101.10 ? 9   U   X "C1'" 1 
ATOM   187  N  N1    . U   A 1 9  ? 11.135  11.364  -2.522  1.00 98.13  ? 9   U   X N1    1 
ATOM   188  C  C2    . U   A 1 9  ? 11.689  10.103  -2.321  1.00 94.50  ? 9   U   X C2    1 
ATOM   189  O  O2    . U   A 1 9  ? 12.523  9.599   -3.056  1.00 92.68  ? 9   U   X O2    1 
ATOM   190  N  N3    . U   A 1 9  ? 11.217  9.426   -1.216  1.00 96.87  ? 9   U   X N3    1 
ATOM   191  C  C4    . U   A 1 9  ? 10.277  9.866   -0.297  1.00 96.19  ? 9   U   X C4    1 
ATOM   192  O  O4    . U   A 1 9  ? 9.958   9.145   0.652   1.00 92.97  ? 9   U   X O4    1 
ATOM   193  C  C5    . U   A 1 9  ? 9.764   11.175  -0.564  1.00 99.95  ? 9   U   X C5    1 
ATOM   194  C  C6    . U   A 1 9  ? 10.201  11.856  -1.634  1.00 101.26 ? 9   U   X C6    1 
ATOM   195  P  P     . A   A 1 10 ? 8.288   11.950  -7.286  1.00 105.07 ? 10  A   X P     1 
ATOM   196  O  OP1   . A   A 1 10 ? 8.048   12.549  -8.628  1.00 94.34  ? 10  A   X OP1   1 
ATOM   197  O  OP2   . A   A 1 10 ? 7.192   11.901  -6.273  1.00 95.69  ? 10  A   X OP2   1 
ATOM   198  O  "O5'" . A   A 1 10 ? 8.816   10.458  -7.514  1.00 95.80  ? 10  A   X "O5'" 1 
ATOM   199  C  "C5'" . A   A 1 10 ? 9.506   10.102  -8.706  1.00 91.05  ? 10  A   X "C5'" 1 
ATOM   200  C  "C4'" . A   A 1 10 ? 9.829   8.626   -8.759  1.00 85.20  ? 10  A   X "C4'" 1 
ATOM   201  O  "O4'" . A   A 1 10 ? 10.799  8.288   -7.734  1.00 85.89  ? 10  A   X "O4'" 1 
ATOM   202  C  "C3'" . A   A 1 10 ? 8.682   7.667   -8.496  1.00 81.70  ? 10  A   X "C3'" 1 
ATOM   203  O  "O3'" . A   A 1 10 ? 7.812   7.509   -9.603  1.00 82.23  ? 10  A   X "O3'" 1 
ATOM   204  C  "C2'" . A   A 1 10 ? 9.410   6.390   -8.091  1.00 80.52  ? 10  A   X "C2'" 1 
ATOM   205  O  "O2'" . A   A 1 10 ? 9.902   5.695   -9.230  1.00 78.85  ? 10  A   X "O2'" 1 
ATOM   206  C  "C1'" . A   A 1 10 ? 10.596  6.957   -7.303  1.00 79.15  ? 10  A   X "C1'" 1 
ATOM   207  N  N9    . A   A 1 10 ? 10.335  6.958   -5.850  1.00 80.52  ? 10  A   X N9    1 
ATOM   208  C  C8    . A   A 1 10 ? 9.591   7.849   -5.103  1.00 82.39  ? 10  A   X C8    1 
ATOM   209  N  N7    . A   A 1 10 ? 9.534   7.555   -3.823  1.00 77.02  ? 10  A   X N7    1 
ATOM   210  C  C5    . A   A 1 10 ? 10.280  6.387   -3.723  1.00 72.97  ? 10  A   X C5    1 
ATOM   211  C  C6    . A   A 1 10 ? 10.606  5.564   -2.636  1.00 72.10  ? 10  A   X C6    1 
ATOM   212  N  N6    . A   A 1 10 ? 10.201  5.805   -1.387  1.00 75.95  ? 10  A   X N6    1 
ATOM   213  N  N1    . A   A 1 10 ? 11.371  4.468   -2.876  1.00 69.33  ? 10  A   X N1    1 
ATOM   214  C  C2    . A   A 1 10 ? 11.772  4.221   -4.129  1.00 71.15  ? 10  A   X C2    1 
ATOM   215  N  N3    . A   A 1 10 ? 11.531  4.922   -5.241  1.00 74.17  ? 10  A   X N3    1 
ATOM   216  C  C4    . A   A 1 10 ? 10.773  6.003   -4.962  1.00 76.78  ? 10  A   X C4    1 
ATOM   217  P  P     . U   A 1 11 ? 6.275   7.969   -9.479  1.00 83.30  ? 11  U   X P     1 
ATOM   218  O  OP1   . U   A 1 11 ? 5.618   7.645   -10.773 1.00 80.92  ? 11  U   X OP1   1 
ATOM   219  O  OP2   . U   A 1 11 ? 6.223   9.357   -8.938  1.00 81.80  ? 11  U   X OP2   1 
ATOM   220  O  "O5'" . U   A 1 11 ? 5.678   7.006   -8.353  1.00 79.52  ? 11  U   X "O5'" 1 
ATOM   221  C  "C5'" . U   A 1 11 ? 4.464   7.321   -7.665  1.00 70.56  ? 11  U   X "C5'" 1 
ATOM   222  C  "C4'" . U   A 1 11 ? 4.351   6.566   -6.361  1.00 67.47  ? 11  U   X "C4'" 1 
ATOM   223  O  "O4'" . U   A 1 11 ? 4.359   5.137   -6.634  1.00 66.27  ? 11  U   X "O4'" 1 
ATOM   224  C  "C3'" . U   A 1 11 ? 5.492   6.807   -5.372  1.00 72.00  ? 11  U   X "C3'" 1 
ATOM   225  O  "O3'" . U   A 1 11 ? 4.996   6.653   -4.045  1.00 70.41  ? 11  U   X "O3'" 1 
ATOM   226  C  "C2'" . U   A 1 11 ? 6.438   5.653   -5.676  1.00 66.08  ? 11  U   X "C2'" 1 
ATOM   227  O  "O2'" . U   A 1 11 ? 7.319   5.325   -4.627  1.00 63.84  ? 11  U   X "O2'" 1 
ATOM   228  C  "C1'" . U   A 1 11 ? 5.446   4.529   -5.957  1.00 66.05  ? 11  U   X "C1'" 1 
ATOM   229  N  N1    . U   A 1 11 ? 5.987   3.443   -6.786  1.00 64.36  ? 11  U   X N1    1 
ATOM   230  C  C2    . U   A 1 11 ? 6.202   2.229   -6.153  1.00 62.37  ? 11  U   X C2    1 
ATOM   231  O  O2    . U   A 1 11 ? 5.961   2.035   -4.969  1.00 61.69  ? 11  U   X O2    1 
ATOM   232  N  N3    . U   A 1 11 ? 6.724   1.248   -6.948  1.00 61.66  ? 11  U   X N3    1 
ATOM   233  C  C4    . U   A 1 11 ? 7.038   1.350   -8.288  1.00 61.67  ? 11  U   X C4    1 
ATOM   234  O  O4    . U   A 1 11 ? 7.493   0.364   -8.869  1.00 59.55  ? 11  U   X O4    1 
ATOM   235  C  C5    . U   A 1 11 ? 6.785   2.634   -8.866  1.00 60.87  ? 11  U   X C5    1 
ATOM   236  C  C6    . U   A 1 11 ? 6.287   3.620   -8.116  1.00 61.85  ? 11  U   X C6    1 
ATOM   237  P  P     . A   A 1 12 ? 4.683   7.940   -3.141  1.00 73.97  ? 12  A   X P     1 
ATOM   238  O  OP1   . A   A 1 12 ? 5.005   9.158   -3.930  1.00 75.51  ? 12  A   X OP1   1 
ATOM   239  O  OP2   . A   A 1 12 ? 5.300   7.678   -1.811  1.00 74.54  ? 12  A   X OP2   1 
ATOM   240  O  "O5'" . A   A 1 12 ? 3.107   7.898   -2.952  1.00 71.06  ? 12  A   X "O5'" 1 
ATOM   241  C  "C5'" . A   A 1 12 ? 2.444   6.666   -2.770  1.00 65.49  ? 12  A   X "C5'" 1 
ATOM   242  C  "C4'" . A   A 1 12 ? 1.071   6.692   -3.378  1.00 66.67  ? 12  A   X "C4'" 1 
ATOM   243  O  "O4'" . A   A 1 12 ? 1.155   6.992   -4.790  1.00 65.50  ? 12  A   X "O4'" 1 
ATOM   244  C  "C3'" . A   A 1 12 ? 0.322   5.378   -3.306  1.00 62.69  ? 12  A   X "C3'" 1 
ATOM   245  O  "O3'" . A   A 1 12 ? -0.348  5.259   -2.074  1.00 64.20  ? 12  A   X "O3'" 1 
ATOM   246  C  "C2'" . A   A 1 12 ? -0.635  5.436   -4.498  1.00 65.69  ? 12  A   X "C2'" 1 
ATOM   247  O  "O2'" . A   A 1 12 ? -1.871  6.034   -4.128  1.00 68.86  ? 12  A   X "O2'" 1 
ATOM   248  C  "C1'" . A   A 1 12 ? 0.105   6.359   -5.481  1.00 60.68  ? 12  A   X "C1'" 1 
ATOM   249  N  N9    . A   A 1 12 ? 0.661   5.659   -6.660  1.00 65.74  ? 12  A   X N9    1 
ATOM   250  C  C8    . A   A 1 12 ? 0.587   6.117   -7.953  1.00 65.57  ? 12  A   X C8    1 
ATOM   251  N  N7    . A   A 1 12 ? 1.173   5.337   -8.833  1.00 68.26  ? 12  A   X N7    1 
ATOM   252  C  C5    . A   A 1 12 ? 1.673   4.288   -8.072  1.00 65.61  ? 12  A   X C5    1 
ATOM   253  C  C6    . A   A 1 12 ? 2.397   3.128   -8.419  1.00 63.32  ? 12  A   X C6    1 
ATOM   254  N  N6    . A   A 1 12 ? 2.755   2.828   -9.668  1.00 61.35  ? 12  A   X N6    1 
ATOM   255  N  N1    . A   A 1 12 ? 2.747   2.270   -7.435  1.00 57.06  ? 12  A   X N1    1 
ATOM   256  C  C2    . A   A 1 12 ? 2.393   2.586   -6.189  1.00 57.95  ? 12  A   X C2    1 
ATOM   257  N  N3    . A   A 1 12 ? 1.721   3.640   -5.744  1.00 61.49  ? 12  A   X N3    1 
ATOM   258  C  C4    . A   A 1 12 ? 1.377   4.474   -6.735  1.00 62.57  ? 12  A   X C4    1 
ATOM   259  P  P     . U   A 1 13 ? 0.188   4.296   -0.910  1.00 68.38  ? 13  U   X P     1 
ATOM   260  O  OP1   . U   A 1 13 ? -0.700  4.529   0.265   1.00 75.60  ? 13  U   X OP1   1 
ATOM   261  O  OP2   . U   A 1 13 ? 1.658   4.373   -0.767  1.00 72.63  ? 13  U   X OP2   1 
ATOM   262  O  "O5'" . U   A 1 13 ? -0.199  2.849   -1.429  1.00 67.70  ? 13  U   X "O5'" 1 
ATOM   263  C  "C5'" . U   A 1 13 ? 0.691   2.075   -2.218  1.00 59.04  ? 13  U   X "C5'" 1 
ATOM   264  C  "C4'" . U   A 1 13 ? 0.332   0.623   -2.095  1.00 56.40  ? 13  U   X "C4'" 1 
ATOM   265  O  "O4'" . U   A 1 13 ? 1.145   0.034   -1.054  1.00 60.72  ? 13  U   X "O4'" 1 
ATOM   266  C  "C3'" . U   A 1 13 ? -1.128  0.360   -1.713  1.00 60.48  ? 13  U   X "C3'" 1 
ATOM   267  O  "O3'" . U   A 1 13 ? -1.669  -0.706  -2.472  1.00 61.20  ? 13  U   X "O3'" 1 
ATOM   268  C  "C2'" . U   A 1 13 ? -1.054  -0.074  -0.256  1.00 58.70  ? 13  U   X "C2'" 1 
ATOM   269  O  "O2'" . U   A 1 13 ? -2.037  -1.019  0.098   1.00 57.83  ? 13  U   X "O2'" 1 
ATOM   270  C  "C1'" . U   A 1 13 ? 0.329   -0.695  -0.167  1.00 54.43  ? 13  U   X "C1'" 1 
ATOM   271  N  N1    . U   A 1 13 ? 0.889   -0.591  1.181   1.00 49.61  ? 13  U   X N1    1 
ATOM   272  C  C2    . U   A 1 13 ? 1.141   -1.765  1.869   1.00 51.49  ? 13  U   X C2    1 
ATOM   273  O  O2    . U   A 1 13 ? 0.952   -2.865  1.368   1.00 52.14  ? 13  U   X O2    1 
ATOM   274  N  N3    . U   A 1 13 ? 1.634   -1.605  3.145   1.00 44.15  ? 13  U   X N3    1 
ATOM   275  C  C4    . U   A 1 13 ? 1.874   -0.409  3.769   1.00 46.49  ? 13  U   X C4    1 
ATOM   276  O  O4    . U   A 1 13 ? 2.301   -0.409  4.918   1.00 48.85  ? 13  U   X O4    1 
ATOM   277  C  C5    . U   A 1 13 ? 1.589   0.755   2.989   1.00 50.90  ? 13  U   X C5    1 
ATOM   278  C  C6    . U   A 1 13 ? 1.109   0.637   1.746   1.00 47.01  ? 13  U   X C6    1 
ATOM   279  P  P     . C   A 1 14 ? -3.121  -0.522  -3.106  1.00 57.64  ? 14  C   X P     1 
ATOM   280  O  OP1   . C   A 1 14 ? -3.967  0.185   -2.118  1.00 72.41  ? 14  C   X OP1   1 
ATOM   281  O  OP2   . C   A 1 14 ? -3.607  -1.820  -3.645  1.00 59.78  ? 14  C   X OP2   1 
ATOM   282  O  "O5'" . C   A 1 14 ? -2.874  0.470   -4.322  1.00 58.62  ? 14  C   X "O5'" 1 
ATOM   283  C  "C5'" . C   A 1 14 ? -3.157  1.858   -4.234  1.00 56.65  ? 14  C   X "C5'" 1 
ATOM   284  C  "C4'" . C   A 1 14 ? -2.859  2.526   -5.554  1.00 59.04  ? 14  C   X "C4'" 1 
ATOM   285  O  "O4'" . C   A 1 14 ? -1.422  2.498   -5.796  1.00 63.12  ? 14  C   X "O4'" 1 
ATOM   286  C  "C3'" . C   A 1 14 ? -3.457  1.846   -6.777  1.00 57.35  ? 14  C   X "C3'" 1 
ATOM   287  O  "O3'" . C   A 1 14 ? -4.819  2.203   -7.004  1.00 52.41  ? 14  C   X "O3'" 1 
ATOM   288  C  "C2'" . C   A 1 14 ? -2.503  2.269   -7.890  1.00 57.08  ? 14  C   X "C2'" 1 
ATOM   289  O  "O2'" . C   A 1 14 ? -2.756  3.603   -8.287  1.00 56.71  ? 14  C   X "O2'" 1 
ATOM   290  C  "C1'" . C   A 1 14 ? -1.163  2.246   -7.161  1.00 61.92  ? 14  C   X "C1'" 1 
ATOM   291  N  N1    . C   A 1 14 ? -0.486  0.928   -7.284  1.00 61.28  ? 14  C   X N1    1 
ATOM   292  C  C2    . C   A 1 14 ? 0.079   0.558   -8.505  1.00 59.21  ? 14  C   X C2    1 
ATOM   293  O  O2    . C   A 1 14 ? 0.007   1.346   -9.457  1.00 59.18  ? 14  C   X O2    1 
ATOM   294  N  N3    . C   A 1 14 ? 0.688   -0.645  -8.625  1.00 59.89  ? 14  C   X N3    1 
ATOM   295  C  C4    . C   A 1 14 ? 0.743   -1.473  -7.583  1.00 57.25  ? 14  C   X C4    1 
ATOM   296  N  N4    . C   A 1 14 ? 1.353   -2.649  -7.745  1.00 54.51  ? 14  C   X N4    1 
ATOM   297  C  C5    . C   A 1 14 ? 0.178   -1.128  -6.326  1.00 59.24  ? 14  C   X C5    1 
ATOM   298  C  C6    . C   A 1 14 ? -0.418  0.065   -6.222  1.00 60.74  ? 14  C   X C6    1 
ATOM   299  P  P     . C   A 1 15 ? -5.811  1.254   -7.850  1.00 52.58  ? 15  C   X P     1 
ATOM   300  O  OP1   . C   A 1 15 ? -7.138  1.933   -7.921  1.00 60.95  ? 15  C   X OP1   1 
ATOM   301  O  OP2   . C   A 1 15 ? -5.714  -0.153  -7.400  1.00 50.64  ? 15  C   X OP2   1 
ATOM   302  O  "O5'" . C   A 1 15 ? -5.209  1.277   -9.328  1.00 62.30  ? 15  C   X "O5'" 1 
ATOM   303  C  "C5'" . C   A 1 15 ? -5.186  2.467   -10.104 1.00 57.71  ? 15  C   X "C5'" 1 
ATOM   304  C  "C4'" . C   A 1 15 ? -4.710  2.172   -11.499 1.00 60.18  ? 15  C   X "C4'" 1 
ATOM   305  O  "O4'" . C   A 1 15 ? -3.315  1.762   -11.469 1.00 60.69  ? 15  C   X "O4'" 1 
ATOM   306  C  "C3'" . C   A 1 15 ? -5.411  1.021   -12.190 1.00 59.29  ? 15  C   X "C3'" 1 
ATOM   307  O  "O3'" . C   A 1 15 ? -6.666  1.391   -12.730 1.00 68.05  ? 15  C   X "O3'" 1 
ATOM   308  C  "C2'" . C   A 1 15 ? -4.386  0.585   -13.224 1.00 64.99  ? 15  C   X "C2'" 1 
ATOM   309  O  "O2'" . C   A 1 15 ? -4.360  1.500   -14.312 1.00 63.50  ? 15  C   X "O2'" 1 
ATOM   310  C  "C1'" . C   A 1 15 ? -3.088  0.765   -12.441 1.00 63.08  ? 15  C   X "C1'" 1 
ATOM   311  N  N1    . C   A 1 15 ? -2.637  -0.471  -11.759 1.00 57.15  ? 15  C   X N1    1 
ATOM   312  C  C2    . C   A 1 15 ? -2.019  -1.485  -12.506 1.00 61.23  ? 15  C   X C2    1 
ATOM   313  O  O2    . C   A 1 15 ? -1.896  -1.352  -13.734 1.00 61.34  ? 15  C   X O2    1 
ATOM   314  N  N3    . C   A 1 15 ? -1.573  -2.601  -11.885 1.00 58.26  ? 15  C   X N3    1 
ATOM   315  C  C4    . C   A 1 15 ? -1.718  -2.730  -10.566 1.00 59.31  ? 15  C   X C4    1 
ATOM   316  N  N4    . C   A 1 15 ? -1.278  -3.857  -9.996  1.00 54.22  ? 15  C   X N4    1 
ATOM   317  C  C5    . C   A 1 15 ? -2.336  -1.712  -9.780  1.00 59.55  ? 15  C   X C5    1 
ATOM   318  C  C6    . C   A 1 15 ? -2.764  -0.609  -10.409 1.00 57.23  ? 15  C   X C6    1 
ATOM   319  P  P     . U   A 1 16 ? -7.830  0.298   -12.892 1.00 71.50  ? 16  U   X P     1 
ATOM   320  O  OP1   . U   A 1 16 ? -9.036  1.024   -13.353 1.00 79.47  ? 16  U   X OP1   1 
ATOM   321  O  OP2   . U   A 1 16 ? -7.929  -0.556  -11.677 1.00 70.46  ? 16  U   X OP2   1 
ATOM   322  O  "O5'" . U   A 1 16 ? -7.325  -0.576  -14.112 1.00 68.34  ? 16  U   X "O5'" 1 
ATOM   323  C  "C5'" . U   A 1 16 ? -7.113  0.037   -15.372 1.00 73.38  ? 16  U   X "C5'" 1 
ATOM   324  C  "C4'" . U   A 1 16 ? -6.648  -0.974  -16.373 1.00 75.89  ? 16  U   X "C4'" 1 
ATOM   325  O  "O4'" . U   A 1 16 ? -5.280  -1.358  -16.074 1.00 67.92  ? 16  U   X "O4'" 1 
ATOM   326  C  "C3'" . U   A 1 16 ? -7.416  -2.283  -16.353 1.00 71.87  ? 16  U   X "C3'" 1 
ATOM   327  O  "O3'" . U   A 1 16 ? -8.626  -2.224  -17.086 1.00 73.68  ? 16  U   X "O3'" 1 
ATOM   328  C  "C2'" . U   A 1 16 ? -6.413  -3.263  -16.924 1.00 69.38  ? 16  U   X "C2'" 1 
ATOM   329  O  "O2'" . U   A 1 16 ? -6.375  -3.142  -18.335 1.00 74.99  ? 16  U   X "O2'" 1 
ATOM   330  C  "C1'" . U   A 1 16 ? -5.100  -2.729  -16.345 1.00 68.01  ? 16  U   X "C1'" 1 
ATOM   331  N  N1    . U   A 1 16 ? -4.726  -3.432  -15.093 1.00 65.50  ? 16  U   X N1    1 
ATOM   332  C  C2    . U   A 1 16 ? -4.059  -4.614  -15.289 1.00 64.47  ? 16  U   X C2    1 
ATOM   333  O  O2    . U   A 1 16 ? -3.806  -5.009  -16.414 1.00 64.42  ? 16  U   X O2    1 
ATOM   334  N  N3    . U   A 1 16 ? -3.710  -5.300  -14.146 1.00 64.44  ? 16  U   X N3    1 
ATOM   335  C  C4    . U   A 1 16 ? -3.970  -4.937  -12.834 1.00 62.64  ? 16  U   X C4    1 
ATOM   336  O  O4    . U   A 1 16 ? -3.577  -5.671  -11.918 1.00 55.71  ? 16  U   X O4    1 
ATOM   337  C  C5    . U   A 1 16 ? -4.679  -3.691  -12.707 1.00 59.07  ? 16  U   X C5    1 
ATOM   338  C  C6    . U   A 1 16 ? -5.026  -3.002  -13.812 1.00 64.35  ? 16  U   X C6    1 
ATOM   339  P  P     . U   A 1 17 ? -9.892  -3.108  -16.631 1.00 82.05  ? 17  U   X P     1 
ATOM   340  O  OP1   . U   A 1 17 ? -11.047 -2.667  -17.459 1.00 81.53  ? 17  U   X OP1   1 
ATOM   341  O  OP2   . U   A 1 17 ? -10.024 -3.002  -15.150 1.00 69.64  ? 17  U   X OP2   1 
ATOM   342  O  "O5'" . U   A 1 17 ? -9.489  -4.599  -17.051 1.00 68.09  ? 17  U   X "O5'" 1 
ATOM   343  C  "C5'" . U   A 1 17 ? -9.212  -4.905  -18.413 1.00 73.97  ? 17  U   X "C5'" 1 
ATOM   344  C  "C4'" . U   A 1 17 ? -8.418  -6.181  -18.600 1.00 72.94  ? 17  U   X "C4'" 1 
ATOM   345  O  "O4'" . U   A 1 17 ? -7.103  -6.096  -17.973 1.00 69.55  ? 17  U   X "O4'" 1 
ATOM   346  C  "C3'" . U   A 1 17 ? -9.014  -7.451  -18.021 1.00 70.16  ? 17  U   X "C3'" 1 
ATOM   347  O  "O3'" . U   A 1 17 ? -10.074 -7.974  -18.803 1.00 73.73  ? 17  U   X "O3'" 1 
ATOM   348  C  "C2'" . U   A 1 17 ? -7.799  -8.368  -17.949 1.00 69.38  ? 17  U   X "C2'" 1 
ATOM   349  O  "O2'" . U   A 1 17 ? -7.486  -8.883  -19.228 1.00 69.31  ? 17  U   X "O2'" 1 
ATOM   350  C  "C1'" . U   A 1 17 ? -6.701  -7.383  -17.538 1.00 67.90  ? 17  U   X "C1'" 1 
ATOM   351  N  N1    . U   A 1 17 ? -6.546  -7.372  -16.064 1.00 68.73  ? 17  U   X N1    1 
ATOM   352  C  C2    . U   A 1 17 ? -5.898  -8.462  -15.496 1.00 65.45  ? 17  U   X C2    1 
ATOM   353  O  O2    . U   A 1 17 ? -5.437  -9.386  -16.150 1.00 65.49  ? 17  U   X O2    1 
ATOM   354  N  N3    . U   A 1 17 ? -5.793  -8.433  -14.131 1.00 63.89  ? 17  U   X N3    1 
ATOM   355  C  C4    . U   A 1 17 ? -6.270  -7.455  -13.289 1.00 64.23  ? 17  U   X C4    1 
ATOM   356  O  O4    . U   A 1 17 ? -6.094  -7.589  -12.081 1.00 66.29  ? 17  U   X O4    1 
ATOM   357  C  C5    . U   A 1 17 ? -6.938  -6.367  -13.941 1.00 65.22  ? 17  U   X C5    1 
ATOM   358  C  C6    . U   A 1 17 ? -7.054  -6.365  -15.276 1.00 65.53  ? 17  U   X C6    1 
ATOM   359  P  P     . A   A 1 18 ? -11.325 -8.692  -18.087 1.00 71.32  ? 18  A   X P     1 
ATOM   360  O  OP1   . A   A 1 18 ? -12.409 -8.821  -19.100 1.00 76.43  ? 18  A   X OP1   1 
ATOM   361  O  OP2   . A   A 1 18 ? -11.600 -7.975  -16.816 1.00 70.33  ? 18  A   X OP2   1 
ATOM   362  O  "O5'" . A   A 1 18 ? -10.788 -10.155 -17.739 1.00 62.80  ? 18  A   X "O5'" 1 
ATOM   363  C  "C5'" . A   A 1 18 ? -10.349 -11.023 -18.777 1.00 69.19  ? 18  A   X "C5'" 1 
ATOM   364  C  "C4'" . A   A 1 18 ? -9.651  -12.250 -18.242 1.00 66.16  ? 18  A   X "C4'" 1 
ATOM   365  O  "O4'" . A   A 1 18 ? -8.386  -11.875 -17.634 1.00 66.08  ? 18  A   X "O4'" 1 
ATOM   366  C  "C3'" . A   A 1 18 ? -10.374 -13.005 -17.137 1.00 64.10  ? 18  A   X "C3'" 1 
ATOM   367  O  "O3'" . A   A 1 18 ? -11.390 -13.863 -17.618 1.00 70.29  ? 18  A   X "O3'" 1 
ATOM   368  C  "C2'" . A   A 1 18 ? -9.238  -13.743 -16.456 1.00 65.54  ? 18  A   X "C2'" 1 
ATOM   369  O  "O2'" . A   A 1 18 ? -8.822  -14.848 -17.247 1.00 71.28  ? 18  A   X "O2'" 1 
ATOM   370  C  "C1'" . A   A 1 18 ? -8.141  -12.684 -16.500 1.00 64.29  ? 18  A   X "C1'" 1 
ATOM   371  N  N9    . A   A 1 18 ? -8.181  -11.824 -15.301 1.00 61.27  ? 18  A   X N9    1 
ATOM   372  C  C8    . A   A 1 18 ? -8.679  -10.548 -15.194 1.00 61.28  ? 18  A   X C8    1 
ATOM   373  N  N7    . A   A 1 18 ? -8.572  -10.042 -13.991 1.00 59.88  ? 18  A   X N7    1 
ATOM   374  C  C5    . A   A 1 18 ? -7.976  -11.056 -13.249 1.00 60.39  ? 18  A   X C5    1 
ATOM   375  C  C6    . A   A 1 18 ? -7.599  -11.153 -11.893 1.00 62.22  ? 18  A   X C6    1 
ATOM   376  N  N6    . A   A 1 18 ? -7.776  -10.177 -10.994 1.00 64.30  ? 18  A   X N6    1 
ATOM   377  N  N1    . A   A 1 18 ? -7.025  -12.304 -11.481 1.00 61.88  ? 18  A   X N1    1 
ATOM   378  C  C2    . A   A 1 18 ? -6.848  -13.279 -12.379 1.00 63.26  ? 18  A   X C2    1 
ATOM   379  N  N3    . A   A 1 18 ? -7.161  -13.309 -13.673 1.00 59.88  ? 18  A   X N3    1 
ATOM   380  C  C4    . A   A 1 18 ? -7.728  -12.154 -14.049 1.00 60.59  ? 18  A   X C4    1 
ATOM   381  P  P     . A   A 1 19 ? -12.737 -14.094 -16.764 1.00 64.60  ? 19  A   X P     1 
ATOM   382  O  OP1   . A   A 1 19 ? -13.598 -14.860 -17.708 1.00 66.78  ? 19  A   X OP1   1 
ATOM   383  O  OP2   . A   A 1 19 ? -13.203 -12.824 -16.156 1.00 59.55  ? 19  A   X OP2   1 
ATOM   384  O  "O5'" . A   A 1 19 ? -12.293 -15.054 -15.574 1.00 54.92  ? 19  A   X "O5'" 1 
ATOM   385  C  "C5'" . A   A 1 19 ? -11.845 -16.365 -15.864 1.00 57.77  ? 19  A   X "C5'" 1 
ATOM   386  C  "C4'" . A   A 1 19 ? -11.054 -16.955 -14.730 1.00 63.18  ? 19  A   X "C4'" 1 
ATOM   387  O  "O4'" . A   A 1 19 ? -10.010 -16.036 -14.313 1.00 64.96  ? 19  A   X "O4'" 1 
ATOM   388  C  "C3'" . A   A 1 19 ? -11.823 -17.224 -13.453 1.00 66.89  ? 19  A   X "C3'" 1 
ATOM   389  O  "O3'" . A   A 1 19 ? -12.621 -18.394 -13.512 1.00 67.80  ? 19  A   X "O3'" 1 
ATOM   390  C  "C2'" . A   A 1 19 ? -10.708 -17.270 -12.415 1.00 65.72  ? 19  A   X "C2'" 1 
ATOM   391  O  "O2'" . A   A 1 19 ? -10.013 -18.506 -12.477 1.00 60.75  ? 19  A   X "O2'" 1 
ATOM   392  C  "C1'" . A   A 1 19 ? -9.792  -16.158 -12.922 1.00 62.74  ? 19  A   X "C1'" 1 
ATOM   393  N  N9    . A   A 1 19 ? -10.135 -14.868 -12.298 1.00 64.98  ? 19  A   X N9    1 
ATOM   394  C  C8    . A   A 1 19 ? -10.841 -13.826 -12.856 1.00 65.32  ? 19  A   X C8    1 
ATOM   395  N  N7    . A   A 1 19 ? -11.010 -12.798 -12.057 1.00 63.04  ? 19  A   X N7    1 
ATOM   396  C  C5    . A   A 1 19 ? -10.380 -13.199 -10.883 1.00 66.28  ? 19  A   X C5    1 
ATOM   397  C  C6    . A   A 1 19 ? -10.205 -12.560 -9.637  1.00 67.63  ? 19  A   X C6    1 
ATOM   398  N  N6    . A   A 1 19 ? -10.662 -11.331 -9.361  1.00 64.07  ? 19  A   X N6    1 
ATOM   399  N  N1    . A   A 1 19 ? -9.522  -13.240 -8.682  1.00 69.44  ? 19  A   X N1    1 
ATOM   400  C  C2    . A   A 1 19 ? -9.058  -14.469 -8.966  1.00 66.38  ? 19  A   X C2    1 
ATOM   401  N  N3    . A   A 1 19 ? -9.157  -15.170 -10.097 1.00 66.42  ? 19  A   X N3    1 
ATOM   402  C  C4    . A   A 1 19 ? -9.834  -14.470 -11.022 1.00 65.70  ? 19  A   X C4    1 
ATOM   403  P  P     . U   A 1 20 ? -14.005 -18.462 -12.693 1.00 69.29  ? 20  U   X P     1 
ATOM   404  O  OP1   . U   A 1 20 ? -14.578 -19.815 -12.894 1.00 73.65  ? 20  U   X OP1   1 
ATOM   405  O  OP2   . U   A 1 20 ? -14.847 -17.274 -13.004 1.00 67.13  ? 20  U   X OP2   1 
ATOM   406  O  "O5'" . U   A 1 20 ? -13.533 -18.343 -11.183 1.00 64.35  ? 20  U   X "O5'" 1 
ATOM   407  C  "C5'" . U   A 1 20 ? -12.779 -19.374 -10.575 1.00 64.22  ? 20  U   X "C5'" 1 
ATOM   408  C  "C4'" . U   A 1 20 ? -12.450 -19.023 -9.152  1.00 67.71  ? 20  U   X "C4'" 1 
ATOM   409  O  "O4'" . U   A 1 20 ? -11.602 -17.845 -9.122  1.00 70.43  ? 20  U   X "O4'" 1 
ATOM   410  C  "C3'" . U   A 1 20 ? -13.631 -18.633 -8.284  1.00 67.25  ? 20  U   X "C3'" 1 
ATOM   411  O  "O3'" . U   A 1 20 ? -14.368 -19.741 -7.812  1.00 73.46  ? 20  U   X "O3'" 1 
ATOM   412  C  "C2'" . U   A 1 20 ? -12.973 -17.823 -7.186  1.00 68.97  ? 20  U   X "C2'" 1 
ATOM   413  O  "O2'" . U   A 1 20 ? -12.345 -18.687 -6.249  1.00 68.93  ? 20  U   X "O2'" 1 
ATOM   414  C  "C1'" . U   A 1 20 ? -11.903 -17.069 -7.983  1.00 69.42  ? 20  U   X "C1'" 1 
ATOM   415  N  N1    . U   A 1 20 ? -12.406 -15.745 -8.421  1.00 67.20  ? 20  U   X N1    1 
ATOM   416  C  C2    . U   A 1 20 ? -12.263 -14.728 -7.513  1.00 67.26  ? 20  U   X C2    1 
ATOM   417  O  O2    . U   A 1 20 ? -11.723 -14.897 -6.437  1.00 71.39  ? 20  U   X O2    1 
ATOM   418  N  N3    . U   A 1 20 ? -12.758 -13.512 -7.900  1.00 66.63  ? 20  U   X N3    1 
ATOM   419  C  C4    . U   A 1 20 ? -13.379 -13.206 -9.088  1.00 64.46  ? 20  U   X C4    1 
ATOM   420  O  O4    . U   A 1 20 ? -13.761 -12.049 -9.276  1.00 65.67  ? 20  U   X O4    1 
ATOM   421  C  C5    . U   A 1 20 ? -13.501 -14.318 -9.985  1.00 65.28  ? 20  U   X C5    1 
ATOM   422  C  C6    . U   A 1 20 ? -13.028 -15.520 -9.628  1.00 66.50  ? 20  U   X C6    1 
ATOM   423  P  P     . G   A 1 21 ? -15.964 -19.633 -7.696  1.00 74.63  ? 21  G   X P     1 
ATOM   424  O  OP1   . G   A 1 21 ? -16.550 -20.997 -7.644  1.00 74.97  ? 21  G   X OP1   1 
ATOM   425  O  OP2   . G   A 1 21 ? -16.450 -18.685 -8.732  1.00 74.77  ? 21  G   X OP2   1 
ATOM   426  O  "O5'" . G   A 1 21 ? -16.164 -18.959 -6.275  1.00 69.46  ? 21  G   X "O5'" 1 
ATOM   427  C  "C5'" . G   A 1 21 ? -15.360 -19.361 -5.182  1.00 71.80  ? 21  G   X "C5'" 1 
ATOM   428  C  "C4'" . G   A 1 21 ? -15.491 -18.387 -4.045  1.00 73.67  ? 21  G   X "C4'" 1 
ATOM   429  O  "O4'" . G   A 1 21 ? -14.655 -17.219 -4.274  1.00 75.47  ? 21  G   X "O4'" 1 
ATOM   430  C  "C3'" . G   A 1 21 ? -16.875 -17.805 -3.854  1.00 68.98  ? 21  G   X "C3'" 1 
ATOM   431  O  "O3'" . G   A 1 21 ? -17.751 -18.715 -3.215  1.00 69.08  ? 21  G   X "O3'" 1 
ATOM   432  C  "C2'" . G   A 1 21 ? -16.575 -16.543 -3.064  1.00 67.69  ? 21  G   X "C2'" 1 
ATOM   433  O  "O2'" . G   A 1 21 ? -16.249 -16.876 -1.725  1.00 73.33  ? 21  G   X "O2'" 1 
ATOM   434  C  "C1'" . G   A 1 21 ? -15.290 -16.071 -3.747  1.00 69.45  ? 21  G   X "C1'" 1 
ATOM   435  N  N9    . G   A 1 21 ? -15.567 -15.135 -4.854  1.00 64.79  ? 21  G   X N9    1 
ATOM   436  C  C8    . G   A 1 21 ? -15.754 -15.458 -6.174  1.00 63.68  ? 21  G   X C8    1 
ATOM   437  N  N7    . G   A 1 21 ? -15.995 -14.423 -6.928  1.00 63.72  ? 21  G   X N7    1 
ATOM   438  C  C5    . G   A 1 21 ? -15.977 -13.344 -6.055  1.00 68.64  ? 21  G   X C5    1 
ATOM   439  C  C6    . G   A 1 21 ? -16.178 -11.956 -6.295  1.00 68.75  ? 21  G   X C6    1 
ATOM   440  O  O6    . G   A 1 21 ? -16.419 -11.380 -7.363  1.00 70.51  ? 21  G   X O6    1 
ATOM   441  N  N1    . G   A 1 21 ? -16.074 -11.209 -5.125  1.00 63.34  ? 21  G   X N1    1 
ATOM   442  C  C2    . G   A 1 21 ? -15.812 -11.723 -3.883  1.00 62.85  ? 21  G   X C2    1 
ATOM   443  N  N2    . G   A 1 21 ? -15.750 -10.830 -2.887  1.00 63.02  ? 21  G   X N2    1 
ATOM   444  N  N3    . G   A 1 21 ? -15.620 -13.010 -3.643  1.00 66.45  ? 21  G   X N3    1 
ATOM   445  C  C4    . G   A 1 21 ? -15.719 -13.765 -4.765  1.00 68.06  ? 21  G   X C4    1 
ATOM   446  P  P     . A   A 1 22 ? -19.302 -18.357 -3.016  1.00 73.22  ? 22  A   X P     1 
ATOM   447  O  OP1   . A   A 1 22 ? -19.981 -19.572 -2.490  1.00 81.81  ? 22  A   X OP1   1 
ATOM   448  O  OP2   . A   A 1 22 ? -19.881 -17.682 -4.204  1.00 67.81  ? 22  A   X OP2   1 
ATOM   449  O  "O5'" . A   A 1 22 ? -19.253 -17.334 -1.806  1.00 71.62  ? 22  A   X "O5'" 1 
ATOM   450  C  "C5'" . A   A 1 22 ? -20.202 -16.303 -1.668  1.00 62.86  ? 22  A   X "C5'" 1 
ATOM   451  C  "C4'" . A   A 1 22 ? -19.802 -15.405 -0.534  1.00 61.64  ? 22  A   X "C4'" 1 
ATOM   452  O  "O4'" . A   A 1 22 ? -18.677 -14.585 -0.942  1.00 71.23  ? 22  A   X "O4'" 1 
ATOM   453  C  "C3'" . A   A 1 22 ? -20.860 -14.417 -0.090  1.00 64.15  ? 22  A   X "C3'" 1 
ATOM   454  O  "O3'" . A   A 1 22 ? -21.761 -15.000 0.839   1.00 66.86  ? 22  A   X "O3'" 1 
ATOM   455  C  "C2'" . A   A 1 22 ? -20.043 -13.272 0.488   1.00 62.08  ? 22  A   X "C2'" 1 
ATOM   456  O  "O2'" . A   A 1 22 ? -19.630 -13.579 1.812   1.00 57.94  ? 22  A   X "O2'" 1 
ATOM   457  C  "C1'" . A   A 1 22 ? -18.810 -13.284 -0.420  1.00 65.16  ? 22  A   X "C1'" 1 
ATOM   458  N  N9    . A   A 1 22 ? -18.911 -12.350 -1.558  1.00 60.66  ? 22  A   X N9    1 
ATOM   459  C  C8    . A   A 1 22 ? -18.889 -12.711 -2.878  1.00 63.04  ? 22  A   X C8    1 
ATOM   460  N  N7    . A   A 1 22 ? -18.972 -11.704 -3.709  1.00 63.16  ? 22  A   X N7    1 
ATOM   461  C  C5    . A   A 1 22 ? -19.040 -10.597 -2.886  1.00 62.93  ? 22  A   X C5    1 
ATOM   462  C  C6    . A   A 1 22 ? -19.139 -9.222  -3.172  1.00 60.96  ? 22  A   X C6    1 
ATOM   463  N  N6    . A   A 1 22 ? -19.191 -8.724  -4.412  1.00 60.07  ? 22  A   X N6    1 
ATOM   464  N  N1    . A   A 1 22 ? -19.196 -8.369  -2.122  1.00 61.20  ? 22  A   X N1    1 
ATOM   465  C  C2    . A   A 1 22 ? -19.159 -8.884  -0.883  1.00 61.23  ? 22  A   X C2    1 
ATOM   466  N  N3    . A   A 1 22 ? -19.059 -10.155 -0.492  1.00 57.38  ? 22  A   X N3    1 
ATOM   467  C  C4    . A   A 1 22 ? -19.004 -10.977 -1.552  1.00 62.42  ? 22  A   X C4    1 
ATOM   468  P  P     . U   A 1 23 ? -23.339 -14.790 0.664   1.00 72.18  ? 23  U   X P     1 
ATOM   469  O  OP1   . U   A 1 23 ? -24.020 -15.807 1.512   1.00 71.33  ? 23  U   X OP1   1 
ATOM   470  O  OP2   . U   A 1 23 ? -23.654 -14.736 -0.797  1.00 66.60  ? 23  U   X OP2   1 
ATOM   471  O  "O5'" . U   A 1 23 ? -23.583 -13.332 1.265   1.00 60.25  ? 23  U   X "O5'" 1 
ATOM   472  C  "C5'" . U   A 1 23 ? -22.866 -12.875 2.406   1.00 56.12  ? 23  U   X "C5'" 1 
ATOM   473  C  "C4'" . U   A 1 23 ? -22.812 -11.368 2.455   1.00 61.69  ? 23  U   X "C4'" 1 
ATOM   474  O  "O4'" . U   A 1 23 ? -22.096 -10.852 1.284   1.00 60.05  ? 23  U   X "O4'" 1 
ATOM   475  C  "C3'" . U   A 1 23 ? -24.179 -10.693 2.457   1.00 60.73  ? 23  U   X "C3'" 1 
ATOM   476  O  "O3'" . U   A 1 23 ? -24.145 -9.549  3.305   1.00 69.36  ? 23  U   X "O3'" 1 
ATOM   477  C  "C2'" . U   A 1 23 ? -24.360 -10.278 1.001   1.00 60.99  ? 23  U   X "C2'" 1 
ATOM   478  O  "O2'" . U   A 1 23 ? -25.241 -9.195  0.785   1.00 59.85  ? 23  U   X "O2'" 1 
ATOM   479  C  "C1'" . U   A 1 23 ? -22.925 -9.949  0.584   1.00 59.97  ? 23  U   X "C1'" 1 
ATOM   480  N  N1    . U   A 1 23 ? -22.720 -10.137 -0.850  1.00 60.32  ? 23  U   X N1    1 
ATOM   481  C  C2    . U   A 1 23 ? -22.550 -9.000  -1.613  1.00 60.59  ? 23  U   X C2    1 
ATOM   482  O  O2    . U   A 1 23 ? -22.517 -7.876  -1.146  1.00 58.13  ? 23  U   X O2    1 
ATOM   483  N  N3    . U   A 1 23 ? -22.408 -9.233  -2.950  1.00 61.37  ? 23  U   X N3    1 
ATOM   484  C  C4    . U   A 1 23 ? -22.427 -10.458 -3.582  1.00 66.23  ? 23  U   X C4    1 
ATOM   485  O  O4    . U   A 1 23 ? -22.276 -10.492 -4.802  1.00 66.93  ? 23  U   X O4    1 
ATOM   486  C  C5    . U   A 1 23 ? -22.633 -11.587 -2.723  1.00 61.44  ? 23  U   X C5    1 
ATOM   487  C  C6    . U   A 1 23 ? -22.774 -11.391 -1.410  1.00 61.73  ? 23  U   X C6    1 
ATOM   488  P  P     . A   A 1 24 ? -24.978 -9.586  4.679   1.00 62.79  ? 24  A   X P     1 
ATOM   489  O  OP1   . A   A 1 24 ? -24.449 -10.691 5.531   1.00 65.72  ? 24  A   X OP1   1 
ATOM   490  O  OP2   . A   A 1 24 ? -26.379 -9.515  4.227   1.00 65.66  ? 24  A   X OP2   1 
ATOM   491  O  "O5'" . A   A 1 24 ? -24.578 -8.241  5.437   1.00 64.57  ? 24  A   X "O5'" 1 
ATOM   492  C  "C5'" . A   A 1 24 ? -23.286 -8.087  6.020   1.00 68.94  ? 24  A   X "C5'" 1 
ATOM   493  C  "C4'" . A   A 1 24 ? -23.121 -6.742  6.690   1.00 67.14  ? 24  A   X "C4'" 1 
ATOM   494  O  "O4'" . A   A 1 24 ? -22.970 -5.703  5.677   1.00 58.52  ? 24  A   X "O4'" 1 
ATOM   495  C  "C3'" . A   A 1 24 ? -24.302 -6.326  7.555   1.00 62.10  ? 24  A   X "C3'" 1 
ATOM   496  O  "O3'" . A   A 1 24 ? -23.845 -5.496  8.619   1.00 71.75  ? 24  A   X "O3'" 1 
ATOM   497  C  "C2'" . A   A 1 24 ? -25.129 -5.495  6.595   1.00 59.75  ? 24  A   X "C2'" 1 
ATOM   498  O  "O2'" . A   A 1 24 ? -26.006 -4.577  7.207   1.00 57.12  ? 24  A   X "O2'" 1 
ATOM   499  C  "C1'" . A   A 1 24 ? -24.050 -4.797  5.753   1.00 56.88  ? 24  A   X "C1'" 1 
ATOM   500  N  N9    . A   A 1 24 ? -24.550 -4.563  4.403   1.00 54.84  ? 24  A   X N9    1 
ATOM   501  C  C8    . A   A 1 24 ? -24.522 -5.425  3.334   1.00 51.55  ? 24  A   X C8    1 
ATOM   502  N  N7    . A   A 1 24 ? -25.146 -4.950  2.280   1.00 54.88  ? 24  A   X N7    1 
ATOM   503  C  C5    . A   A 1 24 ? -25.638 -3.718  2.698   1.00 53.24  ? 24  A   X C5    1 
ATOM   504  C  C6    . A   A 1 24 ? -26.384 -2.727  2.046   1.00 52.73  ? 24  A   X C6    1 
ATOM   505  N  N6    . A   A 1 24 ? -26.779 -2.827  0.771   1.00 57.60  ? 24  A   X N6    1 
ATOM   506  N  N1    . A   A 1 24 ? -26.704 -1.614  2.742   1.00 51.56  ? 24  A   X N1    1 
ATOM   507  C  C2    . A   A 1 24 ? -26.309 -1.508  4.017   1.00 52.42  ? 24  A   X C2    1 
ATOM   508  N  N3    . A   A 1 24 ? -25.600 -2.377  4.740   1.00 56.41  ? 24  A   X N3    1 
ATOM   509  C  C4    . A   A 1 24 ? -25.287 -3.467  4.008   1.00 52.83  ? 24  A   X C4    1 
ATOM   510  P  P     . U   A 1 25 ? -23.424 -6.150  10.021  1.00 80.10  ? 25  U   X P     1 
ATOM   511  O  OP1   . U   A 1 25 ? -24.674 -6.689  10.623  1.00 89.91  ? 25  U   X OP1   1 
ATOM   512  O  OP2   . U   A 1 25 ? -22.580 -5.189  10.783  1.00 77.05  ? 25  U   X OP2   1 
ATOM   513  O  "O5'" . U   A 1 25 ? -22.502 -7.373  9.613   1.00 76.98  ? 25  U   X "O5'" 1 
ATOM   514  C  "C5'" . U   A 1 25 ? -21.231 -7.547  10.226  1.00 79.23  ? 25  U   X "C5'" 1 
ATOM   515  C  "C4'" . U   A 1 25 ? -20.965 -8.998  10.515  1.00 83.84  ? 25  U   X "C4'" 1 
ATOM   516  O  "O4'" . U   A 1 25 ? -22.069 -9.533  11.303  1.00 91.60  ? 25  U   X "O4'" 1 
ATOM   517  C  "C3'" . U   A 1 25 ? -20.854 -9.889  9.276   1.00 83.99  ? 25  U   X "C3'" 1 
ATOM   518  O  "O3'" . U   A 1 25 ? -19.861 -10.889 9.500   1.00 84.83  ? 25  U   X "O3'" 1 
ATOM   519  C  "C2'" . U   A 1 25 ? -22.233 -10.540 9.198   1.00 86.16  ? 25  U   X "C2'" 1 
ATOM   520  O  "O2'" . U   A 1 25 ? -22.256 -11.779 8.517   1.00 90.94  ? 25  U   X "O2'" 1 
ATOM   521  C  "C1'" . U   A 1 25 ? -22.576 -10.694 10.677  1.00 90.62  ? 25  U   X "C1'" 1 
ATOM   522  N  N1    . U   A 1 25 ? -24.016 -10.822 10.966  1.00 92.15  ? 25  U   X N1    1 
ATOM   523  C  C2    . U   A 1 25 ? -24.362 -11.372 12.193  1.00 94.15  ? 25  U   X C2    1 
ATOM   524  O  O2    . U   A 1 25 ? -23.534 -11.702 13.028  1.00 92.09  ? 25  U   X O2    1 
ATOM   525  N  N3    . U   A 1 25 ? -25.716 -11.501 12.416  1.00 98.69  ? 25  U   X N3    1 
ATOM   526  C  C4    . U   A 1 25 ? -26.740 -11.160 11.547  1.00 98.57  ? 25  U   X C4    1 
ATOM   527  O  O4    . U   A 1 25 ? -27.914 -11.339 11.891  1.00 95.73  ? 25  U   X O4    1 
ATOM   528  C  C5    . U   A 1 25 ? -26.298 -10.613 10.293  1.00 94.47  ? 25  U   X C5    1 
ATOM   529  C  C6    . U   A 1 25 ? -24.985 -10.475 10.049  1.00 90.79  ? 25  U   X C6    1 
ATOM   530  P  P     . G   A 1 26 ? -18.361 -10.659 8.970   1.00 83.47  ? 26  G   X P     1 
ATOM   531  O  OP1   . G   A 1 26 ? -17.584 -11.881 9.306   1.00 86.56  ? 26  G   X OP1   1 
ATOM   532  O  OP2   . G   A 1 26 ? -17.877 -9.334  9.438   1.00 80.49  ? 26  G   X OP2   1 
ATOM   533  O  "O5'" . G   A 1 26 ? -18.526 -10.605 7.387   1.00 76.82  ? 26  G   X "O5'" 1 
ATOM   534  C  "C5'" . G   A 1 26 ? -18.456 -11.793 6.610   1.00 73.56  ? 26  G   X "C5'" 1 
ATOM   535  C  "C4'" . G   A 1 26 ? -18.702 -11.510 5.151   1.00 66.76  ? 26  G   X "C4'" 1 
ATOM   536  O  "O4'" . G   A 1 26 ? -19.890 -10.685 5.010   1.00 68.00  ? 26  G   X "O4'" 1 
ATOM   537  C  "C3'" . G   A 1 26 ? -17.619 -10.726 4.424   1.00 66.93  ? 26  G   X "C3'" 1 
ATOM   538  O  "O3'" . G   A 1 26 ? -16.530 -11.543 4.010   1.00 65.24  ? 26  G   X "O3'" 1 
ATOM   539  C  "C2'" . G   A 1 26 ? -18.386 -10.109 3.265   1.00 59.55  ? 26  G   X "C2'" 1 
ATOM   540  O  "O2'" . G   A 1 26 ? -18.612 -11.090 2.275   1.00 58.70  ? 26  G   X "O2'" 1 
ATOM   541  C  "C1'" . G   A 1 26 ? -19.733 -9.800  3.918   1.00 64.74  ? 26  G   X "C1'" 1 
ATOM   542  N  N9    . G   A 1 26 ? -19.834 -8.407  4.401   1.00 58.80  ? 26  G   X N9    1 
ATOM   543  C  C8    . G   A 1 26 ? -19.506 -7.928  5.646   1.00 60.84  ? 26  G   X C8    1 
ATOM   544  N  N7    . G   A 1 26 ? -19.712 -6.647  5.774   1.00 59.32  ? 26  G   X N7    1 
ATOM   545  C  C5    . G   A 1 26 ? -20.210 -6.249  4.538   1.00 56.08  ? 26  G   X C5    1 
ATOM   546  C  C6    . G   A 1 26 ? -20.617 -4.967  4.070   1.00 53.09  ? 26  G   X C6    1 
ATOM   547  O  O6    . G   A 1 26 ? -20.631 -3.881  4.669   1.00 51.88  ? 26  G   X O6    1 
ATOM   548  N  N1    . G   A 1 26 ? -21.046 -5.018  2.755   1.00 50.42  ? 26  G   X N1    1 
ATOM   549  C  C2    . G   A 1 26 ? -21.066 -6.151  1.986   1.00 53.37  ? 26  G   X C2    1 
ATOM   550  N  N2    . G   A 1 26 ? -21.504 -5.995  0.732   1.00 57.05  ? 26  G   X N2    1 
ATOM   551  N  N3    . G   A 1 26 ? -20.697 -7.345  2.408   1.00 54.80  ? 26  G   X N3    1 
ATOM   552  C  C4    . G   A 1 26 ? -20.285 -7.325  3.685   1.00 54.87  ? 26  G   X C4    1 
ATOM   553  P  P     . G   A 1 27 ? -15.042 -10.955 3.898   1.00 68.04  ? 27  G   X P     1 
ATOM   554  O  OP1   . G   A 1 27 ? -14.169 -12.056 3.407   1.00 73.38  ? 27  G   X OP1   1 
ATOM   555  O  OP2   . G   A 1 27 ? -14.644 -10.239 5.143   1.00 62.75  ? 27  G   X OP2   1 
ATOM   556  O  "O5'" . G   A 1 27 ? -15.152 -9.859  2.752   1.00 69.36  ? 27  G   X "O5'" 1 
ATOM   557  C  "C5'" . G   A 1 27 ? -15.432 -10.223 1.409   1.00 63.97  ? 27  G   X "C5'" 1 
ATOM   558  C  "C4'" . G   A 1 27 ? -15.626 -9.002  0.551   1.00 61.44  ? 27  G   X "C4'" 1 
ATOM   559  O  "O4'" . G   A 1 27 ? -16.811 -8.287  0.978   1.00 60.64  ? 27  G   X "O4'" 1 
ATOM   560  C  "C3'" . G   A 1 27 ? -14.522 -7.956  0.610   1.00 60.79  ? 27  G   X "C3'" 1 
ATOM   561  O  "O3'" . G   A 1 27 ? -13.430 -8.296  -0.229  1.00 67.67  ? 27  G   X "O3'" 1 
ATOM   562  C  "C2'" . G   A 1 27 ? -15.248 -6.693  0.157   1.00 61.05  ? 27  G   X "C2'" 1 
ATOM   563  O  "O2'" . G   A 1 27 ? -15.376 -6.664  -1.255  1.00 61.75  ? 27  G   X "O2'" 1 
ATOM   564  C  "C1'" . G   A 1 27 ? -16.646 -6.905  0.753   1.00 57.65  ? 27  G   X "C1'" 1 
ATOM   565  N  N9    . G   A 1 27 ? -16.803 -6.162  2.017   1.00 58.84  ? 27  G   X N9    1 
ATOM   566  C  C8    . G   A 1 27 ? -16.291 -6.451  3.261   1.00 54.64  ? 27  G   X C8    1 
ATOM   567  N  N7    . G   A 1 27 ? -16.595 -5.538  4.140   1.00 56.34  ? 27  G   X N7    1 
ATOM   568  C  C5    . G   A 1 27 ? -17.331 -4.594  3.439   1.00 53.03  ? 27  G   X C5    1 
ATOM   569  C  C6    . G   A 1 27 ? -17.922 -3.371  3.848   1.00 53.41  ? 27  G   X C6    1 
ATOM   570  O  O6    . G   A 1 27 ? -17.939 -2.854  4.973   1.00 55.93  ? 27  G   X O6    1 
ATOM   571  N  N1    . G   A 1 27 ? -18.587 -2.735  2.805   1.00 49.84  ? 27  G   X N1    1 
ATOM   572  C  C2    . G   A 1 27 ? -18.654 -3.194  1.518   1.00 52.05  ? 27  G   X C2    1 
ATOM   573  N  N2    . G   A 1 27 ? -19.323 -2.426  0.641   1.00 51.48  ? 27  G   X N2    1 
ATOM   574  N  N3    . G   A 1 27 ? -18.093 -4.323  1.123   1.00 53.63  ? 27  G   X N3    1 
ATOM   575  C  C4    . G   A 1 27 ? -17.456 -4.962  2.126   1.00 54.03  ? 27  G   X C4    1 
ATOM   576  P  P     . U   A 1 28 ? -11.890 -8.108  0.223   1.00 65.78  ? 28  U   X P     1 
ATOM   577  O  OP1   . U   A 1 28 ? -11.731 -7.492  1.559   1.00 71.25  ? 28  U   X OP1   1 
ATOM   578  O  OP2   . U   A 1 28 ? -11.231 -7.469  -0.937  1.00 65.62  ? 28  U   X OP2   1 
ATOM   579  O  "O5'" . U   A 1 28 ? -11.365 -9.595  0.383   1.00 66.09  ? 28  U   X "O5'" 1 
ATOM   580  C  "C5'" . U   A 1 28 ? -11.645 -10.345 1.550   1.00 65.97  ? 28  U   X "C5'" 1 
ATOM   581  C  "C4'" . U   A 1 28 ? -11.529 -11.822 1.277   1.00 71.67  ? 28  U   X "C4'" 1 
ATOM   582  O  "O4'" . U   A 1 28 ? -12.611 -12.250 0.400   1.00 72.68  ? 28  U   X "O4'" 1 
ATOM   583  C  "C3'" . U   A 1 28 ? -10.268 -12.266 0.554   1.00 69.60  ? 28  U   X "C3'" 1 
ATOM   584  O  "O3'" . U   A 1 28 ? -9.155  -12.411 1.427   1.00 71.63  ? 28  U   X "O3'" 1 
ATOM   585  C  "C2'" . U   A 1 28 ? -10.699 -13.575 -0.087  1.00 68.85  ? 28  U   X "C2'" 1 
ATOM   586  O  "O2'" . U   A 1 28 ? -10.673 -14.614 0.876   1.00 69.04  ? 28  U   X "O2'" 1 
ATOM   587  C  "C1'" . U   A 1 28 ? -12.159 -13.279 -0.453  1.00 69.83  ? 28  U   X "C1'" 1 
ATOM   588  N  N1    . U   A 1 28 ? -12.317 -12.840 -1.866  1.00 68.25  ? 28  U   X N1    1 
ATOM   589  C  C2    . U   A 1 28 ? -12.295 -13.799 -2.871  1.00 64.19  ? 28  U   X C2    1 
ATOM   590  O  O2    . U   A 1 28 ? -12.153 -14.990 -2.665  1.00 60.08  ? 28  U   X O2    1 
ATOM   591  N  N3    . U   A 1 28 ? -12.443 -13.310 -4.147  1.00 65.13  ? 28  U   X N3    1 
ATOM   592  C  C4    . U   A 1 28 ? -12.612 -11.986 -4.521  1.00 66.89  ? 28  U   X C4    1 
ATOM   593  O  O4    . U   A 1 28 ? -12.734 -11.698 -5.714  1.00 65.45  ? 28  U   X O4    1 
ATOM   594  C  C5    . U   A 1 28 ? -12.631 -11.058 -3.432  1.00 64.10  ? 28  U   X C5    1 
ATOM   595  C  C6    . U   A 1 28 ? -12.487 -11.507 -2.179  1.00 67.19  ? 28  U   X C6    1 
ATOM   596  P  P     . U   A 1 29 ? -7.686  -11.915 0.988   1.00 82.43  ? 29  U   X P     1 
ATOM   597  O  OP1   . U   A 1 29 ? -6.859  -11.929 2.222   1.00 84.09  ? 29  U   X OP1   1 
ATOM   598  O  OP2   . U   A 1 29 ? -7.763  -10.672 0.176   1.00 73.45  ? 29  U   X OP2   1 
ATOM   599  O  "O5'" . U   A 1 29 ? -7.155  -13.091 0.049   1.00 79.86  ? 29  U   X "O5'" 1 
ATOM   600  C  "C5'" . U   A 1 29 ? -7.143  -14.429 0.530   1.00 77.38  ? 29  U   X "C5'" 1 
ATOM   601  C  "C4'" . U   A 1 29 ? -7.181  -15.447 -0.582  1.00 74.53  ? 29  U   X "C4'" 1 
ATOM   602  O  "O4'" . U   A 1 29 ? -8.454  -15.395 -1.290  1.00 71.34  ? 29  U   X "O4'" 1 
ATOM   603  C  "C3'" . U   A 1 29 ? -6.161  -15.283 -1.691  1.00 72.75  ? 29  U   X "C3'" 1 
ATOM   604  O  "O3'" . U   A 1 29 ? -4.845  -15.673 -1.332  1.00 72.63  ? 29  U   X "O3'" 1 
ATOM   605  C  "C2'" . U   A 1 29 ? -6.784  -16.119 -2.798  1.00 73.79  ? 29  U   X "C2'" 1 
ATOM   606  O  "O2'" . U   A 1 29 ? -6.680  -17.503 -2.498  1.00 72.34  ? 29  U   X "O2'" 1 
ATOM   607  C  "C1'" . U   A 1 29 ? -8.249  -15.729 -2.650  1.00 71.09  ? 29  U   X "C1'" 1 
ATOM   608  N  N1    . U   A 1 29 ? -8.577  -14.561 -3.505  1.00 71.25  ? 29  U   X N1    1 
ATOM   609  C  C2    . U   A 1 29 ? -8.637  -14.785 -4.866  1.00 71.31  ? 29  U   X C2    1 
ATOM   610  O  O2    . U   A 1 29 ? -8.447  -15.878 -5.370  1.00 71.78  ? 29  U   X O2    1 
ATOM   611  N  N3    . U   A 1 29 ? -8.932  -13.688 -5.631  1.00 68.28  ? 29  U   X N3    1 
ATOM   612  C  C4    . U   A 1 29 ? -9.155  -12.409 -5.195  1.00 67.08  ? 29  U   X C4    1 
ATOM   613  O  O4    . U   A 1 29 ? -9.407  -11.529 -6.018  1.00 67.97  ? 29  U   X O4    1 
ATOM   614  C  C5    . U   A 1 29 ? -9.059  -12.247 -3.780  1.00 68.08  ? 29  U   X C5    1 
ATOM   615  C  C6    . U   A 1 29 ? -8.781  -13.299 -3.007  1.00 70.01  ? 29  U   X C6    1 
ATOM   616  P  P     . U   A 1 30 ? -3.586  -14.888 -1.958  1.00 87.27  ? 30  U   X P     1 
ATOM   617  O  OP1   . U   A 1 30 ? -2.351  -15.477 -1.384  1.00 84.74  ? 30  U   X OP1   1 
ATOM   618  O  OP2   . U   A 1 30 ? -3.817  -13.423 -1.866  1.00 89.82  ? 30  U   X OP2   1 
ATOM   619  O  "O5'" . U   A 1 30 ? -3.632  -15.258 -3.504  1.00 74.98  ? 30  U   X "O5'" 1 
ATOM   620  C  "C5'" . U   A 1 30 ? -3.490  -16.606 -3.901  1.00 73.98  ? 30  U   X "C5'" 1 
ATOM   621  C  "C4'" . U   A 1 30 ? -3.695  -16.793 -5.379  1.00 77.06  ? 30  U   X "C4'" 1 
ATOM   622  O  "O4'" . U   A 1 30 ? -4.996  -16.300 -5.788  1.00 70.81  ? 30  U   X "O4'" 1 
ATOM   623  C  "C3'" . U   A 1 30 ? -2.751  -16.080 -6.332  1.00 73.26  ? 30  U   X "C3'" 1 
ATOM   624  O  "O3'" . U   A 1 30 ? -1.443  -16.635 -6.372  1.00 75.90  ? 30  U   X "O3'" 1 
ATOM   625  C  "C2'" . U   A 1 30 ? -3.516  -16.209 -7.641  1.00 72.97  ? 30  U   X "C2'" 1 
ATOM   626  O  "O2'" . U   A 1 30 ? -3.431  -17.540 -8.124  1.00 74.78  ? 30  U   X "O2'" 1 
ATOM   627  C  "C1'" . U   A 1 30 ? -4.953  -15.988 -7.167  1.00 70.00  ? 30  U   X "C1'" 1 
ATOM   628  N  N1    . U   A 1 30 ? -5.377  -14.593 -7.383  1.00 66.93  ? 30  U   X N1    1 
ATOM   629  C  C2    . U   A 1 30 ? -5.799  -14.299 -8.662  1.00 67.52  ? 30  U   X C2    1 
ATOM   630  O  O2    . U   A 1 30 ? -5.850  -15.125 -9.557  1.00 67.97  ? 30  U   X O2    1 
ATOM   631  N  N3    . U   A 1 30 ? -6.173  -13.002 -8.862  1.00 67.72  ? 30  U   X N3    1 
ATOM   632  C  C4    . U   A 1 30 ? -6.150  -11.987 -7.933  1.00 67.46  ? 30  U   X C4    1 
ATOM   633  O  O4    . U   A 1 30 ? -6.524  -10.860 -8.269  1.00 67.78  ? 30  U   X O4    1 
ATOM   634  C  C5    . U   A 1 30 ? -5.686  -12.378 -6.633  1.00 71.56  ? 30  U   X C5    1 
ATOM   635  C  C6    . U   A 1 30 ? -5.316  -13.641 -6.400  1.00 69.93  ? 30  U   X C6    1 
ATOM   636  P  P     . A   A 1 31 ? -0.183  -15.762 -6.883  1.00 76.67  ? 31  A   X P     1 
ATOM   637  O  OP1   . A   A 1 31 ? 1.046   -16.569 -6.675  1.00 80.58  ? 31  A   X OP1   1 
ATOM   638  O  OP2   . A   A 1 31 ? -0.250  -14.391 -6.317  1.00 78.53  ? 31  A   X OP2   1 
ATOM   639  O  "O5'" . A   A 1 31 ? -0.404  -15.623 -8.457  1.00 75.29  ? 31  A   X "O5'" 1 
ATOM   640  C  "C5'" . A   A 1 31 ? -0.537  -16.767 -9.291  1.00 72.35  ? 31  A   X "C5'" 1 
ATOM   641  C  "C4'" . A   A 1 31 ? -1.054  -16.393 -10.658 1.00 68.15  ? 31  A   X "C4'" 1 
ATOM   642  O  "O4'" . A   A 1 31 ? -2.363  -15.791 -10.548 1.00 72.96  ? 31  A   X "O4'" 1 
ATOM   643  C  "C3'" . A   A 1 31 ? -0.244  -15.351 -11.403 1.00 67.67  ? 31  A   X "C3'" 1 
ATOM   644  O  "O3'" . A   A 1 31 ? 0.893   -15.903 -12.028 1.00 77.00  ? 31  A   X "O3'" 1 
ATOM   645  C  "C2'" . A   A 1 31 ? -1.251  -14.772 -12.386 1.00 66.44  ? 31  A   X "C2'" 1 
ATOM   646  O  "O2'" . A   A 1 31 ? -1.411  -15.616 -13.515 1.00 69.99  ? 31  A   X "O2'" 1 
ATOM   647  C  "C1'" . A   A 1 31 ? -2.538  -14.834 -11.575 1.00 71.13  ? 31  A   X "C1'" 1 
ATOM   648  N  N9    . A   A 1 31 ? -2.915  -13.532 -10.998 1.00 68.42  ? 31  A   X N9    1 
ATOM   649  C  C8    . A   A 1 31 ? -2.894  -13.120 -9.687  1.00 69.25  ? 31  A   X C8    1 
ATOM   650  N  N7    . A   A 1 31 ? -3.332  -11.890 -9.528  1.00 69.57  ? 31  A   X N7    1 
ATOM   651  C  C5    . A   A 1 31 ? -3.670  -11.479 -10.812 1.00 65.93  ? 31  A   X C5    1 
ATOM   652  C  C6    . A   A 1 31 ? -4.199  -10.281 -11.318 1.00 64.20  ? 31  A   X C6    1 
ATOM   653  N  N6    . A   A 1 31 ? -4.495  -9.223  -10.557 1.00 62.57  ? 31  A   X N6    1 
ATOM   654  N  N1    . A   A 1 31 ? -4.413  -10.206 -12.654 1.00 63.80  ? 31  A   X N1    1 
ATOM   655  C  C2    . A   A 1 31 ? -4.118  -11.268 -13.418 1.00 63.26  ? 31  A   X C2    1 
ATOM   656  N  N3    . A   A 1 31 ? -3.622  -12.449 -13.055 1.00 61.97  ? 31  A   X N3    1 
ATOM   657  C  C4    . A   A 1 31 ? -3.418  -12.484 -11.728 1.00 64.87  ? 31  A   X C4    1 
ATOM   658  P  P     . A   A 1 32 ? 2.239   -15.048 -12.143 1.00 67.43  ? 32  A   X P     1 
ATOM   659  O  OP1   . A   A 1 32 ? 3.307   -16.072 -12.344 1.00 73.06  ? 32  A   X OP1   1 
ATOM   660  O  OP2   . A   A 1 32 ? 2.310   -14.084 -11.013 1.00 63.28  ? 32  A   X OP2   1 
ATOM   661  O  "O5'" . A   A 1 32 ? 2.051   -14.206 -13.486 1.00 66.19  ? 32  A   X "O5'" 1 
ATOM   662  C  "C5'" . A   A 1 32 ? 1.955   -14.867 -14.735 1.00 67.99  ? 32  A   X "C5'" 1 
ATOM   663  C  "C4'" . A   A 1 32 ? 1.496   -13.938 -15.825 1.00 69.78  ? 32  A   X "C4'" 1 
ATOM   664  O  "O4'" . A   A 1 32 ? 0.103   -13.576 -15.624 1.00 67.43  ? 32  A   X "O4'" 1 
ATOM   665  C  "C3'" . A   A 1 32 ? 2.197   -12.596 -15.902 1.00 69.23  ? 32  A   X "C3'" 1 
ATOM   666  O  "O3'" . A   A 1 32 ? 3.483   -12.645 -16.485 1.00 71.47  ? 32  A   X "O3'" 1 
ATOM   667  C  "C2'" . A   A 1 32 ? 1.198   -11.768 -16.691 1.00 67.18  ? 32  A   X "C2'" 1 
ATOM   668  O  "O2'" . A   A 1 32 ? 1.215   -12.152 -18.059 1.00 74.14  ? 32  A   X "O2'" 1 
ATOM   669  C  "C1'" . A   A 1 32 ? -0.110  -12.245 -16.065 1.00 65.80  ? 32  A   X "C1'" 1 
ATOM   670  N  N9    . A   A 1 32 ? -0.440  -11.406 -14.897 1.00 61.94  ? 32  A   X N9    1 
ATOM   671  C  C8    . A   A 1 32 ? -0.070  -11.604 -13.589 1.00 64.55  ? 32  A   X C8    1 
ATOM   672  N  N7    . A   A 1 32 ? -0.474  -10.661 -12.772 1.00 64.14  ? 32  A   X N7    1 
ATOM   673  C  C5    . A   A 1 32 ? -1.141  -9.763  -13.600 1.00 62.34  ? 32  A   X C5    1 
ATOM   674  C  C6    . A   A 1 32 ? -1.806  -8.544  -13.348 1.00 61.28  ? 32  A   X C6    1 
ATOM   675  N  N6    . A   A 1 32 ? -1.928  -7.986  -12.139 1.00 60.47  ? 32  A   X N6    1 
ATOM   676  N  N1    . A   A 1 32 ? -2.357  -7.903  -14.395 1.00 59.22  ? 32  A   X N1    1 
ATOM   677  C  C2    . A   A 1 32 ? -2.250  -8.461  -15.603 1.00 60.38  ? 32  A   X C2    1 
ATOM   678  N  N3    . A   A 1 32 ? -1.652  -9.594  -15.967 1.00 63.19  ? 32  A   X N3    1 
ATOM   679  C  C4    . A   A 1 32 ? -1.110  -10.206 -14.909 1.00 59.64  ? 32  A   X C4    1 
ATOM   680  P  P     . G   A 1 33 ? 4.613   -11.615 -15.975 1.00 74.84  ? 33  G   X P     1 
ATOM   681  O  OP1   . G   A 1 33 ? 5.873   -11.945 -16.720 1.00 68.80  ? 33  G   X OP1   1 
ATOM   682  O  OP2   . G   A 1 33 ? 4.584   -11.618 -14.484 1.00 69.70  ? 33  G   X OP2   1 
ATOM   683  O  "O5'" . G   A 1 33 ? 4.072   -10.178 -16.415 1.00 59.22  ? 33  G   X "O5'" 1 
ATOM   684  C  "C5'" . G   A 1 33 ? 4.146   -9.787  -17.772 1.00 65.79  ? 33  G   X "C5'" 1 
ATOM   685  C  "C4'" . G   A 1 33 ? 3.295   -8.585  -18.072 1.00 65.92  ? 33  G   X "C4'" 1 
ATOM   686  O  "O4'" . G   A 1 33 ? 1.971   -8.735  -17.490 1.00 65.67  ? 33  G   X "O4'" 1 
ATOM   687  C  "C3'" . G   A 1 33 ? 3.759   -7.253  -17.517 1.00 67.64  ? 33  G   X "C3'" 1 
ATOM   688  O  "O3'" . G   A 1 33 ? 4.865   -6.692  -18.195 1.00 67.06  ? 33  G   X "O3'" 1 
ATOM   689  C  "C2'" . G   A 1 33 ? 2.488   -6.435  -17.633 1.00 64.06  ? 33  G   X "C2'" 1 
ATOM   690  O  "O2'" . G   A 1 33 ? 2.215   -6.159  -19.004 1.00 61.87  ? 33  G   X "O2'" 1 
ATOM   691  C  "C1'" . G   A 1 33 ? 1.472   -7.457  -17.133 1.00 65.39  ? 33  G   X "C1'" 1 
ATOM   692  N  N9    . G   A 1 33 ? 1.354   -7.377  -15.657 1.00 64.31  ? 33  G   X N9    1 
ATOM   693  C  C8    . G   A 1 33 ? 1.808   -8.246  -14.690 1.00 62.00  ? 33  G   X C8    1 
ATOM   694  N  N7    . G   A 1 33 ? 1.569   -7.843  -13.467 1.00 60.76  ? 33  G   X N7    1 
ATOM   695  C  C5    . G   A 1 33 ? 0.926   -6.627  -13.635 1.00 63.58  ? 33  G   X C5    1 
ATOM   696  C  C6    . G   A 1 33 ? 0.397   -5.712  -12.678 1.00 58.28  ? 33  G   X C6    1 
ATOM   697  O  O6    . G   A 1 33 ? 0.440   -5.811  -11.460 1.00 53.63  ? 33  G   X O6    1 
ATOM   698  N  N1    . G   A 1 33 ? -0.179  -4.594  -13.271 1.00 56.02  ? 33  G   X N1    1 
ATOM   699  C  C2    . G   A 1 33 ? -0.236  -4.396  -14.638 1.00 60.07  ? 33  G   X C2    1 
ATOM   700  N  N2    . G   A 1 33 ? -0.814  -3.278  -15.092 1.00 61.36  ? 33  G   X N2    1 
ATOM   701  N  N3    . G   A 1 33 ? 0.232   -5.245  -15.534 1.00 62.96  ? 33  G   X N3    1 
ATOM   702  C  C4    . G   A 1 33 ? 0.801   -6.328  -14.971 1.00 59.14  ? 33  G   X C4    1 
ATOM   703  P  P     . G   A 1 34 ? 5.906   -5.765  -17.395 1.00 67.33  ? 34  G   X P     1 
ATOM   704  O  OP1   . G   A 1 34 ? 7.073   -5.509  -18.279 1.00 73.83  ? 34  G   X OP1   1 
ATOM   705  O  OP2   . G   A 1 34 ? 6.157   -6.332  -16.052 1.00 65.19  ? 34  G   X OP2   1 
ATOM   706  O  "O5'" . G   A 1 34 ? 5.139   -4.385  -17.256 1.00 61.79  ? 34  G   X "O5'" 1 
ATOM   707  C  "C5'" . G   A 1 34 ? 4.637   -3.738  -18.408 1.00 61.42  ? 34  G   X "C5'" 1 
ATOM   708  C  "C4'" . G   A 1 34 ? 3.792   -2.564  -18.017 1.00 60.00  ? 34  G   X "C4'" 1 
ATOM   709  O  "O4'" . G   A 1 34 ? 2.677   -3.026  -17.202 1.00 67.83  ? 34  G   X "O4'" 1 
ATOM   710  C  "C3'" . G   A 1 34 ? 4.493   -1.547  -17.140 1.00 63.21  ? 34  G   X "C3'" 1 
ATOM   711  O  "O3'" . G   A 1 34 ? 5.286   -0.634  -17.879 1.00 63.81  ? 34  G   X "O3'" 1 
ATOM   712  C  "C2'" . G   A 1 34 ? 3.340   -0.892  -16.393 1.00 58.28  ? 34  G   X "C2'" 1 
ATOM   713  O  "O2'" . G   A 1 34 ? 2.698   0.067   -17.215 1.00 58.82  ? 34  G   X "O2'" 1 
ATOM   714  C  "C1'" . G   A 1 34 ? 2.396   -2.080  -16.190 1.00 59.68  ? 34  G   X "C1'" 1 
ATOM   715  N  N9    . G   A 1 34 ? 2.598   -2.715  -14.872 1.00 58.52  ? 34  G   X N9    1 
ATOM   716  C  C8    . G   A 1 34 ? 3.238   -3.897  -14.589 1.00 60.28  ? 34  G   X C8    1 
ATOM   717  N  N7    . G   A 1 34 ? 3.261   -4.180  -13.313 1.00 60.01  ? 34  G   X N7    1 
ATOM   718  C  C5    . G   A 1 34 ? 2.591   -3.120  -12.719 1.00 58.72  ? 34  G   X C5    1 
ATOM   719  C  C6    . G   A 1 34 ? 2.296   -2.864  -11.355 1.00 59.76  ? 34  G   X C6    1 
ATOM   720  O  O6    . G   A 1 34 ? 2.582   -3.558  -10.370 1.00 60.89  ? 34  G   X O6    1 
ATOM   721  N  N1    . G   A 1 34 ? 1.604   -1.669  -11.190 1.00 55.02  ? 34  G   X N1    1 
ATOM   722  C  C2    . G   A 1 34 ? 1.243   -0.829  -12.214 1.00 57.89  ? 34  G   X C2    1 
ATOM   723  N  N2    . G   A 1 34 ? 0.577   0.285   -11.885 1.00 55.66  ? 34  G   X N2    1 
ATOM   724  N  N3    . G   A 1 34 ? 1.510   -1.060  -13.487 1.00 61.94  ? 34  G   X N3    1 
ATOM   725  C  C4    . G   A 1 34 ? 2.183   -2.212  -13.664 1.00 59.24  ? 34  G   X C4    1 
ATOM   726  P  P     . G   A 1 35 ? 6.640   -0.062  -17.238 1.00 65.35  ? 35  G   X P     1 
ATOM   727  O  OP1   . G   A 1 35 ? 7.245   0.909   -18.184 1.00 75.90  ? 35  G   X OP1   1 
ATOM   728  O  OP2   . G   A 1 35 ? 7.413   -1.231  -16.750 1.00 67.92  ? 35  G   X OP2   1 
ATOM   729  O  "O5'" . G   A 1 35 ? 6.160   0.764   -15.961 1.00 65.15  ? 35  G   X "O5'" 1 
ATOM   730  C  "C5'" . G   A 1 35 ? 5.362   1.930   -16.097 1.00 66.81  ? 35  G   X "C5'" 1 
ATOM   731  C  "C4'" . G   A 1 35 ? 4.895   2.428   -14.754 1.00 68.05  ? 35  G   X "C4'" 1 
ATOM   732  O  "O4'" . G   A 1 35 ? 4.009   1.445   -14.148 1.00 64.60  ? 35  G   X "O4'" 1 
ATOM   733  C  "C3'" . G   A 1 35 ? 5.994   2.642   -13.719 1.00 66.34  ? 35  G   X "C3'" 1 
ATOM   734  O  "O3'" . G   A 1 35 ? 6.633   3.903   -13.866 1.00 68.76  ? 35  G   X "O3'" 1 
ATOM   735  C  "C2'" . G   A 1 35 ? 5.243   2.482   -12.402 1.00 63.95  ? 35  G   X "C2'" 1 
ATOM   736  O  "O2'" . G   A 1 35 ? 4.515   3.664   -12.099 1.00 60.62  ? 35  G   X "O2'" 1 
ATOM   737  C  "C1'" . G   A 1 35 ? 4.244   1.377   -12.757 1.00 62.29  ? 35  G   X "C1'" 1 
ATOM   738  N  N9    . G   A 1 35 ? 4.772   0.035   -12.433 1.00 59.72  ? 35  G   X N9    1 
ATOM   739  C  C8    . G   A 1 35 ? 5.367   -0.880  -13.270 1.00 57.92  ? 35  G   X C8    1 
ATOM   740  N  N7    . G   A 1 35 ? 5.735   -1.977  -12.664 1.00 52.60  ? 35  G   X N7    1 
ATOM   741  C  C5    . G   A 1 35 ? 5.358   -1.779  -11.343 1.00 59.65  ? 35  G   X C5    1 
ATOM   742  C  C6    . G   A 1 35 ? 5.482   -2.620  -10.206 1.00 58.45  ? 35  G   X C6    1 
ATOM   743  O  O6    . G   A 1 35 ? 5.981   -3.757  -10.146 1.00 51.57  ? 35  G   X O6    1 
ATOM   744  N  N1    . G   A 1 35 ? 4.949   -2.013  -9.063  1.00 52.72  ? 35  G   X N1    1 
ATOM   745  C  C2    . G   A 1 35 ? 4.385   -0.759  -9.017  1.00 55.99  ? 35  G   X C2    1 
ATOM   746  N  N2    . G   A 1 35 ? 3.933   -0.319  -7.827  1.00 55.91  ? 35  G   X N2    1 
ATOM   747  N  N3    . G   A 1 35 ? 4.260   0.024   -10.073 1.00 57.85  ? 35  G   X N3    1 
ATOM   748  C  C4    . G   A 1 35 ? 4.761   -0.545  -11.189 1.00 60.99  ? 35  G   X C4    1 
ATOM   749  P  P     . C   A 1 36 ? 8.211   4.088   -13.587 1.00 81.36  ? 36  C   X P     1 
ATOM   750  O  OP1   . C   A 1 36 ? 8.697   3.142   -12.547 1.00 76.51  ? 36  C   X OP1   1 
ATOM   751  O  OP2   . C   A 1 36 ? 8.418   5.542   -13.377 1.00 85.36  ? 36  C   X OP2   1 
ATOM   752  O  "O5'" . C   A 1 36 ? 8.910   3.727   -14.972 1.00 79.42  ? 36  C   X "O5'" 1 
ATOM   753  C  "C5'" . C   A 1 36 ? 9.052   2.375   -15.392 1.00 80.54  ? 36  C   X "C5'" 1 
ATOM   754  C  "C4'" . C   A 1 36 ? 10.476  2.041   -15.767 1.00 82.59  ? 36  C   X "C4'" 1 
ATOM   755  O  "O4'" . C   A 1 36 ? 10.890  2.847   -16.902 1.00 83.26  ? 36  C   X "O4'" 1 
ATOM   756  C  "C3'" . C   A 1 36 ? 11.529  2.271   -14.678 1.00 87.47  ? 36  C   X "C3'" 1 
ATOM   757  O  "O3'" . C   A 1 36 ? 12.571  1.308   -14.821 1.00 82.96  ? 36  C   X "O3'" 1 
ATOM   758  C  "C2'" . C   A 1 36 ? 12.111  3.619   -15.068 1.00 87.44  ? 36  C   X "C2'" 1 
ATOM   759  O  "O2'" . C   A 1 36 ? 13.411  3.857   -14.570 1.00 83.61  ? 36  C   X "O2'" 1 
ATOM   760  C  "C1'" . C   A 1 36 ? 12.107  3.494   -16.585 1.00 90.09  ? 36  C   X "C1'" 1 
ATOM   761  N  N1    . C   A 1 36 ? 12.204  4.770   -17.306 1.00 92.81  ? 36  C   X N1    1 
ATOM   762  C  C2    . C   A 1 36 ? 13.223  4.850   -18.264 1.00 93.89  ? 36  C   X C2    1 
ATOM   763  O  O2    . C   A 1 36 ? 13.933  3.851   -18.450 1.00 89.26  ? 36  C   X O2    1 
ATOM   764  N  N3    . C   A 1 36 ? 13.393  5.999   -18.961 1.00 97.41  ? 36  C   X N3    1 
ATOM   765  C  C4    . C   A 1 36 ? 12.589  7.041   -18.715 1.00 99.16  ? 36  C   X C4    1 
ATOM   766  N  N4    . C   A 1 36 ? 12.796  8.153   -19.430 1.00 94.75  ? 36  C   X N4    1 
ATOM   767  C  C5    . C   A 1 36 ? 11.542  6.987   -17.732 1.00 93.22  ? 36  C   X C5    1 
ATOM   768  C  C6    . C   A 1 36 ? 11.387  5.842   -17.048 1.00 90.65  ? 36  C   X C6    1 
ATOM   769  P  P     . A   A 1 37 ? 12.237  -0.208  -15.224 1.00 92.64  ? 37  A   X P     1 
ATOM   770  O  OP1   . A   A 1 37 ? 12.075  -0.311  -16.705 1.00 82.05  ? 37  A   X OP1   1 
ATOM   771  O  OP2   . A   A 1 37 ? 11.166  -0.690  -14.300 1.00 88.98  ? 37  A   X OP2   1 
ATOM   772  O  "O5'" . A   A 1 37 ? 13.571  -0.985  -14.840 1.00 77.90  ? 37  A   X "O5'" 1 
ATOM   773  C  "C5'" . A   A 1 37 ? 14.312  -1.682  -15.824 1.00 74.81  ? 37  A   X "C5'" 1 
ATOM   774  C  "C4'" . A   A 1 37 ? 15.373  -2.520  -15.175 1.00 72.37  ? 37  A   X "C4'" 1 
ATOM   775  O  "O4'" . A   A 1 37 ? 16.472  -1.670  -14.760 1.00 71.65  ? 37  A   X "O4'" 1 
ATOM   776  C  "C3'" . A   A 1 37 ? 14.945  -3.210  -13.894 1.00 73.08  ? 37  A   X "C3'" 1 
ATOM   777  O  "O3'" . A   A 1 37 ? 14.230  -4.407  -14.118 1.00 80.16  ? 37  A   X "O3'" 1 
ATOM   778  C  "C2'" . A   A 1 37 ? 16.266  -3.410  -13.173 1.00 66.35  ? 37  A   X "C2'" 1 
ATOM   779  O  "O2'" . A   A 1 37 ? 16.991  -4.475  -13.767 1.00 70.46  ? 37  A   X "O2'" 1 
ATOM   780  C  "C1'" . A   A 1 37 ? 16.972  -2.107  -13.513 1.00 66.31  ? 37  A   X "C1'" 1 
ATOM   781  N  N9    . A   A 1 37 ? 16.704  -1.050  -12.520 1.00 59.20  ? 37  A   X N9    1 
ATOM   782  C  C8    . A   A 1 37 ? 15.914  0.064   -12.682 1.00 58.72  ? 37  A   X C8    1 
ATOM   783  N  N7    . A   A 1 37 ? 15.900  0.838   -11.625 1.00 60.19  ? 37  A   X N7    1 
ATOM   784  C  C5    . A   A 1 37 ? 16.734  0.194   -10.721 1.00 54.79  ? 37  A   X C5    1 
ATOM   785  C  C6    . A   A 1 37 ? 17.129  0.508   -9.416  1.00 58.27  ? 37  A   X C6    1 
ATOM   786  N  N6    . A   A 1 37 ? 16.716  1.600   -8.764  1.00 63.51  ? 37  A   X N6    1 
ATOM   787  N  N1    . A   A 1 37 ? 17.968  -0.347  -8.792  1.00 58.14  ? 37  A   X N1    1 
ATOM   788  C  C2    . A   A 1 37 ? 18.383  -1.440  -9.450  1.00 58.82  ? 37  A   X C2    1 
ATOM   789  N  N3    . A   A 1 37 ? 18.079  -1.845  -10.678 1.00 56.03  ? 37  A   X N3    1 
ATOM   790  C  C4    . A   A 1 37 ? 17.240  -0.972  -11.259 1.00 56.94  ? 37  A   X C4    1 
ATOM   791  P  P     . A   A 1 38 ? 13.158  -4.914  -13.040 1.00 66.45  ? 38  A   X P     1 
ATOM   792  O  OP1   . A   A 1 38 ? 12.658  -6.177  -13.643 1.00 77.54  ? 38  A   X OP1   1 
ATOM   793  O  OP2   . A   A 1 38 ? 12.292  -3.777  -12.619 1.00 68.34  ? 38  A   X OP2   1 
ATOM   794  O  "O5'" . A   A 1 38 ? 14.015  -5.340  -11.768 1.00 62.44  ? 38  A   X "O5'" 1 
ATOM   795  C  "C5'" . A   A 1 38 ? 14.971  -6.379  -11.863 1.00 65.04  ? 38  A   X "C5'" 1 
ATOM   796  C  "C4'" . A   A 1 38 ? 15.859  -6.408  -10.648 1.00 69.90  ? 38  A   X "C4'" 1 
ATOM   797  O  "O4'" . A   A 1 38 ? 16.485  -5.115  -10.455 1.00 64.57  ? 38  A   X "O4'" 1 
ATOM   798  C  "C3'" . A   A 1 38 ? 15.148  -6.675  -9.338  1.00 63.64  ? 38  A   X "C3'" 1 
ATOM   799  O  "O3'" . A   A 1 38 ? 14.921  -8.054  -9.133  1.00 73.69  ? 38  A   X "O3'" 1 
ATOM   800  C  "C2'" . A   A 1 38 ? 16.087  -6.061  -8.315  1.00 64.80  ? 38  A   X "C2'" 1 
ATOM   801  O  "O2'" . A   A 1 38 ? 17.164  -6.941  -8.045  1.00 70.97  ? 38  A   X "O2'" 1 
ATOM   802  C  "C1'" . A   A 1 38 ? 16.617  -4.846  -9.079  1.00 62.75  ? 38  A   X "C1'" 1 
ATOM   803  N  N9    . A   A 1 38 ? 15.846  -3.628  -8.770  1.00 61.26  ? 38  A   X N9    1 
ATOM   804  C  C8    . A   A 1 38 ? 14.928  -2.935  -9.537  1.00 58.23  ? 38  A   X C8    1 
ATOM   805  N  N7    . A   A 1 38 ? 14.443  -1.874  -8.928  1.00 59.60  ? 38  A   X N7    1 
ATOM   806  C  C5    . A   A 1 38 ? 15.084  -1.879  -7.690  1.00 56.85  ? 38  A   X C5    1 
ATOM   807  C  C6    . A   A 1 38 ? 15.026  -1.045  -6.566  1.00 60.71  ? 38  A   X C6    1 
ATOM   808  N  N6    . A   A 1 38 ? 14.243  0.028   -6.465  1.00 67.78  ? 38  A   X N6    1 
ATOM   809  N  N1    . A   A 1 38 ? 15.797  -1.360  -5.501  1.00 64.58  ? 38  A   X N1    1 
ATOM   810  C  C2    . A   A 1 38 ? 16.590  -2.436  -5.560  1.00 58.51  ? 38  A   X C2    1 
ATOM   811  N  N3    . A   A 1 38 ? 16.733  -3.294  -6.556  1.00 57.83  ? 38  A   X N3    1 
ATOM   812  C  C4    . A   A 1 38 ? 15.949  -2.952  -7.588  1.00 57.71  ? 38  A   X C4    1 
ATOM   813  P  P     . U   A 1 39 ? 13.482  -8.556  -8.626  1.00 68.40  ? 39  U   X P     1 
ATOM   814  O  OP1   . U   A 1 39 ? 13.575  -10.028 -8.459  1.00 75.19  ? 39  U   X OP1   1 
ATOM   815  O  OP2   . U   A 1 39 ? 12.445  -7.966  -9.525  1.00 58.77  ? 39  U   X OP2   1 
ATOM   816  O  "O5'" . U   A 1 39 ? 13.401  -7.938  -7.169  1.00 57.89  ? 39  U   X "O5'" 1 
ATOM   817  C  "C5'" . U   A 1 39 ? 14.323  -8.346  -6.171  1.00 59.91  ? 39  U   X "C5'" 1 
ATOM   818  C  "C4'" . U   A 1 39 ? 14.236  -7.463  -4.953  1.00 66.09  ? 39  U   X "C4'" 1 
ATOM   819  O  "O4'" . U   A 1 39 ? 14.672  -6.117  -5.292  1.00 60.97  ? 39  U   X "O4'" 1 
ATOM   820  C  "C3'" . U   A 1 39 ? 12.842  -7.259  -4.362  1.00 57.69  ? 39  U   X "C3'" 1 
ATOM   821  O  "O3'" . U   A 1 39 ? 12.418  -8.328  -3.535  1.00 64.57  ? 39  U   X "O3'" 1 
ATOM   822  C  "C2'" . U   A 1 39 ? 12.995  -5.942  -3.617  1.00 58.85  ? 39  U   X "C2'" 1 
ATOM   823  O  "O2'" . U   A 1 39 ? 13.708  -6.142  -2.403  1.00 59.72  ? 39  U   X "O2'" 1 
ATOM   824  C  "C1'" . U   A 1 39 ? 13.907  -5.168  -4.573  1.00 59.27  ? 39  U   X "C1'" 1 
ATOM   825  N  N1    . U   A 1 39 ? 13.140  -4.350  -5.540  1.00 55.15  ? 39  U   X N1    1 
ATOM   826  C  C2    . U   A 1 39 ? 12.640  -3.146  -5.100  1.00 55.30  ? 39  U   X C2    1 
ATOM   827  O  O2    . U   A 1 39 ? 12.818  -2.758  -3.962  1.00 54.15  ? 39  U   X O2    1 
ATOM   828  N  N3    . U   A 1 39 ? 11.938  -2.426  -6.038  1.00 53.28  ? 39  U   X N3    1 
ATOM   829  C  C4    . U   A 1 39 ? 11.695  -2.809  -7.346  1.00 56.37  ? 39  U   X C4    1 
ATOM   830  O  O4    . U   A 1 39 ? 11.062  -2.074  -8.103  1.00 57.02  ? 39  U   X O4    1 
ATOM   831  C  C5    . U   A 1 39 ? 12.239  -4.076  -7.717  1.00 58.06  ? 39  U   X C5    1 
ATOM   832  C  C6    . U   A 1 39 ? 12.925  -4.784  -6.819  1.00 57.38  ? 39  U   X C6    1 
ATOM   833  P  P     . A   A 1 40 ? 10.868  -8.794  -3.513  1.00 58.36  ? 40  A   X P     1 
ATOM   834  O  OP1   . A   A 1 40 ? 10.834  -9.973  -2.613  1.00 63.59  ? 40  A   X OP1   1 
ATOM   835  O  OP2   . A   A 1 40 ? 10.349  -8.887  -4.905  1.00 59.23  ? 40  A   X OP2   1 
ATOM   836  O  "O5'" . A   A 1 40 ? 10.096  -7.609  -2.786  1.00 57.64  ? 40  A   X "O5'" 1 
ATOM   837  C  "C5'" . A   A 1 40 ? 10.331  -7.341  -1.412  1.00 51.45  ? 40  A   X "C5'" 1 
ATOM   838  C  "C4'" . A   A 1 40 ? 9.549   -6.143  -0.969  1.00 58.59  ? 40  A   X "C4'" 1 
ATOM   839  O  "O4'" . A   A 1 40 ? 10.063  -4.958  -1.627  1.00 55.17  ? 40  A   X "O4'" 1 
ATOM   840  C  "C3'" . A   A 1 40 ? 8.072   -6.161  -1.346  1.00 56.19  ? 40  A   X "C3'" 1 
ATOM   841  O  "O3'" . A   A 1 40 ? 7.286   -6.930  -0.462  1.00 50.76  ? 40  A   X "O3'" 1 
ATOM   842  C  "C2'" . A   A 1 40 ? 7.713   -4.688  -1.357  1.00 52.92  ? 40  A   X "C2'" 1 
ATOM   843  O  "O2'" . A   A 1 40 ? 7.530   -4.218  -0.034  1.00 51.93  ? 40  A   X "O2'" 1 
ATOM   844  C  "C1'" . A   A 1 40 ? 8.999   -4.074  -1.923  1.00 58.18  ? 40  A   X "C1'" 1 
ATOM   845  N  N9    . A   A 1 40 ? 8.937   -3.906  -3.385  1.00 53.83  ? 40  A   X N9    1 
ATOM   846  C  C8    . A   A 1 40 ? 9.449   -4.740  -4.349  1.00 55.06  ? 40  A   X C8    1 
ATOM   847  N  N7    . A   A 1 40 ? 9.244   -4.313  -5.572  1.00 54.78  ? 40  A   X N7    1 
ATOM   848  C  C5    . A   A 1 40 ? 8.558   -3.122  -5.387  1.00 53.20  ? 40  A   X C5    1 
ATOM   849  C  C6    . A   A 1 40 ? 8.048   -2.182  -6.289  1.00 57.33  ? 40  A   X C6    1 
ATOM   850  N  N6    . A   A 1 40 ? 8.169   -2.319  -7.608  1.00 58.41  ? 40  A   X N6    1 
ATOM   851  N  N1    . A   A 1 40 ? 7.397   -1.097  -5.789  1.00 57.19  ? 40  A   X N1    1 
ATOM   852  C  C2    . A   A 1 40 ? 7.282   -0.981  -4.456  1.00 55.83  ? 40  A   X C2    1 
ATOM   853  N  N3    . A   A 1 40 ? 7.727   -1.804  -3.504  1.00 53.29  ? 40  A   X N3    1 
ATOM   854  C  C4    . A   A 1 40 ? 8.358   -2.859  -4.046  1.00 53.95  ? 40  A   X C4    1 
ATOM   855  P  P     . C   A 1 41 ? 5.995   -7.723  -1.004  1.00 52.61  ? 41  C   X P     1 
ATOM   856  O  OP1   . C   A 1 41 ? 5.401   -8.316  0.225   1.00 57.90  ? 41  C   X OP1   1 
ATOM   857  O  OP2   . C   A 1 41 ? 6.290   -8.654  -2.113  1.00 48.62  ? 41  C   X OP2   1 
ATOM   858  O  "O5'" . C   A 1 41 ? 5.011   -6.573  -1.507  1.00 53.80  ? 41  C   X "O5'" 1 
ATOM   859  C  "C5'" . C   A 1 41 ? 4.381   -5.708  -0.571  1.00 51.42  ? 41  C   X "C5'" 1 
ATOM   860  C  "C4'" . C   A 1 41 ? 3.681   -4.552  -1.240  1.00 52.26  ? 41  C   X "C4'" 1 
ATOM   861  O  "O4'" . C   A 1 41 ? 4.632   -3.785  -2.027  1.00 53.78  ? 41  C   X "O4'" 1 
ATOM   862  C  "C3'" . C   A 1 41 ? 2.582   -4.912  -2.232  1.00 55.61  ? 41  C   X "C3'" 1 
ATOM   863  O  "O3'" . C   A 1 41 ? 1.341   -5.170  -1.610  1.00 51.45  ? 41  C   X "O3'" 1 
ATOM   864  C  "C2'" . C   A 1 41 ? 2.516   -3.686  -3.114  1.00 55.89  ? 41  C   X "C2'" 1 
ATOM   865  O  "O2'" . C   A 1 41 ? 1.753   -2.675  -2.464  1.00 55.33  ? 41  C   X "O2'" 1 
ATOM   866  C  "C1'" . C   A 1 41 ? 3.994   -3.273  -3.178  1.00 53.51  ? 41  C   X "C1'" 1 
ATOM   867  N  N1    . C   A 1 41 ? 4.667   -3.828  -4.379  1.00 53.98  ? 41  C   X N1    1 
ATOM   868  C  C2    . C   A 1 41 ? 4.575   -3.121  -5.575  1.00 53.17  ? 41  C   X C2    1 
ATOM   869  O  O2    . C   A 1 41 ? 3.948   -2.052  -5.588  1.00 52.11  ? 41  C   X O2    1 
ATOM   870  N  N3    . C   A 1 41 ? 5.175   -3.614  -6.681  1.00 54.30  ? 41  C   X N3    1 
ATOM   871  C  C4    . C   A 1 41 ? 5.840   -4.772  -6.638  1.00 55.29  ? 41  C   X C4    1 
ATOM   872  N  N4    . C   A 1 41 ? 6.412   -5.221  -7.768  1.00 52.58  ? 41  C   X N4    1 
ATOM   873  C  C5    . C   A 1 41 ? 5.939   -5.517  -5.429  1.00 53.34  ? 41  C   X C5    1 
ATOM   874  C  C6    . C   A 1 41 ? 5.347   -5.011  -4.339  1.00 51.86  ? 41  C   X C6    1 
ATOM   875  P  P     . A   A 1 42 ? 0.570   -6.546  -1.890  1.00 55.35  ? 42  A   X P     1 
ATOM   876  O  OP1   . A   A 1 42 ? 0.886   -7.175  -3.168  1.00 56.96  ? 42  A   X OP1   1 
ATOM   877  O  OP2   . A   A 1 42 ? -0.863  -6.281  -1.559  1.00 58.39  ? 42  A   X OP2   1 
ATOM   878  O  "O5'" . A   A 1 42 ? 1.141   -7.503  -0.768  1.00 53.05  ? 42  A   X "O5'" 1 
ATOM   879  C  "C5'" . A   A 1 42 ? 0.625   -7.404  0.544   1.00 44.46  ? 42  A   X "C5'" 1 
ATOM   880  C  "C4'" . A   A 1 42 ? 1.388   -8.262  1.502   1.00 48.12  ? 42  A   X "C4'" 1 
ATOM   881  O  "O4'" . A   A 1 42 ? 2.706   -7.686  1.742   1.00 48.12  ? 42  A   X "O4'" 1 
ATOM   882  C  "C3'" . A   A 1 42 ? 0.766   -8.366  2.880   1.00 44.00  ? 42  A   X "C3'" 1 
ATOM   883  O  "O3'" . A   A 1 42 ? -0.258  -9.353  2.947   1.00 56.19  ? 42  A   X "O3'" 1 
ATOM   884  C  "C2'" . A   A 1 42 ? 1.965   -8.683  3.751   1.00 50.08  ? 42  A   X "C2'" 1 
ATOM   885  O  "O2'" . A   A 1 42 ? 2.317   -10.046 3.591   1.00 50.02  ? 42  A   X "O2'" 1 
ATOM   886  C  "C1'" . A   A 1 42 ? 3.029   -7.784  3.107   1.00 43.59  ? 42  A   X "C1'" 1 
ATOM   887  N  N9    . A   A 1 42 ? 2.898   -6.427  3.667   1.00 46.03  ? 42  A   X N9    1 
ATOM   888  C  C8    . A   A 1 42 ? 2.303   -5.329  3.080   1.00 48.40  ? 42  A   X C8    1 
ATOM   889  N  N7    . A   A 1 42 ? 2.266   -4.264  3.848   1.00 47.81  ? 42  A   X N7    1 
ATOM   890  C  C5    . A   A 1 42 ? 2.863   -4.709  5.020   1.00 45.87  ? 42  A   X C5    1 
ATOM   891  C  C6    . A   A 1 42 ? 3.134   -4.069  6.230   1.00 48.28  ? 42  A   X C6    1 
ATOM   892  N  N6    . A   A 1 42 ? 2.833   -2.787  6.472   1.00 48.04  ? 42  A   X N6    1 
ATOM   893  N  N1    . A   A 1 42 ? 3.731   -4.799  7.194   1.00 46.71  ? 42  A   X N1    1 
ATOM   894  C  C2    . A   A 1 42 ? 4.029   -6.077  6.975   1.00 39.87  ? 42  A   X C2    1 
ATOM   895  N  N3    . A   A 1 42 ? 3.810   -6.792  5.884   1.00 44.23  ? 42  A   X N3    1 
ATOM   896  C  C4    . A   A 1 42 ? 3.231   -6.036  4.934   1.00 43.39  ? 42  A   X C4    1 
ATOM   897  P  P     . U   A 1 43 ? -1.739  -9.003  3.478   1.00 50.22  ? 43  U   X P     1 
ATOM   898  O  OP1   . U   A 1 43 ? -2.496  -10.266 3.342   1.00 57.93  ? 43  U   X OP1   1 
ATOM   899  O  OP2   . U   A 1 43 ? -2.213  -7.745  2.855   1.00 54.60  ? 43  U   X OP2   1 
ATOM   900  O  "O5'" . U   A 1 43 ? -1.550  -8.636  5.012   1.00 45.82  ? 43  U   X "O5'" 1 
ATOM   901  C  "C5'" . U   A 1 43 ? -0.682  -9.405  5.828   1.00 49.42  ? 43  U   X "C5'" 1 
ATOM   902  C  "C4'" . U   A 1 43 ? -0.322  -8.659  7.081   1.00 47.75  ? 43  U   X "C4'" 1 
ATOM   903  O  "O4'" . U   A 1 43 ? 0.568   -7.553  6.782   1.00 46.63  ? 43  U   X "O4'" 1 
ATOM   904  C  "C3'" . U   A 1 43 ? -1.467  -7.991  7.797   1.00 46.46  ? 43  U   X "C3'" 1 
ATOM   905  O  "O3'" . U   A 1 43 ? -2.275  -8.918  8.496   1.00 52.78  ? 43  U   X "O3'" 1 
ATOM   906  C  "C2'" . U   A 1 43 ? -0.729  -6.992  8.669   1.00 45.33  ? 43  U   X "C2'" 1 
ATOM   907  O  "O2'" . U   A 1 43 ? -0.035  -7.683  9.704   1.00 47.24  ? 43  U   X "O2'" 1 
ATOM   908  C  "C1'" . U   A 1 43 ? 0.332   -6.503  7.687   1.00 48.27  ? 43  U   X "C1'" 1 
ATOM   909  N  N1    . U   A 1 43 ? -0.116  -5.327  6.913   1.00 49.49  ? 43  U   X N1    1 
ATOM   910  C  C2    . U   A 1 43 ? -0.023  -4.096  7.533   1.00 46.53  ? 43  U   X C2    1 
ATOM   911  O  O2    . U   A 1 43 ? 0.414   -3.960  8.664   1.00 47.28  ? 43  U   X O2    1 
ATOM   912  N  N3    . U   A 1 43 ? -0.438  -3.029  6.773   1.00 46.24  ? 43  U   X N3    1 
ATOM   913  C  C4    . U   A 1 43 ? -0.951  -3.073  5.491   1.00 49.32  ? 43  U   X C4    1 
ATOM   914  O  O4    . U   A 1 43 ? -1.285  -2.015  4.942   1.00 49.11  ? 43  U   X O4    1 
ATOM   915  C  C5    . U   A 1 43 ? -1.033  -4.394  4.923   1.00 47.92  ? 43  U   X C5    1 
ATOM   916  C  C6    . U   A 1 43 ? -0.611  -5.454  5.628   1.00 46.61  ? 43  U   X C6    1 
ATOM   917  P  P     . A   A 1 44 ? -3.808  -8.580  8.842   1.00 46.85  ? 44  A   X P     1 
ATOM   918  O  OP1   . A   A 1 44 ? -4.347  -9.834  9.418   1.00 47.14  ? 44  A   X OP1   1 
ATOM   919  O  OP2   . A   A 1 44 ? -4.497  -7.985  7.667   1.00 44.70  ? 44  A   X OP2   1 
ATOM   920  O  "O5'" . A   A 1 44 ? -3.691  -7.446  9.945   1.00 47.45  ? 44  A   X "O5'" 1 
ATOM   921  C  "C5'" . A   A 1 44 ? -2.992  -7.679  11.160  1.00 45.92  ? 44  A   X "C5'" 1 
ATOM   922  C  "C4'" . A   A 1 44 ? -2.933  -6.416  11.983  1.00 53.52  ? 44  A   X "C4'" 1 
ATOM   923  O  "O4'" . A   A 1 44 ? -2.023  -5.478  11.354  1.00 45.90  ? 44  A   X "O4'" 1 
ATOM   924  C  "C3'" . A   A 1 44 ? -4.248  -5.642  12.126  1.00 46.58  ? 44  A   X "C3'" 1 
ATOM   925  O  "O3'" . A   A 1 44 ? -5.057  -6.137  13.186  1.00 55.74  ? 44  A   X "O3'" 1 
ATOM   926  C  "C2'" . A   A 1 44 ? -3.769  -4.217  12.348  1.00 51.59  ? 44  A   X "C2'" 1 
ATOM   927  O  "O2'" . A   A 1 44 ? -3.360  -4.047  13.694  1.00 57.30  ? 44  A   X "O2'" 1 
ATOM   928  C  "C1'" . A   A 1 44 ? -2.521  -4.166  11.461  1.00 54.46  ? 44  A   X "C1'" 1 
ATOM   929  N  N9    . A   A 1 44 ? -2.839  -3.674  10.104  1.00 54.24  ? 44  A   X N9    1 
ATOM   930  C  C8    . A   A 1 44 ? -3.146  -4.419  8.989   1.00 53.10  ? 44  A   X C8    1 
ATOM   931  N  N7    . A   A 1 44 ? -3.415  -3.692  7.930   1.00 52.38  ? 44  A   X N7    1 
ATOM   932  C  C5    . A   A 1 44 ? -3.300  -2.376  8.384   1.00 51.36  ? 44  A   X C5    1 
ATOM   933  C  C6    . A   A 1 44 ? -3.462  -1.123  7.750   1.00 52.31  ? 44  A   X C6    1 
ATOM   934  N  N6    . A   A 1 44 ? -3.798  -0.967  6.469   1.00 52.86  ? 44  A   X N6    1 
ATOM   935  N  N1    . A   A 1 44 ? -3.269  -0.007  8.483   1.00 52.47  ? 44  A   X N1    1 
ATOM   936  C  C2    . A   A 1 44 ? -2.952  -0.152  9.773   1.00 51.25  ? 44  A   X C2    1 
ATOM   937  N  N3    . A   A 1 44 ? -2.768  -1.263  10.477  1.00 52.53  ? 44  A   X N3    1 
ATOM   938  C  C4    . A   A 1 44 ? -2.950  -2.356  9.718   1.00 51.42  ? 44  A   X C4    1 
ATOM   939  P  P     . G   A 1 45 ? -6.668  -5.902  13.253  1.00 50.96  ? 45  G   X P     1 
ATOM   940  O  OP1   . G   A 1 45 ? -7.062  -6.453  14.557  1.00 56.32  ? 45  G   X OP1   1 
ATOM   941  O  OP2   . G   A 1 45 ? -7.322  -6.450  12.023  1.00 48.91  ? 45  G   X OP2   1 
ATOM   942  O  "O5'" . G   A 1 45 ? -6.861  -4.321  13.295  1.00 52.08  ? 45  G   X "O5'" 1 
ATOM   943  C  "C5'" . G   A 1 45 ? -6.500  -3.596  14.459  1.00 60.04  ? 45  G   X "C5'" 1 
ATOM   944  C  "C4'" . G   A 1 45 ? -6.463  -2.098  14.246  1.00 60.24  ? 45  G   X "C4'" 1 
ATOM   945  O  "O4'" . G   A 1 45 ? -5.579  -1.739  13.150  1.00 63.51  ? 45  G   X "O4'" 1 
ATOM   946  C  "C3'" . G   A 1 45 ? -7.754  -1.391  13.881  1.00 61.93  ? 45  G   X "C3'" 1 
ATOM   947  O  "O3'" . G   A 1 45 ? -8.680  -1.292  14.950  1.00 68.73  ? 45  G   X "O3'" 1 
ATOM   948  C  "C2'" . G   A 1 45 ? -7.229  -0.046  13.396  1.00 60.12  ? 45  G   X "C2'" 1 
ATOM   949  O  "O2'" . G   A 1 45 ? -6.817  0.753   14.497  1.00 64.36  ? 45  G   X "O2'" 1 
ATOM   950  C  "C1'" . G   A 1 45 ? -5.976  -0.480  12.631  1.00 61.90  ? 45  G   X "C1'" 1 
ATOM   951  N  N9    . G   A 1 45 ? -6.259  -0.578  11.183  1.00 59.28  ? 45  G   X N9    1 
ATOM   952  C  C8    . G   A 1 45 ? -6.494  -1.664  10.380  1.00 54.64  ? 45  G   X C8    1 
ATOM   953  N  N7    . G   A 1 45 ? -6.754  -1.316  9.140   1.00 56.55  ? 45  G   X N7    1 
ATOM   954  C  C5    . G   A 1 45 ? -6.695  0.081   9.130   1.00 55.77  ? 45  G   X C5    1 
ATOM   955  C  C6    . G   A 1 45 ? -6.875  1.048   8.093   1.00 55.48  ? 45  G   X C6    1 
ATOM   956  O  O6    . G   A 1 45 ? -7.147  0.890   6.891   1.00 53.42  ? 45  G   X O6    1 
ATOM   957  N  N1    . G   A 1 45 ? -6.730  2.348   8.567   1.00 54.17  ? 45  G   X N1    1 
ATOM   958  C  C2    . G   A 1 45 ? -6.434  2.702   9.854   1.00 56.69  ? 45  G   X C2    1 
ATOM   959  N  N2    . G   A 1 45 ? -6.316  4.020   10.105  1.00 54.49  ? 45  G   X N2    1 
ATOM   960  N  N3    . G   A 1 45 ? -6.252  1.817   10.817  1.00 60.23  ? 45  G   X N3    1 
ATOM   961  C  C4    . G   A 1 45 ? -6.396  0.541   10.387  1.00 58.23  ? 45  G   X C4    1 
ATOM   962  P  P     . A   A 1 46 ? -10.261 -1.233  14.646  1.00 70.16  ? 46  A   X P     1 
ATOM   963  O  OP1   . A   A 1 46 ? -10.926 -1.354  15.967  1.00 70.73  ? 46  A   X OP1   1 
ATOM   964  O  OP2   . A   A 1 46 ? -10.614 -2.172  13.543  1.00 69.74  ? 46  A   X OP2   1 
ATOM   965  O  "O5'" . A   A 1 46 ? -10.492 0.239   14.072  1.00 59.15  ? 46  A   X "O5'" 1 
ATOM   966  C  "C5'" . A   A 1 46 ? -10.317 1.362   14.913  1.00 63.87  ? 46  A   X "C5'" 1 
ATOM   967  C  "C4'" . A   A 1 46 ? -10.401 2.666   14.161  1.00 65.46  ? 46  A   X "C4'" 1 
ATOM   968  O  "O4'" . A   A 1 46 ? -9.357  2.725   13.153  1.00 54.81  ? 46  A   X "O4'" 1 
ATOM   969  C  "C3'" . A   A 1 46 ? -11.681 2.942   13.379  1.00 61.36  ? 46  A   X "C3'" 1 
ATOM   970  O  "O3'" . A   A 1 46 ? -12.766 3.380   14.185  1.00 66.29  ? 46  A   X "O3'" 1 
ATOM   971  C  "C2'" . A   A 1 46 ? -11.214 3.984   12.380  1.00 61.74  ? 46  A   X "C2'" 1 
ATOM   972  O  "O2'" . A   A 1 46 ? -11.076 5.243   13.015  1.00 65.26  ? 46  A   X "O2'" 1 
ATOM   973  C  "C1'" . A   A 1 46 ? -9.817  3.452   12.035  1.00 59.25  ? 46  A   X "C1'" 1 
ATOM   974  N  N9    . A   A 1 46 ? -9.888  2.540   10.878  1.00 55.00  ? 46  A   X N9    1 
ATOM   975  C  C8    . A   A 1 46 ? -9.911  1.168   10.854  1.00 54.73  ? 46  A   X C8    1 
ATOM   976  N  N7    . A   A 1 46 ? -10.006 0.676   9.641   1.00 57.72  ? 46  A   X N7    1 
ATOM   977  C  C5    . A   A 1 46 ? -10.058 1.800   8.822   1.00 53.75  ? 46  A   X C5    1 
ATOM   978  C  C6    . A   A 1 46 ? -10.172 1.970   7.433   1.00 53.63  ? 46  A   X C6    1 
ATOM   979  N  N6    . A   A 1 46 ? -10.257 0.957   6.565   1.00 54.10  ? 46  A   X N6    1 
ATOM   980  N  N1    . A   A 1 46 ? -10.203 3.229   6.944   1.00 53.74  ? 46  A   X N1    1 
ATOM   981  C  C2    . A   A 1 46 ? -10.123 4.247   7.805   1.00 55.86  ? 46  A   X C2    1 
ATOM   982  N  N3    . A   A 1 46 ? -10.009 4.216   9.128   1.00 56.91  ? 46  A   X N3    1 
ATOM   983  C  C4    . A   A 1 46 ? -9.995  2.950   9.575   1.00 56.03  ? 46  A   X C4    1 
ATOM   984  P  P     . A   A 1 47 ? -14.285 3.077   13.733  1.00 64.50  ? 47  A   X P     1 
ATOM   985  O  OP1   . A   A 1 47 ? -15.197 3.545   14.799  1.00 77.77  ? 47  A   X OP1   1 
ATOM   986  O  OP2   . A   A 1 47 ? -14.381 1.659   13.305  1.00 71.07  ? 47  A   X OP2   1 
ATOM   987  O  "O5'" . A   A 1 47 ? -14.513 3.991   12.447  1.00 55.56  ? 47  A   X "O5'" 1 
ATOM   988  C  "C5'" . A   A 1 47 ? -14.668 5.392   12.571  1.00 55.26  ? 47  A   X "C5'" 1 
ATOM   989  C  "C4'" . A   A 1 47 ? -14.563 6.112   11.245  1.00 58.04  ? 47  A   X "C4'" 1 
ATOM   990  O  "O4'" . A   A 1 47 ? -13.387 5.663   10.512  1.00 61.76  ? 47  A   X "O4'" 1 
ATOM   991  C  "C3'" . A   A 1 47 ? -15.695 5.915   10.250  1.00 58.15  ? 47  A   X "C3'" 1 
ATOM   992  O  "O3'" . A   A 1 47 ? -16.873 6.648   10.555  1.00 63.63  ? 47  A   X "O3'" 1 
ATOM   993  C  "C2'" . A   A 1 47 ? -15.037 6.335   8.947   1.00 56.34  ? 47  A   X "C2'" 1 
ATOM   994  O  "O2'" . A   A 1 47 ? -14.878 7.746   8.903   1.00 54.66  ? 47  A   X "O2'" 1 
ATOM   995  C  "C1'" . A   A 1 47 ? -13.648 5.726   9.123   1.00 58.32  ? 47  A   X "C1'" 1 
ATOM   996  N  N9    . A   A 1 47 ? -13.573 4.369   8.543   1.00 54.22  ? 47  A   X N9    1 
ATOM   997  C  C8    . A   A 1 47 ? -13.516 3.137   9.157   1.00 51.81  ? 47  A   X C8    1 
ATOM   998  N  N7    . A   A 1 47 ? -13.462 2.139   8.302   1.00 53.39  ? 47  A   X N7    1 
ATOM   999  C  C5    . A   A 1 47 ? -13.484 2.754   7.046   1.00 54.03  ? 47  A   X C5    1 
ATOM   1000 C  C6    . A   A 1 47 ? -13.433 2.276   5.710   1.00 53.56  ? 47  A   X C6    1 
ATOM   1001 N  N6    . A   A 1 47 ? -13.360 0.994   5.343   1.00 48.34  ? 47  A   X N6    1 
ATOM   1002 N  N1    . A   A 1 47 ? -13.482 3.185   4.713   1.00 51.98  ? 47  A   X N1    1 
ATOM   1003 C  C2    . A   A 1 47 ? -13.565 4.485   5.033   1.00 51.15  ? 47  A   X C2    1 
ATOM   1004 N  N3    . A   A 1 47 ? -13.607 5.055   6.232   1.00 50.15  ? 47  A   X N3    1 
ATOM   1005 C  C4    . A   A 1 47 ? -13.562 4.127   7.197   1.00 50.55  ? 47  A   X C4    1 
ATOM   1006 P  P     . A   A 1 48 ? -18.310 6.014   10.220  1.00 67.09  ? 48  A   X P     1 
ATOM   1007 O  OP1   . A   A 1 48 ? -19.333 7.015   10.630  1.00 69.47  ? 48  A   X OP1   1 
ATOM   1008 O  OP2   . A   A 1 48 ? -18.369 4.641   10.782  1.00 67.59  ? 48  A   X OP2   1 
ATOM   1009 O  "O5'" . A   A 1 48 ? -18.332 5.860   8.631   1.00 57.82  ? 48  A   X "O5'" 1 
ATOM   1010 C  "C5'" . A   A 1 48 ? -18.543 6.990   7.812   1.00 56.10  ? 48  A   X "C5'" 1 
ATOM   1011 C  "C4'" . A   A 1 48 ? -18.214 6.748   6.358   1.00 55.92  ? 48  A   X "C4'" 1 
ATOM   1012 O  "O4'" . A   A 1 48 ? -17.051 5.896   6.189   1.00 58.32  ? 48  A   X "O4'" 1 
ATOM   1013 C  "C3'" . A   A 1 48 ? -19.262 6.070   5.505   1.00 55.51  ? 48  A   X "C3'" 1 
ATOM   1014 O  "O3'" . A   A 1 48 ? -20.336 6.918   5.176   1.00 57.19  ? 48  A   X "O3'" 1 
ATOM   1015 C  "C2'" . A   A 1 48 ? -18.457 5.650   4.283   1.00 51.97  ? 48  A   X "C2'" 1 
ATOM   1016 O  "O2'" . A   A 1 48 ? -18.265 6.755   3.409   1.00 57.37  ? 48  A   X "O2'" 1 
ATOM   1017 C  "C1'" . A   A 1 48 ? -17.107 5.296   4.909   1.00 53.67  ? 48  A   X "C1'" 1 
ATOM   1018 N  N9    . A   A 1 48 ? -16.904 3.838   5.000   1.00 51.53  ? 48  A   X N9    1 
ATOM   1019 C  C8    . A   A 1 48 ? -16.813 3.008   6.083   1.00 51.04  ? 48  A   X C8    1 
ATOM   1020 N  N7    . A   A 1 48 ? -16.616 1.752   5.763   1.00 49.48  ? 48  A   X N7    1 
ATOM   1021 C  C5    . A   A 1 48 ? -16.586 1.761   4.378   1.00 47.31  ? 48  A   X C5    1 
ATOM   1022 C  C6    . A   A 1 48 ? -16.404 0.752   3.418   1.00 47.98  ? 48  A   X C6    1 
ATOM   1023 N  N6    . A   A 1 48 ? -16.228 -0.526  3.735   1.00 48.28  ? 48  A   X N6    1 
ATOM   1024 N  N1    . A   A 1 48 ? -16.421 1.095   2.110   1.00 46.15  ? 48  A   X N1    1 
ATOM   1025 C  C2    . A   A 1 48 ? -16.611 2.382   1.797   1.00 47.79  ? 48  A   X C2    1 
ATOM   1026 N  N3    . A   A 1 48 ? -16.790 3.424   2.606   1.00 46.21  ? 48  A   X N3    1 
ATOM   1027 C  C4    . A   A 1 48 ? -16.764 3.037   3.895   1.00 49.54  ? 48  A   X C4    1 
ATOM   1028 P  P     . C   A 1 49 ? -21.803 6.303   5.038   1.00 52.77  ? 49  C   X P     1 
ATOM   1029 O  OP1   . C   A 1 49 ? -22.678 7.427   4.705   1.00 53.31  ? 49  C   X OP1   1 
ATOM   1030 O  OP2   . C   A 1 49 ? -22.052 5.347   6.151   1.00 49.33  ? 49  C   X OP2   1 
ATOM   1031 O  "O5'" . C   A 1 49 ? -21.752 5.487   3.681   1.00 55.65  ? 49  C   X "O5'" 1 
ATOM   1032 C  "C5'" . C   A 1 49 ? -21.563 6.148   2.435   1.00 47.67  ? 49  C   X "C5'" 1 
ATOM   1033 C  "C4'" . C   A 1 49 ? -21.319 5.142   1.349   1.00 50.62  ? 49  C   X "C4'" 1 
ATOM   1034 O  "O4'" . C   A 1 49 ? -20.106 4.410   1.650   1.00 45.90  ? 49  C   X "O4'" 1 
ATOM   1035 C  "C3'" . C   A 1 49 ? -22.381 4.058   1.188   1.00 45.97  ? 49  C   X "C3'" 1 
ATOM   1036 O  "O3'" . C   A 1 49 ? -23.459 4.475   0.371   1.00 52.03  ? 49  C   X "O3'" 1 
ATOM   1037 C  "C2'" . C   A 1 49 ? -21.603 2.911   0.569   1.00 44.54  ? 49  C   X "C2'" 1 
ATOM   1038 O  "O2'" . C   A 1 49 ? -21.446 3.136   -0.825  1.00 49.81  ? 49  C   X "O2'" 1 
ATOM   1039 C  "C1'" . C   A 1 49 ? -20.233 3.071   1.230   1.00 50.15  ? 49  C   X "C1'" 1 
ATOM   1040 N  N1    . C   A 1 49 ? -20.055 2.191   2.403   1.00 45.12  ? 49  C   X N1    1 
ATOM   1041 C  C2    . C   A 1 49 ? -19.740 0.859   2.145   1.00 48.91  ? 49  C   X C2    1 
ATOM   1042 O  O2    . C   A 1 49 ? -19.657 0.465   0.972   1.00 52.33  ? 49  C   X O2    1 
ATOM   1043 N  N3    . C   A 1 49 ? -19.567 0.011   3.177   1.00 50.00  ? 49  C   X N3    1 
ATOM   1044 C  C4    . C   A 1 49 ? -19.686 0.446   4.422   1.00 44.77  ? 49  C   X C4    1 
ATOM   1045 N  N4    . C   A 1 49 ? -19.470 -0.458  5.370   1.00 42.07  ? 49  C   X N4    1 
ATOM   1046 C  C5    . C   A 1 49 ? -20.011 1.803   4.727   1.00 45.99  ? 49  C   X C5    1 
ATOM   1047 C  C6    . C   A 1 49 ? -20.174 2.640   3.687   1.00 47.24  ? 49  C   X C6    1 
ATOM   1048 P  P     . C   A 1 50 ? -24.949 3.887   0.607   1.00 56.23  ? 50  C   X P     1 
ATOM   1049 O  OP1   . C   A 1 50 ? -25.915 4.814   -0.039  1.00 48.46  ? 50  C   X OP1   1 
ATOM   1050 O  OP2   . C   A 1 50 ? -25.120 3.602   2.050   1.00 51.38  ? 50  C   X OP2   1 
ATOM   1051 O  "O5'" . C   A 1 50 ? -24.918 2.464   -0.128  1.00 52.81  ? 50  C   X "O5'" 1 
ATOM   1052 C  "C5'" . C   A 1 50 ? -24.559 2.325   -1.496  1.00 47.24  ? 50  C   X "C5'" 1 
ATOM   1053 C  "C4'" . C   A 1 50 ? -24.304 0.876   -1.851  1.00 54.00  ? 50  C   X "C4'" 1 
ATOM   1054 O  "O4'" . C   A 1 50 ? -23.114 0.395   -1.171  1.00 43.02  ? 50  C   X "O4'" 1 
ATOM   1055 C  "C3'" . C   A 1 50 ? -25.382 -0.135  -1.459  1.00 54.43  ? 50  C   X "C3'" 1 
ATOM   1056 O  "O3'" . C   A 1 50 ? -26.447 -0.177  -2.390  1.00 58.58  ? 50  C   X "O3'" 1 
ATOM   1057 C  "C2'" . C   A 1 50 ? -24.595 -1.445  -1.423  1.00 56.09  ? 50  C   X "C2'" 1 
ATOM   1058 O  "O2'" . C   A 1 50 ? -24.348 -1.910  -2.740  1.00 55.57  ? 50  C   X "O2'" 1 
ATOM   1059 C  "C1'" . C   A 1 50 ? -23.250 -0.982  -0.878  1.00 51.48  ? 50  C   X "C1'" 1 
ATOM   1060 N  N1    . C   A 1 50 ? -23.090 -1.177  0.578   1.00 45.65  ? 50  C   X N1    1 
ATOM   1061 C  C2    . C   A 1 50 ? -22.531 -2.369  1.055   1.00 52.47  ? 50  C   X C2    1 
ATOM   1062 O  O2    . C   A 1 50 ? -22.225 -3.286  0.264   1.00 51.77  ? 50  C   X O2    1 
ATOM   1063 N  N3    . C   A 1 50 ? -22.332 -2.505  2.384   1.00 50.56  ? 50  C   X N3    1 
ATOM   1064 C  C4    . C   A 1 50 ? -22.650 -1.517  3.213   1.00 51.03  ? 50  C   X C4    1 
ATOM   1065 N  N4    . C   A 1 50 ? -22.426 -1.704  4.518   1.00 49.19  ? 50  C   X N4    1 
ATOM   1066 C  C5    . C   A 1 50 ? -23.207 -0.295  2.748   1.00 49.78  ? 50  C   X C5    1 
ATOM   1067 C  C6    . C   A 1 50 ? -23.401 -0.171  1.434   1.00 48.39  ? 50  C   X C6    1 
ATOM   1068 P  P     . A   A 1 51 ? -27.938 0.280   -2.001  1.00 59.07  ? 51  A   X P     1 
ATOM   1069 O  OP1   . A   A 1 51 ? -28.626 0.414   -3.310  1.00 64.95  ? 51  A   X OP1   1 
ATOM   1070 O  OP2   . A   A 1 51 ? -27.966 1.450   -1.072  1.00 58.74  ? 51  A   X OP2   1 
ATOM   1071 O  "O5'" . A   A 1 51 ? -28.519 -0.982  -1.213  1.00 70.98  ? 51  A   X "O5'" 1 
ATOM   1072 C  "C5'" . A   A 1 51 ? -29.918 -1.098  -0.932  1.00 69.17  ? 51  A   X "C5'" 1 
ATOM   1073 C  "C4'" . A   A 1 51 ? -30.313 -2.522  -0.604  1.00 69.47  ? 51  A   X "C4'" 1 
ATOM   1074 O  "O4'" . A   A 1 51 ? -29.759 -2.894  0.692   1.00 66.99  ? 51  A   X "O4'" 1 
ATOM   1075 C  "C3'" . A   A 1 51 ? -31.812 -2.767  -0.490  1.00 73.61  ? 51  A   X "C3'" 1 
ATOM   1076 O  "O3'" . A   A 1 51 ? -32.058 -4.145  -0.789  1.00 70.72  ? 51  A   X "O3'" 1 
ATOM   1077 C  "C2'" . A   A 1 51 ? -32.049 -2.515  0.997   1.00 74.11  ? 51  A   X "C2'" 1 
ATOM   1078 O  "O2'" . A   A 1 51 ? -33.253 -3.036  1.521   1.00 81.86  ? 51  A   X "O2'" 1 
ATOM   1079 C  "C1'" . A   A 1 51 ? -30.816 -3.185  1.593   1.00 66.94  ? 51  A   X "C1'" 1 
ATOM   1080 N  N9    . A   A 1 51 ? -30.414 -2.686  2.905   1.00 62.67  ? 51  A   X N9    1 
ATOM   1081 C  C8    . A   A 1 51 ? -30.733 -1.505  3.528   1.00 60.30  ? 51  A   X C8    1 
ATOM   1082 N  N7    . A   A 1 51 ? -30.135 -1.376  4.698   1.00 63.76  ? 51  A   X N7    1 
ATOM   1083 C  C5    . A   A 1 51 ? -29.381 -2.539  4.839   1.00 56.68  ? 51  A   X C5    1 
ATOM   1084 C  C6    . A   A 1 51 ? -28.544 -3.018  5.855   1.00 54.18  ? 51  A   X C6    1 
ATOM   1085 N  N6    . A   A 1 51 ? -28.294 -2.362  6.992   1.00 57.05  ? 51  A   X N6    1 
ATOM   1086 N  N1    . A   A 1 51 ? -27.964 -4.218  5.665   1.00 55.68  ? 51  A   X N1    1 
ATOM   1087 C  C2    . A   A 1 51 ? -28.215 -4.893  4.538   1.00 58.74  ? 51  A   X C2    1 
ATOM   1088 N  N3    . A   A 1 51 ? -28.992 -4.552  3.516   1.00 57.56  ? 51  A   X N3    1 
ATOM   1089 C  C4    . A   A 1 51 ? -29.544 -3.350  3.735   1.00 58.24  ? 51  A   X C4    1 
ATOM   1090 P  P     . C   A 1 52 ? -32.475 -4.606  -2.275  1.00 81.93  ? 52  C   X P     1 
ATOM   1091 O  OP1   . C   A 1 52 ? -32.707 -3.397  -3.112  1.00 80.86  ? 52  C   X OP1   1 
ATOM   1092 O  OP2   . C   A 1 52 ? -33.551 -5.624  -2.138  1.00 81.81  ? 52  C   X OP2   1 
ATOM   1093 O  "O5'" . C   A 1 52 ? -31.188 -5.358  -2.834  1.00 79.07  ? 52  C   X "O5'" 1 
ATOM   1094 C  "C5'" . C   A 1 52 ? -31.049 -5.642  -4.225  1.00 78.13  ? 52  C   X "C5'" 1 
ATOM   1095 C  "C4'" . C   A 1 52 ? -30.265 -6.909  -4.453  1.00 77.64  ? 52  C   X "C4'" 1 
ATOM   1096 O  "O4'" . C   A 1 52 ? -29.200 -6.982  -3.458  1.00 75.92  ? 52  C   X "O4'" 1 
ATOM   1097 C  "C3'" . C   A 1 52 ? -31.064 -8.206  -4.309  1.00 78.10  ? 52  C   X "C3'" 1 
ATOM   1098 O  "O3'" . C   A 1 52 ? -30.484 -9.221  -5.137  1.00 75.62  ? 52  C   X "O3'" 1 
ATOM   1099 C  "C2'" . C   A 1 52 ? -30.813 -8.566  -2.852  1.00 80.06  ? 52  C   X "C2'" 1 
ATOM   1100 O  "O2'" . C   A 1 52 ? -31.044 -9.921  -2.513  1.00 79.60  ? 52  C   X "O2'" 1 
ATOM   1101 C  "C1'" . C   A 1 52 ? -29.343 -8.168  -2.705  1.00 71.87  ? 52  C   X "C1'" 1 
ATOM   1102 N  N1    . C   A 1 52 ? -28.939 -7.909  -1.318  1.00 67.44  ? 52  C   X N1    1 
ATOM   1103 C  C2    . C   A 1 52 ? -28.371 -8.981  -0.629  1.00 66.33  ? 52  C   X C2    1 
ATOM   1104 O  O2    . C   A 1 52 ? -28.223 -10.055 -1.228  1.00 63.13  ? 52  C   X O2    1 
ATOM   1105 N  N3    . C   A 1 52 ? -28.003 -8.820  0.663   1.00 69.56  ? 52  C   X N3    1 
ATOM   1106 C  C4    . C   A 1 52 ? -28.189 -7.641  1.262   1.00 62.76  ? 52  C   X C4    1 
ATOM   1107 N  N4    . C   A 1 52 ? -27.795 -7.542  2.535   1.00 62.92  ? 52  C   X N4    1 
ATOM   1108 C  C5    . C   A 1 52 ? -28.775 -6.528  0.581   1.00 62.77  ? 52  C   X C5    1 
ATOM   1109 C  C6    . C   A 1 52 ? -29.135 -6.703  -0.702  1.00 67.67  ? 52  C   X C6    1 
ATOM   1110 P  P     . A   A 1 53 ? -30.821 -9.321  -6.710  1.00 87.45  ? 53  A   X P     1 
ATOM   1111 O  OP1   . A   A 1 53 ? -31.925 -8.376  -7.029  1.00 86.09  ? 53  A   X OP1   1 
ATOM   1112 O  OP2   . A   A 1 53 ? -30.902 -10.765 -7.052  1.00 84.99  ? 53  A   X OP2   1 
ATOM   1113 O  "O5'" . A   A 1 53 ? -29.491 -8.817  -7.436  1.00 86.44  ? 53  A   X "O5'" 1 
ATOM   1114 C  "C5'" . A   A 1 53 ? -29.308 -7.449  -7.793  1.00 87.10  ? 53  A   X "C5'" 1 
ATOM   1115 C  "C4'" . A   A 1 53 ? -27.853 -7.118  -8.048  1.00 82.68  ? 53  A   X "C4'" 1 
ATOM   1116 O  "O4'" . A   A 1 53 ? -27.287 -6.434  -6.889  1.00 82.89  ? 53  A   X "O4'" 1 
ATOM   1117 C  "C3'" . A   A 1 53 ? -26.939 -8.316  -8.334  1.00 83.57  ? 53  A   X "C3'" 1 
ATOM   1118 O  "O3'" . A   A 1 53 ? -26.000 -7.973  -9.349  1.00 81.50  ? 53  A   X "O3'" 1 
ATOM   1119 C  "C2'" . A   A 1 53 ? -26.205 -8.511  -7.008  1.00 82.87  ? 53  A   X "C2'" 1 
ATOM   1120 O  "O2'" . A   A 1 53 ? -24.946 -9.146  -7.118  1.00 86.01  ? 53  A   X "O2'" 1 
ATOM   1121 C  "C1'" . A   A 1 53 ? -26.081 -7.072  -6.506  1.00 80.59  ? 53  A   X "C1'" 1 
ATOM   1122 N  N9    . A   A 1 53 ? -25.925 -6.973  -5.050  1.00 72.56  ? 53  A   X N9    1 
ATOM   1123 C  C8    . A   A 1 53 ? -25.416 -7.962  -4.243  1.00 65.66  ? 53  A   X C8    1 
ATOM   1124 N  N7    . A   A 1 53 ? -25.373 -7.639  -2.977  1.00 69.15  ? 53  A   X N7    1 
ATOM   1125 C  C5    . A   A 1 53 ? -25.886 -6.348  -2.938  1.00 66.78  ? 53  A   X C5    1 
ATOM   1126 C  C6    . A   A 1 53 ? -26.100 -5.458  -1.870  1.00 63.20  ? 53  A   X C6    1 
ATOM   1127 N  N6    . A   A 1 53 ? -25.804 -5.765  -0.601  1.00 62.32  ? 53  A   X N6    1 
ATOM   1128 N  N1    . A   A 1 53 ? -26.629 -4.240  -2.151  1.00 62.61  ? 53  A   X N1    1 
ATOM   1129 C  C2    . A   A 1 53 ? -26.915 -3.955  -3.433  1.00 64.94  ? 53  A   X C2    1 
ATOM   1130 N  N3    . A   A 1 53 ? -26.760 -4.713  -4.524  1.00 69.23  ? 53  A   X N3    1 
ATOM   1131 C  C4    . A   A 1 53 ? -26.228 -5.914  -4.211  1.00 71.13  ? 53  A   X C4    1 
ATOM   1132 P  P     . A   A 1 54 ? -25.224 -9.116  -10.185 1.00 92.26  ? 54  A   X P     1 
ATOM   1133 O  OP1   . A   A 1 54 ? -25.941 -9.353  -11.453 1.00 90.08  ? 54  A   X OP1   1 
ATOM   1134 O  OP2   . A   A 1 54 ? -24.780 -10.219 -9.281  1.00 78.09  ? 54  A   X OP2   1 
ATOM   1135 O  "O5'" . A   A 1 54 ? -23.871 -8.403  -10.557 1.00 75.89  ? 54  A   X "O5'" 1 
ATOM   1136 C  "C5'" . A   A 1 54 ? -23.086 -7.954  -9.484  1.00 71.80  ? 54  A   X "C5'" 1 
ATOM   1137 C  "C4'" . A   A 1 54 ? -22.159 -6.845  -9.849  1.00 70.60  ? 54  A   X "C4'" 1 
ATOM   1138 O  "O4'" . A   A 1 54 ? -22.218 -5.924  -8.737  1.00 68.02  ? 54  A   X "O4'" 1 
ATOM   1139 C  "C3'" . A   A 1 54 ? -20.721 -7.322  -9.888  1.00 67.42  ? 54  A   X "C3'" 1 
ATOM   1140 O  "O3'" . A   A 1 54 ? -19.920 -6.293  -10.479 1.00 66.55  ? 54  A   X "O3'" 1 
ATOM   1141 C  "C2'" . A   A 1 54 ? -20.432 -7.423  -8.404  1.00 62.59  ? 54  A   X "C2'" 1 
ATOM   1142 O  "O2'" . A   A 1 54 ? -19.066 -7.502  -8.066  1.00 68.14  ? 54  A   X "O2'" 1 
ATOM   1143 C  "C1'" . A   A 1 54 ? -21.097 -6.138  -7.899  1.00 67.19  ? 54  A   X "C1'" 1 
ATOM   1144 N  N9    . A   A 1 54 ? -21.552 -6.202  -6.509  1.00 64.20  ? 54  A   X N9    1 
ATOM   1145 C  C8    . A   A 1 54 ? -21.615 -7.308  -5.706  1.00 61.53  ? 54  A   X C8    1 
ATOM   1146 N  N7    . A   A 1 54 ? -22.018 -7.035  -4.497  1.00 63.25  ? 54  A   X N7    1 
ATOM   1147 C  C5    . A   A 1 54 ? -22.222 -5.666  -4.499  1.00 59.66  ? 54  A   X C5    1 
ATOM   1148 C  C6    . A   A 1 54 ? -22.653 -4.771  -3.506  1.00 59.38  ? 54  A   X C6    1 
ATOM   1149 N  N6    . A   A 1 54 ? -22.988 -5.128  -2.259  1.00 61.54  ? 54  A   X N6    1 
ATOM   1150 N  N1    . A   A 1 54 ? -22.748 -3.469  -3.851  1.00 61.30  ? 54  A   X N1    1 
ATOM   1151 C  C2    . A   A 1 54 ? -22.414 -3.102  -5.098  1.00 61.19  ? 54  A   X C2    1 
ATOM   1152 N  N3    . A   A 1 54 ? -21.997 -3.851  -6.112  1.00 61.59  ? 54  A   X N3    1 
ATOM   1153 C  C4    . A   A 1 54 ? -21.930 -5.139  -5.737  1.00 61.57  ? 54  A   X C4    1 
ATOM   1154 P  P     . A   A 1 55 ? -18.522 -6.613  -11.207 1.00 68.54  ? 55  A   X P     1 
ATOM   1155 O  OP1   . A   A 1 55 ? -18.779 -6.588  -12.666 1.00 74.18  ? 55  A   X OP1   1 
ATOM   1156 O  OP2   . A   A 1 55 ? -17.867 -7.792  -10.584 1.00 62.80  ? 55  A   X OP2   1 
ATOM   1157 O  "O5'" . A   A 1 55 ? -17.609 -5.361  -10.832 1.00 69.89  ? 55  A   X "O5'" 1 
ATOM   1158 C  "C5'" . A   A 1 55 ? -17.081 -5.206  -9.520  1.00 61.45  ? 55  A   X "C5'" 1 
ATOM   1159 C  "C4'" . A   A 1 55 ? -17.398 -3.840  -8.963  1.00 61.33  ? 55  A   X "C4'" 1 
ATOM   1160 O  "O4'" . A   A 1 55 ? -18.705 -3.864  -8.329  1.00 61.61  ? 55  A   X "O4'" 1 
ATOM   1161 C  "C3'" . A   A 1 55 ? -16.479 -3.341  -7.859  1.00 59.41  ? 55  A   X "C3'" 1 
ATOM   1162 O  "O3'" . A   A 1 55 ? -15.250 -2.831  -8.312  1.00 55.40  ? 55  A   X "O3'" 1 
ATOM   1163 C  "C2'" . A   A 1 55 ? -17.350 -2.323  -7.155  1.00 56.28  ? 55  A   X "C2'" 1 
ATOM   1164 O  "O2'" . A   A 1 55 ? -17.470 -1.139  -7.933  1.00 54.05  ? 55  A   X "O2'" 1 
ATOM   1165 C  "C1'" . A   A 1 55 ? -18.681 -3.066  -7.159  1.00 59.58  ? 55  A   X "C1'" 1 
ATOM   1166 N  N9    . A   A 1 55 ? -18.742 -3.963  -5.993  1.00 56.51  ? 55  A   X N9    1 
ATOM   1167 C  C8    . A   A 1 55 ? -18.523 -5.319  -5.927  1.00 55.75  ? 55  A   X C8    1 
ATOM   1168 N  N7    . A   A 1 55 ? -18.625 -5.817  -4.714  1.00 57.96  ? 55  A   X N7    1 
ATOM   1169 C  C5    . A   A 1 55 ? -18.908 -4.702  -3.926  1.00 58.33  ? 55  A   X C5    1 
ATOM   1170 C  C6    . A   A 1 55 ? -19.130 -4.542  -2.543  1.00 57.90  ? 55  A   X C6    1 
ATOM   1171 N  N6    . A   A 1 55 ? -19.106 -5.547  -1.662  1.00 53.70  ? 55  A   X N6    1 
ATOM   1172 N  N1    . A   A 1 55 ? -19.381 -3.288  -2.096  1.00 59.14  ? 55  A   X N1    1 
ATOM   1173 C  C2    . A   A 1 55 ? -19.390 -2.270  -2.978  1.00 56.26  ? 55  A   X C2    1 
ATOM   1174 N  N3    . A   A 1 55 ? -19.207 -2.297  -4.294  1.00 53.65  ? 55  A   X N3    1 
ATOM   1175 C  C4    . A   A 1 55 ? -18.967 -3.553  -4.703  1.00 56.82  ? 55  A   X C4    1 
ATOM   1176 P  P     . U   A 1 56 ? -13.917 -3.580  -7.871  1.00 57.67  ? 56  U   X P     1 
ATOM   1177 O  OP1   . U   A 1 56 ? -12.763 -2.719  -8.251  1.00 68.74  ? 56  U   X OP1   1 
ATOM   1178 O  OP2   . U   A 1 56 ? -14.040 -4.982  -8.340  1.00 58.65  ? 56  U   X OP2   1 
ATOM   1179 O  "O5'" . U   A 1 56 ? -13.967 -3.637  -6.287  1.00 55.04  ? 56  U   X "O5'" 1 
ATOM   1180 C  "C5'" . U   A 1 56 ? -13.355 -2.627  -5.503  1.00 53.47  ? 56  U   X "C5'" 1 
ATOM   1181 C  "C4'" . U   A 1 56 ? -14.255 -1.421  -5.368  1.00 56.51  ? 56  U   X "C4'" 1 
ATOM   1182 O  "O4'" . U   A 1 56 ? -15.491 -1.771  -4.676  1.00 55.92  ? 56  U   X "O4'" 1 
ATOM   1183 C  "C3'" . U   A 1 56 ? -13.688 -0.275  -4.550  1.00 53.04  ? 56  U   X "C3'" 1 
ATOM   1184 O  "O3'" . U   A 1 56 ? -12.768 0.518   -5.283  1.00 50.40  ? 56  U   X "O3'" 1 
ATOM   1185 C  "C2'" . U   A 1 56 ? -14.937 0.473   -4.122  1.00 47.31  ? 56  U   X "C2'" 1 
ATOM   1186 O  "O2'" . U   A 1 56 ? -15.431 1.282   -5.174  1.00 47.78  ? 56  U   X "O2'" 1 
ATOM   1187 C  "C1'" . U   A 1 56 ? -15.918 -0.687  -3.879  1.00 52.90  ? 56  U   X "C1'" 1 
ATOM   1188 N  N1    . U   A 1 56 ? -15.852 -1.133  -2.478  1.00 51.12  ? 56  U   X N1    1 
ATOM   1189 C  C2    . U   A 1 56 ? -16.245 -0.264  -1.495  1.00 52.41  ? 56  U   X C2    1 
ATOM   1190 O  O2    . U   A 1 56 ? -16.690 0.850   -1.737  1.00 54.07  ? 56  U   X O2    1 
ATOM   1191 N  N3    . U   A 1 56 ? -16.118 -0.761  -0.220  1.00 52.90  ? 56  U   X N3    1 
ATOM   1192 C  C4    . U   A 1 56 ? -15.630 -1.999  0.132   1.00 52.24  ? 56  U   X C4    1 
ATOM   1193 O  O4    . U   A 1 56 ? -15.563 -2.317  1.311   1.00 49.83  ? 56  U   X O4    1 
ATOM   1194 C  C5    . U   A 1 56 ? -15.228 -2.829  -0.953  1.00 53.06  ? 56  U   X C5    1 
ATOM   1195 C  C6    . U   A 1 56 ? -15.342 -2.373  -2.194  1.00 52.84  ? 56  U   X C6    1 
ATOM   1196 P  P     . U   A 1 57 ? -11.590 1.272   -4.511  1.00 45.97  ? 57  U   X P     1 
ATOM   1197 O  OP1   . U   A 1 57 ? -10.742 1.921   -5.553  1.00 52.00  ? 57  U   X OP1   1 
ATOM   1198 O  OP2   . U   A 1 57 ? -10.982 0.347   -3.525  1.00 45.17  ? 57  U   X OP2   1 
ATOM   1199 O  "O5'" . U   A 1 57 ? -12.307 2.407   -3.659  1.00 43.65  ? 57  U   X "O5'" 1 
ATOM   1200 C  "C5'" . U   A 1 57 ? -12.914 3.536   -4.267  1.00 40.53  ? 57  U   X "C5'" 1 
ATOM   1201 C  "C4'" . U   A 1 57 ? -13.105 4.640   -3.261  1.00 47.51  ? 57  U   X "C4'" 1 
ATOM   1202 O  "O4'" . U   A 1 57 ? -14.202 4.295   -2.352  1.00 49.86  ? 57  U   X "O4'" 1 
ATOM   1203 C  "C3'" . U   A 1 57 ? -11.928 4.919   -2.328  1.00 46.80  ? 57  U   X "C3'" 1 
ATOM   1204 O  "O3'" . U   A 1 57 ? -10.921 5.743   -2.913  1.00 50.87  ? 57  U   X "O3'" 1 
ATOM   1205 C  "C2'" . U   A 1 57 ? -12.621 5.586   -1.156  1.00 47.48  ? 57  U   X "C2'" 1 
ATOM   1206 O  "O2'" . U   A 1 57 ? -12.992 6.905   -1.522  1.00 47.37  ? 57  U   X "O2'" 1 
ATOM   1207 C  "C1'" . U   A 1 57 ? -13.893 4.743   -1.052  1.00 48.77  ? 57  U   X "C1'" 1 
ATOM   1208 N  N1    . U   A 1 57 ? -13.687 3.561   -0.182  1.00 49.03  ? 57  U   X N1    1 
ATOM   1209 C  C2    . U   A 1 57 ? -13.570 3.811   1.169   1.00 51.60  ? 57  U   X C2    1 
ATOM   1210 O  O2    . U   A 1 57 ? -13.629 4.929   1.647   1.00 51.32  ? 57  U   X O2    1 
ATOM   1211 N  N3    . U   A 1 57 ? -13.367 2.714   1.954   1.00 52.14  ? 57  U   X N3    1 
ATOM   1212 C  C4    . U   A 1 57 ? -13.262 1.421   1.521   1.00 47.93  ? 57  U   X C4    1 
ATOM   1213 O  O4    . U   A 1 57 ? -13.078 0.555   2.367   1.00 46.44  ? 57  U   X O4    1 
ATOM   1214 C  C5    . U   A 1 57 ? -13.369 1.226   0.103   1.00 50.65  ? 57  U   X C5    1 
ATOM   1215 C  C6    . U   A 1 57 ? -13.573 2.281   -0.689  1.00 46.70  ? 57  U   X C6    1 
ATOM   1216 P  P     . U   A 1 58 ? -9.375  5.669   -2.452  1.00 55.36  ? 58  U   X P     1 
ATOM   1217 O  OP1   . U   A 1 58 ? -8.621  6.393   -3.501  1.00 54.79  ? 58  U   X OP1   1 
ATOM   1218 O  OP2   . U   A 1 58 ? -9.000  4.282   -2.075  1.00 46.72  ? 58  U   X OP2   1 
ATOM   1219 O  "O5'" . U   A 1 58 ? -9.316  6.503   -1.098  1.00 52.47  ? 58  U   X "O5'" 1 
ATOM   1220 C  "C5'" . U   A 1 58 ? -9.846  7.814   -1.027  1.00 55.54  ? 58  U   X "C5'" 1 
ATOM   1221 C  "C4'" . U   A 1 58 ? -9.985  8.272   0.401   1.00 55.48  ? 58  U   X "C4'" 1 
ATOM   1222 O  "O4'" . U   A 1 58 ? -10.969 7.464   1.092   1.00 51.07  ? 58  U   X "O4'" 1 
ATOM   1223 C  "C3'" . U   A 1 58 ? -8.742  8.134   1.259   1.00 52.70  ? 58  U   X "C3'" 1 
ATOM   1224 O  "O3'" . U   A 1 58 ? -7.807  9.170   1.050   1.00 58.12  ? 58  U   X "O3'" 1 
ATOM   1225 C  "C2'" . U   A 1 58 ? -9.312  8.116   2.662   1.00 50.73  ? 58  U   X "C2'" 1 
ATOM   1226 O  "O2'" . U   A 1 58 ? -9.672  9.430   3.052   1.00 58.73  ? 58  U   X "O2'" 1 
ATOM   1227 C  "C1'" . U   A 1 58 ? -10.597 7.322   2.450   1.00 52.74  ? 58  U   X "C1'" 1 
ATOM   1228 N  N1    . U   A 1 58 ? -10.435 5.886   2.763   1.00 49.20  ? 58  U   X N1    1 
ATOM   1229 C  C2    . U   A 1 58 ? -10.428 5.526   4.103   1.00 52.00  ? 58  U   X C2    1 
ATOM   1230 O  O2    . U   A 1 58 ? -10.527 6.320   5.013   1.00 56.37  ? 58  U   X O2    1 
ATOM   1231 N  N3    . U   A 1 58 ? -10.304 4.188   4.366   1.00 48.82  ? 58  U   X N3    1 
ATOM   1232 C  C4    . U   A 1 58 ? -10.189 3.187   3.432   1.00 49.18  ? 58  U   X C4    1 
ATOM   1233 O  O4    . U   A 1 58 ? -10.064 2.039   3.845   1.00 45.56  ? 58  U   X O4    1 
ATOM   1234 C  C5    . U   A 1 58 ? -10.186 3.627   2.055   1.00 52.08  ? 58  U   X C5    1 
ATOM   1235 C  C6    . U   A 1 58 ? -10.312 4.936   1.768   1.00 48.35  ? 58  U   X C6    1 
ATOM   1236 P  P     . C   A 1 59 ? -6.247  8.859   1.243   1.00 58.42  ? 59  C   X P     1 
ATOM   1237 O  OP1   . C   A 1 59 ? -5.472  10.018  0.734   1.00 63.33  ? 59  C   X OP1   1 
ATOM   1238 O  OP2   . C   A 1 59 ? -5.970  7.516   0.660   1.00 58.85  ? 59  C   X OP2   1 
ATOM   1239 O  "O5'" . C   A 1 59 ? -6.068  8.824   2.826   1.00 49.42  ? 59  C   X "O5'" 1 
ATOM   1240 C  "C5'" . C   A 1 59 ? -6.359  9.977   3.598   1.00 53.14  ? 59  C   X "C5'" 1 
ATOM   1241 C  "C4'" . C   A 1 59 ? -6.301  9.690   5.078   1.00 60.30  ? 59  C   X "C4'" 1 
ATOM   1242 O  "O4'" . C   A 1 59 ? -7.396  8.810   5.471   1.00 61.15  ? 59  C   X "O4'" 1 
ATOM   1243 C  "C3'" . C   A 1 59 ? -5.058  8.960   5.541   1.00 58.41  ? 59  C   X "C3'" 1 
ATOM   1244 O  "O3'" . C   A 1 59 ? -3.928  9.810   5.687   1.00 66.68  ? 59  C   X "O3'" 1 
ATOM   1245 C  "C2'" . C   A 1 59 ? -5.520  8.302   6.829   1.00 51.51  ? 59  C   X "C2'" 1 
ATOM   1246 O  "O2'" . C   A 1 59 ? -5.577  9.251   7.876   1.00 53.61  ? 59  C   X "O2'" 1 
ATOM   1247 C  "C1'" . C   A 1 59 ? -6.947  7.897   6.457   1.00 60.84  ? 59  C   X "C1'" 1 
ATOM   1248 N  N1    . C   A 1 59 ? -6.990  6.517   5.896   1.00 55.31  ? 59  C   X N1    1 
ATOM   1249 C  C2    . C   A 1 59 ? -7.017  5.414   6.766   1.00 54.95  ? 59  C   X C2    1 
ATOM   1250 O  O2    . C   A 1 59 ? -7.021  5.619   7.995   1.00 57.40  ? 59  C   X O2    1 
ATOM   1251 N  N3    . C   A 1 59 ? -7.037  4.152   6.246   1.00 51.97  ? 59  C   X N3    1 
ATOM   1252 C  C4    . C   A 1 59 ? -7.035  3.966   4.925   1.00 50.61  ? 59  C   X C4    1 
ATOM   1253 N  N4    . C   A 1 59 ? -7.061  2.717   4.457   1.00 49.14  ? 59  C   X N4    1 
ATOM   1254 C  C5    . C   A 1 59 ? -6.998  5.063   4.017   1.00 51.40  ? 59  C   X C5    1 
ATOM   1255 C  C6    . C   A 1 59 ? -6.970  6.297   4.544   1.00 51.62  ? 59  C   X C6    1 
ATOM   1256 P  P     . U   A 1 60 ? -2.451  9.203   5.494   1.00 67.63  ? 60  U   X P     1 
ATOM   1257 O  OP1   . U   A 1 60 ? -1.465  10.314  5.496   1.00 73.57  ? 60  U   X OP1   1 
ATOM   1258 O  OP2   . U   A 1 60 ? -2.448  8.310   4.312   1.00 60.92  ? 60  U   X OP2   1 
ATOM   1259 O  "O5'" . U   A 1 60 ? -2.258  8.311   6.802   1.00 61.36  ? 60  U   X "O5'" 1 
ATOM   1260 C  "C5'" . U   A 1 60 ? -2.209  8.905   8.086   1.00 56.06  ? 60  U   X "C5'" 1 
ATOM   1261 C  "C4'" . U   A 1 60 ? -2.140  7.862   9.175   1.00 59.99  ? 60  U   X "C4'" 1 
ATOM   1262 O  "O4'" . U   A 1 60 ? -3.344  7.052   9.159   1.00 63.29  ? 60  U   X "O4'" 1 
ATOM   1263 C  "C3'" . U   A 1 60 ? -1.017  6.840   9.069   1.00 63.15  ? 60  U   X "C3'" 1 
ATOM   1264 O  "O3'" . U   A 1 60 ? 0.235   7.332   9.519   1.00 62.79  ? 60  U   X "O3'" 1 
ATOM   1265 C  "C2'" . U   A 1 60 ? -1.556  5.693   9.915   1.00 60.28  ? 60  U   X "C2'" 1 
ATOM   1266 O  "O2'" . U   A 1 60 ? -1.457  6.001   11.300  1.00 57.80  ? 60  U   X "O2'" 1 
ATOM   1267 C  "C1'" . U   A 1 60 ? -3.030  5.722   9.536   1.00 59.49  ? 60  U   X "C1'" 1 
ATOM   1268 N  N1    . U   A 1 60 ? -3.327  4.806   8.408   1.00 56.31  ? 60  U   X N1    1 
ATOM   1269 C  C2    . U   A 1 60 ? -3.495  3.465   8.718   1.00 55.56  ? 60  U   X C2    1 
ATOM   1270 O  O2    . U   A 1 60 ? -3.402  3.054   9.856   1.00 57.92  ? 60  U   X O2    1 
ATOM   1271 N  N3    . U   A 1 60 ? -3.780  2.630   7.660   1.00 51.63  ? 60  U   X N3    1 
ATOM   1272 C  C4    . U   A 1 60 ? -3.902  3.009   6.338   1.00 50.34  ? 60  U   X C4    1 
ATOM   1273 O  O4    . U   A 1 60 ? -4.138  2.161   5.478   1.00 49.94  ? 60  U   X O4    1 
ATOM   1274 C  C5    . U   A 1 60 ? -3.714  4.406   6.090   1.00 54.03  ? 60  U   X C5    1 
ATOM   1275 C  C6    . U   A 1 60 ? -3.440  5.239   7.105   1.00 58.41  ? 60  U   X C6    1 
ATOM   1276 P  P     . U   A 1 61 ? 1.605   6.948   8.773   1.00 63.30  ? 61  U   X P     1 
ATOM   1277 O  OP1   . U   A 1 61 ? 2.622   7.756   9.493   1.00 65.37  ? 61  U   X OP1   1 
ATOM   1278 O  OP2   . U   A 1 61 ? 1.467   7.072   7.297   1.00 63.22  ? 61  U   X OP2   1 
ATOM   1279 O  "O5'" . U   A 1 61 ? 1.832   5.402   9.087   1.00 55.77  ? 61  U   X "O5'" 1 
ATOM   1280 C  "C5'" . U   A 1 61 ? 1.779   4.915   10.421  1.00 60.93  ? 61  U   X "C5'" 1 
ATOM   1281 C  "C4'" . U   A 1 61 ? 1.801   3.404   10.467  1.00 63.91  ? 61  U   X "C4'" 1 
ATOM   1282 O  "O4'" . U   A 1 61 ? 0.508   2.848   10.074  1.00 60.85  ? 61  U   X "O4'" 1 
ATOM   1283 C  "C3'" . U   A 1 61 ? 2.795   2.719   9.546   1.00 62.23  ? 61  U   X "C3'" 1 
ATOM   1284 O  "O3'" . U   A 1 61 ? 4.116   2.735   10.069  1.00 71.17  ? 61  U   X "O3'" 1 
ATOM   1285 C  "C2'" . U   A 1 61 ? 2.208   1.316   9.421   1.00 65.08  ? 61  U   X "C2'" 1 
ATOM   1286 O  "O2'" . U   A 1 61 ? 2.517   0.540   10.569  1.00 68.80  ? 61  U   X "O2'" 1 
ATOM   1287 C  "C1'" . U   A 1 61 ? 0.700   1.608   9.424   1.00 56.69  ? 61  U   X "C1'" 1 
ATOM   1288 N  N1    . U   A 1 61 ? 0.170   1.688   8.042   1.00 52.96  ? 61  U   X N1    1 
ATOM   1289 C  C2    . U   A 1 61 ? -0.155  0.499   7.428   1.00 51.17  ? 61  U   X C2    1 
ATOM   1290 O  O2    . U   A 1 61 ? -0.040  -0.564  7.993   1.00 53.52  ? 61  U   X O2    1 
ATOM   1291 N  N3    . U   A 1 61 ? -0.616  0.583   6.136   1.00 48.35  ? 61  U   X N3    1 
ATOM   1292 C  C4    . U   A 1 61 ? -0.785  1.727   5.384   1.00 50.67  ? 61  U   X C4    1 
ATOM   1293 O  O4    . U   A 1 61 ? -1.200  1.643   4.219   1.00 48.21  ? 61  U   X O4    1 
ATOM   1294 C  C5    . U   A 1 61 ? -0.412  2.922   6.075   1.00 53.77  ? 61  U   X C5    1 
ATOM   1295 C  C6    . U   A 1 61 ? 0.043   2.865   7.340   1.00 58.72  ? 61  U   X C6    1 
ATOM   1296 P  P     . A   A 1 62 ? 5.363   3.258   9.191   1.00 75.32  ? 62  A   X P     1 
ATOM   1297 O  OP1   . A   A 1 62 ? 6.480   3.527   10.136  1.00 76.19  ? 62  A   X OP1   1 
ATOM   1298 O  OP2   . A   A 1 62 ? 4.929   4.314   8.236   1.00 72.17  ? 62  A   X OP2   1 
ATOM   1299 O  "O5'" . A   A 1 62 ? 5.796   1.985   8.344   1.00 67.75  ? 62  A   X "O5'" 1 
ATOM   1300 C  "C5'" . A   A 1 62 ? 6.034   0.764   9.017   1.00 64.00  ? 62  A   X "C5'" 1 
ATOM   1301 C  "C4'" . A   A 1 62 ? 6.287   -0.375  8.064   1.00 65.27  ? 62  A   X "C4'" 1 
ATOM   1302 O  "O4'" . A   A 1 62 ? 5.192   -0.523  7.128   1.00 60.24  ? 62  A   X "O4'" 1 
ATOM   1303 C  "C3'" . A   A 1 62 ? 7.499   -0.290  7.159   1.00 55.28  ? 62  A   X "C3'" 1 
ATOM   1304 O  "O3'" . A   A 1 62 ? 8.716   -0.518  7.844   1.00 63.30  ? 62  A   X "O3'" 1 
ATOM   1305 C  "C2'" . A   A 1 62 ? 7.175   -1.370  6.134   1.00 58.68  ? 62  A   X "C2'" 1 
ATOM   1306 O  "O2'" . A   A 1 62 ? 7.394   -2.655  6.700   1.00 58.47  ? 62  A   X "O2'" 1 
ATOM   1307 C  "C1'" . A   A 1 62 ? 5.661   -1.186  5.975   1.00 53.11  ? 62  A   X "C1'" 1 
ATOM   1308 N  N9    . A   A 1 62 ? 5.322   -0.403  4.779   1.00 51.33  ? 62  A   X N9    1 
ATOM   1309 C  C8    . A   A 1 62 ? 5.250   0.952   4.647   1.00 53.51  ? 62  A   X C8    1 
ATOM   1310 N  N7    . A   A 1 62 ? 4.958   1.328   3.424   1.00 54.66  ? 62  A   X N7    1 
ATOM   1311 C  C5    . A   A 1 62 ? 4.847   0.141   2.708   1.00 54.59  ? 62  A   X C5    1 
ATOM   1312 C  C6    . A   A 1 62 ? 4.552   -0.142  1.357   1.00 55.72  ? 62  A   X C6    1 
ATOM   1313 N  N6    . A   A 1 62 ? 4.295   0.793   0.442   1.00 55.03  ? 62  A   X N6    1 
ATOM   1314 N  N1    . A   A 1 62 ? 4.515   -1.438  0.972   1.00 56.42  ? 62  A   X N1    1 
ATOM   1315 C  C2    . A   A 1 62 ? 4.780   -2.385  1.886   1.00 54.78  ? 62  A   X C2    1 
ATOM   1316 N  N3    . A   A 1 62 ? 5.084   -2.239  3.176   1.00 57.50  ? 62  A   X N3    1 
ATOM   1317 C  C4    . A   A 1 62 ? 5.086   -0.936  3.532   1.00 54.39  ? 62  A   X C4    1 
ATOM   1318 P  P     . C   A 1 63 ? 10.134  0.027   7.266   1.00 63.45  ? 63  C   X P     1 
ATOM   1319 O  OP1   . C   A 1 63 ? 11.118  -0.341  8.313   1.00 63.83  ? 63  C   X OP1   1 
ATOM   1320 O  OP2   . C   A 1 63 ? 9.991   1.408   6.748   1.00 58.13  ? 63  C   X OP2   1 
ATOM   1321 O  "O5'" . C   A 1 63 ? 10.418  -0.845  5.975   1.00 54.27  ? 63  C   X "O5'" 1 
ATOM   1322 C  "C5'" . C   A 1 63 ? 10.601  -2.244  6.073   1.00 57.84  ? 63  C   X "C5'" 1 
ATOM   1323 C  "C4'" . C   A 1 63 ? 10.896  -2.827  4.726   1.00 59.13  ? 63  C   X "C4'" 1 
ATOM   1324 O  "O4'" . C   A 1 63 ? 9.719   -2.752  3.875   1.00 54.85  ? 63  C   X "O4'" 1 
ATOM   1325 C  "C3'" . C   A 1 63 ? 11.972  -2.099  3.931   1.00 58.67  ? 63  C   X "C3'" 1 
ATOM   1326 O  "O3'" . C   A 1 63 ? 13.283  -2.461  4.343   1.00 58.83  ? 63  C   X "O3'" 1 
ATOM   1327 C  "C2'" . C   A 1 63 ? 11.650  -2.507  2.502   1.00 56.28  ? 63  C   X "C2'" 1 
ATOM   1328 O  "O2'" . C   A 1 63 ? 12.135  -3.812  2.248   1.00 53.26  ? 63  C   X "O2'" 1 
ATOM   1329 C  "C1'" . C   A 1 63 ? 10.115  -2.548  2.532   1.00 59.40  ? 63  C   X "C1'" 1 
ATOM   1330 N  N1    . C   A 1 63 ? 9.533   -1.277  2.039   1.00 58.19  ? 63  C   X N1    1 
ATOM   1331 C  C2    . C   A 1 63 ? 9.695   -0.988  0.687   1.00 56.39  ? 63  C   X C2    1 
ATOM   1332 O  O2    . C   A 1 63 ? 10.285  -1.805  -0.020  1.00 60.14  ? 63  C   X O2    1 
ATOM   1333 N  N3    . C   A 1 63 ? 9.206   0.156   0.180   1.00 55.09  ? 63  C   X N3    1 
ATOM   1334 C  C4    . C   A 1 63 ? 8.573   1.016   0.975   1.00 57.40  ? 63  C   X C4    1 
ATOM   1335 N  N4    . C   A 1 63 ? 8.111   2.134   0.412   1.00 56.26  ? 63  C   X N4    1 
ATOM   1336 C  C5    . C   A 1 63 ? 8.385   0.762   2.366   1.00 55.65  ? 63  C   X C5    1 
ATOM   1337 C  C6    . C   A 1 63 ? 8.875   -0.388  2.856   1.00 58.69  ? 63  C   X C6    1 
ATOM   1338 P  P     . U   A 1 64 ? 14.528  -1.442  4.191   1.00 64.53  ? 64  U   X P     1 
ATOM   1339 O  OP1   . U   A 1 64 ? 15.725  -2.210  4.623   1.00 66.73  ? 64  U   X OP1   1 
ATOM   1340 O  OP2   . U   A 1 64 ? 14.213  -0.115  4.767   1.00 59.38  ? 64  U   X OP2   1 
ATOM   1341 O  "O5'" . U   A 1 64 ? 14.683  -1.261  2.625   1.00 58.38  ? 64  U   X "O5'" 1 
ATOM   1342 C  "C5'" . U   A 1 64 ? 15.029  -2.371  1.814   1.00 62.83  ? 64  U   X "C5'" 1 
ATOM   1343 C  "C4'" . U   A 1 64 ? 15.198  -1.951  0.381   1.00 69.19  ? 64  U   X "C4'" 1 
ATOM   1344 O  "O4'" . U   A 1 64 ? 13.902  -1.669  -0.213  1.00 62.84  ? 64  U   X "O4'" 1 
ATOM   1345 C  "C3'" . U   A 1 64 ? 15.978  -0.667  0.166   1.00 67.43  ? 64  U   X "C3'" 1 
ATOM   1346 O  "O3'" . U   A 1 64 ? 17.376  -0.845  0.262   1.00 73.63  ? 64  U   X "O3'" 1 
ATOM   1347 C  "C2'" . U   A 1 64 ? 15.505  -0.241  -1.211  1.00 69.45  ? 64  U   X "C2'" 1 
ATOM   1348 O  "O2'" . U   A 1 64 ? 16.106  -1.062  -2.209  1.00 71.69  ? 64  U   X "O2'" 1 
ATOM   1349 C  "C1'" . U   A 1 64 ? 14.021  -0.596  -1.126  1.00 61.49  ? 64  U   X "C1'" 1 
ATOM   1350 N  N1    . U   A 1 64 ? 13.221  0.544   -0.621  1.00 64.59  ? 64  U   X N1    1 
ATOM   1351 C  C2    . U   A 1 64 ? 12.896  1.527   -1.527  1.00 65.54  ? 64  U   X C2    1 
ATOM   1352 O  O2    . U   A 1 64 ? 13.239  1.456   -2.691  1.00 65.64  ? 64  U   X O2    1 
ATOM   1353 N  N3    . U   A 1 64 ? 12.150  2.572   -1.027  1.00 64.87  ? 64  U   X N3    1 
ATOM   1354 C  C4    . U   A 1 64 ? 11.710  2.738   0.269   1.00 63.40  ? 64  U   X C4    1 
ATOM   1355 O  O4    . U   A 1 64 ? 11.054  3.744   0.571   1.00 64.11  ? 64  U   X O4    1 
ATOM   1356 C  C5    . U   A 1 64 ? 12.092  1.683   1.159   1.00 61.54  ? 64  U   X C5    1 
ATOM   1357 C  C6    . U   A 1 64 ? 12.811  0.650   0.693   1.00 62.34  ? 64  U   X C6    1 
ATOM   1358 P  P     . G   A 1 65 ? 18.327  0.399   0.625   1.00 72.33  ? 65  G   X P     1 
ATOM   1359 O  OP1   . G   A 1 65 ? 19.627  -0.196  1.025   1.00 73.99  ? 65  G   X OP1   1 
ATOM   1360 O  OP2   . G   A 1 65 ? 17.656  1.333   1.560   1.00 69.79  ? 65  G   X OP2   1 
ATOM   1361 O  "O5'" . G   A 1 65 ? 18.475  1.162   -0.761  1.00 77.57  ? 65  G   X "O5'" 1 
ATOM   1362 C  "C5'" . G   A 1 65 ? 18.900  0.465   -1.924  1.00 80.83  ? 65  G   X "C5'" 1 
ATOM   1363 C  "C4'" . G   A 1 65 ? 18.651  1.270   -3.174  1.00 84.49  ? 65  G   X "C4'" 1 
ATOM   1364 O  "O4'" . G   A 1 65 ? 17.221  1.452   -3.375  1.00 79.87  ? 65  G   X "O4'" 1 
ATOM   1365 C  "C3'" . G   A 1 65 ? 19.197  2.690   -3.170  1.00 90.65  ? 65  G   X "C3'" 1 
ATOM   1366 O  "O3'" . G   A 1 65 ? 20.597  2.763   -3.413  1.00 96.35  ? 65  G   X "O3'" 1 
ATOM   1367 C  "C2'" . G   A 1 65 ? 18.339  3.364   -4.233  1.00 89.22  ? 65  G   X "C2'" 1 
ATOM   1368 O  "O2'" . G   A 1 65 ? 18.765  2.988   -5.537  1.00 84.97  ? 65  G   X "O2'" 1 
ATOM   1369 C  "C1'" . G   A 1 65 ? 16.979  2.719   -3.958  1.00 82.48  ? 65  G   X "C1'" 1 
ATOM   1370 N  N9    . G   A 1 65 ? 16.185  3.528   -3.017  1.00 81.80  ? 65  G   X N9    1 
ATOM   1371 C  C8    . G   A 1 65 ? 16.080  3.371   -1.654  1.00 81.05  ? 65  G   X C8    1 
ATOM   1372 N  N7    . G   A 1 65 ? 15.303  4.260   -1.089  1.00 80.35  ? 65  G   X N7    1 
ATOM   1373 C  C5    . G   A 1 65 ? 14.869  5.060   -2.140  1.00 82.94  ? 65  G   X C5    1 
ATOM   1374 C  C6    . G   A 1 65 ? 14.004  6.192   -2.145  1.00 83.75  ? 65  G   X C6    1 
ATOM   1375 O  O6    . G   A 1 65 ? 13.419  6.734   -1.193  1.00 83.91  ? 65  G   X O6    1 
ATOM   1376 N  N1    . G   A 1 65 ? 13.846  6.691   -3.438  1.00 85.13  ? 65  G   X N1    1 
ATOM   1377 C  C2    . G   A 1 65 ? 14.434  6.174   -4.571  1.00 83.36  ? 65  G   X C2    1 
ATOM   1378 N  N2    . G   A 1 65 ? 14.155  6.794   -5.729  1.00 82.65  ? 65  G   X N2    1 
ATOM   1379 N  N3    . G   A 1 65 ? 15.235  5.121   -4.579  1.00 83.00  ? 65  G   X N3    1 
ATOM   1380 C  C4    . G   A 1 65 ? 15.409  4.621   -3.337  1.00 83.83  ? 65  G   X C4    1 
ATOM   1381 P  P     . C   A 1 66 ? 21.516  3.808   -2.596  1.00 100.83 ? 66  C   X P     1 
ATOM   1382 O  OP1   . C   A 1 66 ? 22.841  3.828   -3.277  1.00 97.48  ? 66  C   X OP1   1 
ATOM   1383 O  OP2   . C   A 1 66 ? 21.456  3.510   -1.142  1.00 92.18  ? 66  C   X OP2   1 
ATOM   1384 O  "O5'" . C   A 1 66 ? 20.813  5.218   -2.849  1.00 99.28  ? 66  C   X "O5'" 1 
ATOM   1385 C  "C5'" . C   A 1 66 ? 20.777  5.762   -4.160  1.00 100.86 ? 66  C   X "C5'" 1 
ATOM   1386 C  "C4'" . C   A 1 66 ? 19.885  6.975   -4.266  1.00 104.59 ? 66  C   X "C4'" 1 
ATOM   1387 O  "O4'" . C   A 1 66 ? 18.550  6.705   -3.772  1.00 94.57  ? 66  C   X "O4'" 1 
ATOM   1388 C  "C3'" . C   A 1 66 ? 20.306  8.206   -3.487  1.00 107.91 ? 66  C   X "C3'" 1 
ATOM   1389 O  "O3'" . C   A 1 66 ? 21.392  8.888   -4.096  1.00 112.23 ? 66  C   X "O3'" 1 
ATOM   1390 C  "C2'" . C   A 1 66 ? 19.020  9.023   -3.452  1.00 104.52 ? 66  C   X "C2'" 1 
ATOM   1391 O  "O2'" . C   A 1 66 ? 18.847  9.727   -4.674  1.00 105.12 ? 66  C   X "O2'" 1 
ATOM   1392 C  "C1'" . C   A 1 66 ? 17.950  7.924   -3.374  1.00 97.30  ? 66  C   X "C1'" 1 
ATOM   1393 N  N1    . C   A 1 66 ? 17.342  7.788   -2.026  1.00 97.31  ? 66  C   X N1    1 
ATOM   1394 C  C2    . C   A 1 66 ? 16.372  8.733   -1.641  1.00 99.14  ? 66  C   X C2    1 
ATOM   1395 O  O2    . C   A 1 66 ? 16.072  9.648   -2.423  1.00 101.28 ? 66  C   X O2    1 
ATOM   1396 N  N3    . C   A 1 66 ? 15.777  8.642   -0.428  1.00 97.80  ? 66  C   X N3    1 
ATOM   1397 C  C4    . C   A 1 66 ? 16.113  7.651   0.398   1.00 98.19  ? 66  C   X C4    1 
ATOM   1398 N  N4    . C   A 1 66 ? 15.502  7.601   1.586   1.00 99.21  ? 66  C   X N4    1 
ATOM   1399 C  C5    . C   A 1 66 ? 17.091  6.672   0.038   1.00 94.12  ? 66  C   X C5    1 
ATOM   1400 C  C6    . C   A 1 66 ? 17.673  6.771   -1.171  1.00 95.96  ? 66  C   X C6    1 
ATOM   1401 P  P     . G   A 1 67 ? 22.699  9.264   -3.238  1.00 112.56 ? 67  G   X P     1 
ATOM   1402 O  OP1   . G   A 1 67 ? 23.839  9.365   -4.186  1.00 111.72 ? 67  G   X OP1   1 
ATOM   1403 O  OP2   . G   A 1 67 ? 22.800  8.325   -2.088  1.00 110.71 ? 67  G   X OP2   1 
ATOM   1404 O  "O5'" . G   A 1 67 ? 22.365  10.712  -2.655  1.00 112.22 ? 67  G   X "O5'" 1 
ATOM   1405 C  "C5'" . G   A 1 67 ? 21.549  10.862  -1.503  1.00 110.24 ? 67  G   X "C5'" 1 
ATOM   1406 C  "C4'" . G   A 1 67 ? 20.618  12.039  -1.634  1.00 112.19 ? 67  G   X "C4'" 1 
ATOM   1407 O  "O4'" . G   A 1 67 ? 19.240  11.579  -1.596  1.00 112.18 ? 67  G   X "O4'" 1 
ATOM   1408 C  "C3'" . G   A 1 67 ? 20.704  13.059  -0.511  1.00 116.09 ? 67  G   X "C3'" 1 
ATOM   1409 O  "O3'" . G   A 1 67 ? 21.766  13.978  -0.698  1.00 118.67 ? 67  G   X "O3'" 1 
ATOM   1410 C  "C2'" . G   A 1 67 ? 19.317  13.695  -0.515  1.00 117.42 ? 67  G   X "C2'" 1 
ATOM   1411 O  "O2'" . G   A 1 67 ? 19.204  14.675  -1.537  1.00 117.61 ? 67  G   X "O2'" 1 
ATOM   1412 C  "C1'" . G   A 1 67 ? 18.437  12.501  -0.886  1.00 113.09 ? 67  G   X "C1'" 1 
ATOM   1413 N  N9    . G   A 1 67 ? 17.890  11.815  0.302   1.00 110.08 ? 67  G   X N9    1 
ATOM   1414 C  C8    . G   A 1 67 ? 18.246  10.560  0.736   1.00 108.65 ? 67  G   X C8    1 
ATOM   1415 N  N7    . G   A 1 67 ? 17.608  10.186  1.812   1.00 109.46 ? 67  G   X N7    1 
ATOM   1416 C  C5    . G   A 1 67 ? 16.776  11.253  2.109   1.00 109.46 ? 67  G   X C5    1 
ATOM   1417 C  C6    . G   A 1 67 ? 15.847  11.420  3.174   1.00 109.92 ? 67  G   X C6    1 
ATOM   1418 O  O6    . G   A 1 67 ? 15.559  10.638  4.092   1.00 109.56 ? 67  G   X O6    1 
ATOM   1419 N  N1    . G   A 1 67 ? 15.215  12.654  3.104   1.00 108.82 ? 67  G   X N1    1 
ATOM   1420 C  C2    . G   A 1 67 ? 15.440  13.605  2.141   1.00 109.75 ? 67  G   X C2    1 
ATOM   1421 N  N2    . G   A 1 67 ? 14.715  14.728  2.266   1.00 107.83 ? 67  G   X N2    1 
ATOM   1422 N  N3    . G   A 1 67 ? 16.306  13.465  1.142   1.00 110.90 ? 67  G   X N3    1 
ATOM   1423 C  C4    . G   A 1 67 ? 16.935  12.270  1.184   1.00 109.65 ? 67  G   X C4    1 
ATOM   1424 P  P     . A   A 1 68 ? 22.554  14.575  0.571   1.00 122.81 ? 68  A   X P     1 
ATOM   1425 O  OP1   . A   A 1 68 ? 23.998  14.620  0.208   1.00 120.11 ? 68  A   X OP1   1 
ATOM   1426 O  OP2   . A   A 1 68 ? 22.115  13.831  1.783   1.00 119.36 ? 68  A   X OP2   1 
ATOM   1427 O  "O5'" . A   A 1 68 ? 21.998  16.067  0.697   1.00 119.30 ? 68  A   X "O5'" 1 
ATOM   1428 C  "C5'" . A   A 1 68 ? 21.771  16.667  1.965   1.00 116.30 ? 68  A   X "C5'" 1 
ATOM   1429 C  "C4'" . A   A 1 68 ? 20.403  17.298  2.037   1.00 117.31 ? 68  A   X "C4'" 1 
ATOM   1430 O  "O4'" . A   A 1 68 ? 19.402  16.336  1.597   1.00 115.51 ? 68  A   X "O4'" 1 
ATOM   1431 C  "C3'" . A   A 1 68 ? 19.938  17.715  3.428   1.00 119.80 ? 68  A   X "C3'" 1 
ATOM   1432 O  "O3'" . A   A 1 68 ? 20.421  18.986  3.835   1.00 123.93 ? 68  A   X "O3'" 1 
ATOM   1433 C  "C2'" . A   A 1 68 ? 18.424  17.647  3.308   1.00 117.80 ? 68  A   X "C2'" 1 
ATOM   1434 O  "O2'" . A   A 1 68 ? 17.922  18.773  2.604   1.00 116.71 ? 68  A   X "O2'" 1 
ATOM   1435 C  "C1'" . A   A 1 68 ? 18.261  16.412  2.425   1.00 116.71 ? 68  A   X "C1'" 1 
ATOM   1436 N  N9    . A   A 1 68 ? 18.217  15.176  3.232   1.00 117.21 ? 68  A   X N9    1 
ATOM   1437 C  C8    . A   A 1 68 ? 18.877  14.009  2.938   1.00 114.81 ? 68  A   X C8    1 
ATOM   1438 N  N7    . A   A 1 68 ? 18.682  13.056  3.817   1.00 116.17 ? 68  A   X N7    1 
ATOM   1439 C  C5    . A   A 1 68 ? 17.843  13.630  4.766   1.00 113.96 ? 68  A   X C5    1 
ATOM   1440 C  C6    . A   A 1 68 ? 17.276  13.128  5.955   1.00 112.50 ? 68  A   X C6    1 
ATOM   1441 N  N6    . A   A 1 68 ? 17.472  11.888  6.409   1.00 110.70 ? 68  A   X N6    1 
ATOM   1442 N  N1    . A   A 1 68 ? 16.485  13.952  6.674   1.00 115.72 ? 68  A   X N1    1 
ATOM   1443 C  C2    . A   A 1 68 ? 16.282  15.194  6.225   1.00 116.00 ? 68  A   X C2    1 
ATOM   1444 N  N3    . A   A 1 68 ? 16.759  15.778  5.128   1.00 115.14 ? 68  A   X N3    1 
ATOM   1445 C  C4    . A   A 1 68 ? 17.544  14.939  4.422   1.00 115.21 ? 68  A   X C4    1 
ATOM   1446 P  P     . A   A 1 69 ? 21.109  19.171  5.279   1.00 128.81 ? 69  A   X P     1 
ATOM   1447 O  OP1   . A   A 1 69 ? 22.213  20.154  5.129   1.00 125.68 ? 69  A   X OP1   1 
ATOM   1448 O  OP2   . A   A 1 69 ? 21.401  17.819  5.822   1.00 125.39 ? 69  A   X OP2   1 
ATOM   1449 O  "O5'" . A   A 1 69 ? 19.976  19.829  6.187   1.00 118.46 ? 69  A   X "O5'" 1 
ATOM   1450 C  "C5'" . A   A 1 69 ? 20.255  20.222  7.524   1.00 117.79 ? 69  A   X "C5'" 1 
ATOM   1451 C  "C4'" . A   A 1 69 ? 19.000  20.279  8.357   1.00 121.28 ? 69  A   X "C4'" 1 
ATOM   1452 O  "O4'" . A   A 1 69 ? 18.013  19.366  7.801   1.00 121.73 ? 69  A   X "O4'" 1 
ATOM   1453 C  "C3'" . A   A 1 69 ? 19.145  19.834  9.808   1.00 124.11 ? 69  A   X "C3'" 1 
ATOM   1454 O  "O3'" . A   A 1 69 ? 19.652  20.842  10.671  1.00 125.97 ? 69  A   X "O3'" 1 
ATOM   1455 C  "C2'" . A   A 1 69 ? 17.737  19.366  10.154  1.00 121.44 ? 69  A   X "C2'" 1 
ATOM   1456 O  "O2'" . A   A 1 69 ? 16.876  20.469  10.390  1.00 120.03 ? 69  A   X "O2'" 1 
ATOM   1457 C  "C1'" . A   A 1 69 ? 17.323  18.705  8.842   1.00 121.95 ? 69  A   X "C1'" 1 
ATOM   1458 N  N9    . A   A 1 69 ? 17.722  17.285  8.813   1.00 121.41 ? 69  A   X N9    1 
ATOM   1459 C  C8    . A   A 1 69 ? 18.627  16.691  7.966   1.00 119.25 ? 69  A   X C8    1 
ATOM   1460 N  N7    . A   A 1 69 ? 18.792  15.410  8.180   1.00 118.23 ? 69  A   X N7    1 
ATOM   1461 C  C5    . A   A 1 69 ? 17.944  15.141  9.245   1.00 118.91 ? 69  A   X C5    1 
ATOM   1462 C  C6    . A   A 1 69 ? 17.659  13.958  9.951   1.00 118.86 ? 69  A   X C6    1 
ATOM   1463 N  N6    . A   A 1 69 ? 18.222  12.778  9.671   1.00 117.28 ? 69  A   X N6    1 
ATOM   1464 N  N1    . A   A 1 69 ? 16.762  14.030  10.962  1.00 119.66 ? 69  A   X N1    1 
ATOM   1465 C  C2    . A   A 1 69 ? 16.197  15.216  11.238  1.00 119.71 ? 69  A   X C2    1 
ATOM   1466 N  N3    . A   A 1 69 ? 16.386  16.395  10.649  1.00 119.78 ? 69  A   X N3    1 
ATOM   1467 C  C4    . A   A 1 69 ? 17.278  16.287  9.649   1.00 119.10 ? 69  A   X C4    1 
ATOM   1468 P  P     . A   A 1 70 ? 20.822  20.498  11.726  1.00 127.78 ? 70  A   X P     1 
ATOM   1469 O  OP1   . A   A 1 70 ? 21.909  21.492  11.544  1.00 128.15 ? 70  A   X OP1   1 
ATOM   1470 O  OP2   . A   A 1 70 ? 21.151  19.054  11.623  1.00 124.79 ? 70  A   X OP2   1 
ATOM   1471 O  "O5'" . A   A 1 70 ? 20.154  20.739  13.154  1.00 124.19 ? 70  A   X "O5'" 1 
ATOM   1472 C  "C5'" . A   A 1 70 ? 18.765  21.019  13.282  1.00 124.28 ? 70  A   X "C5'" 1 
ATOM   1473 C  "C4'" . A   A 1 70 ? 18.091  20.073  14.246  1.00 123.40 ? 70  A   X "C4'" 1 
ATOM   1474 O  "O4'" . A   A 1 70 ? 17.422  19.011  13.513  1.00 123.90 ? 70  A   X "O4'" 1 
ATOM   1475 C  "C3'" . A   A 1 70 ? 19.002  19.324  15.210  1.00 124.31 ? 70  A   X "C3'" 1 
ATOM   1476 O  "O3'" . A   A 1 70 ? 19.438  20.099  16.316  1.00 126.47 ? 70  A   X "O3'" 1 
ATOM   1477 C  "C2'" . A   A 1 70 ? 18.148  18.121  15.590  1.00 122.22 ? 70  A   X "C2'" 1 
ATOM   1478 O  "O2'" . A   A 1 70 ? 17.136  18.491  16.515  1.00 120.74 ? 70  A   X "O2'" 1 
ATOM   1479 C  "C1'" . A   A 1 70 ? 17.479  17.805  14.254  1.00 122.76 ? 70  A   X "C1'" 1 
ATOM   1480 N  N9    . A   A 1 70 ? 18.252  16.809  13.486  1.00 121.40 ? 70  A   X N9    1 
ATOM   1481 C  C8    . A   A 1 70 ? 19.002  17.020  12.353  1.00 121.76 ? 70  A   X C8    1 
ATOM   1482 N  N7    . A   A 1 70 ? 19.590  15.942  11.888  1.00 120.63 ? 70  A   X N7    1 
ATOM   1483 C  C5    . A   A 1 70 ? 19.206  14.947  12.778  1.00 120.70 ? 70  A   X C5    1 
ATOM   1484 C  C6    . A   A 1 70 ? 19.497  13.570  12.836  1.00 117.61 ? 70  A   X C6    1 
ATOM   1485 N  N6    . A   A 1 70 ? 20.272  12.938  11.950  1.00 115.07 ? 70  A   X N6    1 
ATOM   1486 N  N1    . A   A 1 70 ? 18.955  12.861  13.852  1.00 117.68 ? 70  A   X N1    1 
ATOM   1487 C  C2    . A   A 1 70 ? 18.176  13.499  14.740  1.00 117.58 ? 70  A   X C2    1 
ATOM   1488 N  N3    . A   A 1 70 ? 17.832  14.786  14.791  1.00 117.78 ? 70  A   X N3    1 
ATOM   1489 C  C4    . A   A 1 70 ? 18.383  15.466  13.770  1.00 119.98 ? 70  A   X C4    1 
ATOM   1490 P  P     . A   A 1 71 ? 20.935  19.919  16.888  1.00 128.09 ? 71  A   X P     1 
ATOM   1491 O  OP1   . A   A 1 71 ? 21.179  20.983  17.895  1.00 125.48 ? 71  A   X OP1   1 
ATOM   1492 O  OP2   . A   A 1 71 ? 21.862  19.821  15.727  1.00 126.59 ? 71  A   X OP2   1 
ATOM   1493 O  "O5'" . A   A 1 71 ? 20.900  18.506  17.633  1.00 121.10 ? 71  A   X "O5'" 1 
ATOM   1494 C  "C5'" . A   A 1 71 ? 19.987  18.263  18.696  1.00 120.04 ? 71  A   X "C5'" 1 
ATOM   1495 C  "C4'" . A   A 1 71 ? 19.758  16.787  18.938  1.00 119.41 ? 71  A   X "C4'" 1 
ATOM   1496 O  "O4'" . A   A 1 71 ? 19.382  16.122  17.701  1.00 118.89 ? 71  A   X "O4'" 1 
ATOM   1497 C  "C3'" . A   A 1 71 ? 20.948  15.980  19.433  1.00 119.68 ? 71  A   X "C3'" 1 
ATOM   1498 O  "O3'" . A   A 1 71 ? 21.213  16.150  20.816  1.00 122.69 ? 71  A   X "O3'" 1 
ATOM   1499 C  "C2'" . A   A 1 71 ? 20.555  14.558  19.050  1.00 117.21 ? 71  A   X "C2'" 1 
ATOM   1500 O  "O2'" . A   A 1 71 ? 19.585  14.046  19.953  1.00 113.99 ? 71  A   X "O2'" 1 
ATOM   1501 C  "C1'" . A   A 1 71 ? 19.874  14.795  17.703  1.00 117.09 ? 71  A   X "C1'" 1 
ATOM   1502 N  N9    . A   A 1 71 ? 20.808  14.627  16.568  1.00 116.65 ? 71  A   X N9    1 
ATOM   1503 C  C8    . A   A 1 71 ? 21.421  15.606  15.824  1.00 116.23 ? 71  A   X C8    1 
ATOM   1504 N  N7    . A   A 1 71 ? 22.203  15.149  14.874  1.00 115.41 ? 71  A   X N7    1 
ATOM   1505 C  C5    . A   A 1 71 ? 22.100  13.770  14.995  1.00 114.79 ? 71  A   X C5    1 
ATOM   1506 C  C6    . A   A 1 71 ? 22.688  12.712  14.278  1.00 112.86 ? 71  A   X C6    1 
ATOM   1507 N  N6    . A   A 1 71 ? 23.529  12.886  13.254  1.00 111.52 ? 71  A   X N6    1 
ATOM   1508 N  N1    . A   A 1 71 ? 22.380  11.451  14.654  1.00 111.99 ? 71  A   X N1    1 
ATOM   1509 C  C2    . A   A 1 71 ? 21.537  11.278  15.682  1.00 112.91 ? 71  A   X C2    1 
ATOM   1510 N  N3    . A   A 1 71 ? 20.922  12.191  16.432  1.00 114.61 ? 71  A   X N3    1 
ATOM   1511 C  C4    . A   A 1 71 ? 21.249  13.434  16.036  1.00 115.34 ? 71  A   X C4    1 
ATOM   1512 P  P     . U   A 1 72 ? 22.715  16.449  21.323  1.00 122.70 ? 72  U   X P     1 
ATOM   1513 O  OP1   . U   A 1 72 ? 22.641  16.951  22.723  1.00 108.06 ? 72  U   X OP1   1 
ATOM   1514 O  OP2   . U   A 1 72 ? 23.405  17.251  20.276  1.00 119.71 ? 72  U   X OP2   1 
ATOM   1515 O  "O5'" . U   A 1 72 ? 23.399  15.012  21.370  1.00 117.81 ? 72  U   X "O5'" 1 
ATOM   1516 C  "C5'" . U   A 1 72 ? 22.813  13.954  22.112  1.00 115.84 ? 72  U   X "C5'" 1 
ATOM   1517 C  "C4'" . U   A 1 72 ? 23.312  12.617  21.634  1.00 113.83 ? 72  U   X "C4'" 1 
ATOM   1518 O  "O4'" . U   A 1 72 ? 22.810  12.352  20.297  1.00 112.88 ? 72  U   X "O4'" 1 
ATOM   1519 C  "C3'" . U   A 1 72 ? 24.819  12.496  21.483  1.00 113.98 ? 72  U   X "C3'" 1 
ATOM   1520 O  "O3'" . U   A 1 72 ? 25.500  12.298  22.707  1.00 113.72 ? 72  U   X "O3'" 1 
ATOM   1521 C  "C2'" . U   A 1 72 ? 24.953  11.349  20.489  1.00 113.66 ? 72  U   X "C2'" 1 
ATOM   1522 O  "O2'" . U   A 1 72 ? 24.712  10.100  21.121  1.00 111.75 ? 72  U   X "O2'" 1 
ATOM   1523 C  "C1'" . U   A 1 72 ? 23.782  11.645  19.550  1.00 113.29 ? 72  U   X "C1'" 1 
ATOM   1524 N  N1    . U   A 1 72 ? 24.202  12.476  18.394  1.00 112.21 ? 72  U   X N1    1 
ATOM   1525 C  C2    . U   A 1 72 ? 24.765  11.819  17.318  1.00 111.30 ? 72  U   X C2    1 
ATOM   1526 O  O2    . U   A 1 72 ? 24.917  10.607  17.291  1.00 110.00 ? 72  U   X O2    1 
ATOM   1527 N  N3    . U   A 1 72 ? 25.139  12.632  16.271  1.00 110.37 ? 72  U   X N3    1 
ATOM   1528 C  C4    . U   A 1 72 ? 25.023  14.004  16.188  1.00 110.48 ? 72  U   X C4    1 
ATOM   1529 O  O4    . U   A 1 72 ? 25.413  14.586  15.172  1.00 107.53 ? 72  U   X O4    1 
ATOM   1530 C  C5    . U   A 1 72 ? 24.433  14.611  17.343  1.00 112.93 ? 72  U   X C5    1 
ATOM   1531 C  C6    . U   A 1 72 ? 24.055  13.847  18.374  1.00 113.33 ? 72  U   X C6    1 
HETATM 1532 P  PC    . CCC A 1 73 ? 32.542  8.373   20.414  1.00 104.69 ? 73  CCC X PC    1 
HETATM 1533 O  O1C   . CCC A 1 73 ? 32.583  6.870   20.574  1.00 93.68  ? 73  CCC X O1C   1 
HETATM 1534 O  O2C   . CCC A 1 73 ? 33.804  9.198   20.239  1.00 100.41 ? 73  CCC X O2C   1 
HETATM 1535 P  P     . CCC A 1 73 ? 27.103  12.389  22.746  1.00 115.90 ? 73  CCC X P     1 
HETATM 1536 O  OP1   . CCC A 1 73 ? 27.581  12.832  24.111  1.00 113.17 ? 73  CCC X OP1   1 
HETATM 1537 O  OP2   . CCC A 1 73 ? 27.532  13.176  21.524  1.00 113.16 ? 73  CCC X OP2   1 
HETATM 1538 O  "O5'" . CCC A 1 73 ? 27.561  10.862  22.523  1.00 106.48 ? 73  CCC X "O5'" 1 
HETATM 1539 C  "C5'" . CCC A 1 73 ? 28.902  10.460  22.747  1.00 102.79 ? 73  CCC X "C5'" 1 
HETATM 1540 C  "C4'" . CCC A 1 73 ? 29.305  9.552   21.601  1.00 101.64 ? 73  CCC X "C4'" 1 
HETATM 1541 O  "O4'" . CCC A 1 73 ? 28.434  9.712   20.473  1.00 104.13 ? 73  CCC X "O4'" 1 
HETATM 1542 C  "C3'" . CCC A 1 73 ? 30.687  9.933   21.122  1.00 101.49 ? 73  CCC X "C3'" 1 
HETATM 1543 O  "O3'" . CCC A 1 73 ? 31.667  9.016   21.592  1.00 99.00  ? 73  CCC X "O3'" 1 
HETATM 1544 C  "C2'" . CCC A 1 73 ? 30.632  9.827   19.612  1.00 103.31 ? 73  CCC X "C2'" 1 
HETATM 1545 O  "O2'" . CCC A 1 73 ? 31.482  8.741   19.259  1.00 102.88 ? 73  CCC X "O2'" 1 
HETATM 1546 C  "C1'" . CCC A 1 73 ? 29.176  9.577   19.258  1.00 103.50 ? 73  CCC X "C1'" 1 
HETATM 1547 N  N1    . CCC A 1 73 ? 28.818  10.609  18.284  1.00 104.89 ? 73  CCC X N1    1 
HETATM 1548 C  C2    . CCC A 1 73 ? 29.042  10.388  16.907  1.00 103.16 ? 73  CCC X C2    1 
HETATM 1549 O  O2    . CCC A 1 73 ? 29.532  9.307   16.515  1.00 102.30 ? 73  CCC X O2    1 
HETATM 1550 N  N3    . CCC A 1 73 ? 28.725  11.339  16.003  1.00 102.19 ? 73  CCC X N3    1 
HETATM 1551 C  C4    . CCC A 1 73 ? 28.199  12.510  16.408  1.00 104.29 ? 73  CCC X C4    1 
HETATM 1552 N  N4    . CCC A 1 73 ? 27.890  13.455  15.489  1.00 105.47 ? 73  CCC X N4    1 
HETATM 1553 C  C5    . CCC A 1 73 ? 27.978  12.746  17.761  1.00 108.05 ? 73  CCC X C5    1 
HETATM 1554 C  C6    . CCC A 1 73 ? 28.298  11.769  18.698  1.00 106.97 ? 73  CCC X C6    1 
HETATM 1555 O  "O5'" . GNG B 2 .  ? 12.518  3.938   -8.435  1.00 72.40  ? 101 GNG X "O5'" 1 
HETATM 1556 C  "C5'" . GNG B 2 .  ? 13.527  3.147   -9.024  1.00 69.72  ? 101 GNG X "C5'" 1 
HETATM 1557 C  "C4'" . GNG B 2 .  ? 13.190  1.687   -8.831  1.00 66.95  ? 101 GNG X "C4'" 1 
HETATM 1558 O  "O4'" . GNG B 2 .  ? 12.581  1.494   -7.539  1.00 65.27  ? 101 GNG X "O4'" 1 
HETATM 1559 C  "C1'" . GNG B 2 .  ? 11.259  1.060   -7.660  1.00 64.89  ? 101 GNG X "C1'" 1 
HETATM 1560 N  N9    . GNG B 2 .  ? 10.395  1.753   -6.676  1.00 63.70  ? 101 GNG X N9    1 
HETATM 1561 C  C8    . GNG B 2 .  ? 9.634   2.887   -6.846  1.00 64.36  ? 101 GNG X C8    1 
HETATM 1562 N  N7    . GNG B 2 .  ? 8.995   3.218   -5.759  1.00 64.06  ? 101 GNG X N7    1 
HETATM 1563 C  C5    . GNG B 2 .  ? 9.316   2.272   -4.817  1.00 61.82  ? 101 GNG X C5    1 
HETATM 1564 C  C4    . GNG B 2 .  ? 10.179  1.372   -5.385  1.00 60.40  ? 101 GNG X C4    1 
HETATM 1565 N  N3    . GNG B 2 .  ? 10.675  0.314   -4.689  1.00 55.44  ? 101 GNG X N3    1 
HETATM 1566 C  C2    . GNG B 2 .  ? 10.294  0.195   -3.384  1.00 58.02  ? 101 GNG X C2    1 
HETATM 1567 N  N1    . GNG B 2 .  ? 9.478   1.016   -2.790  1.00 58.74  ? 101 GNG X N1    1 
HETATM 1568 C  C6    . GNG B 2 .  ? 8.921   2.101   -3.425  1.00 61.22  ? 101 GNG X C6    1 
HETATM 1569 O  O6    . GNG B 2 .  ? 8.158   2.845   -2.814  1.00 61.03  ? 101 GNG X O6    1 
HETATM 1570 N  N2    . GNG B 2 .  ? 10.796  -0.847  -2.713  1.00 55.73  ? 101 GNG X N2    1 
HETATM 1571 C  "C2'" . GNG B 2 .  ? 10.875  1.286   -9.122  1.00 68.66  ? 101 GNG X "C2'" 1 
HETATM 1572 C  "C3'" . GNG B 2 .  ? 12.212  1.126   -9.860  1.00 66.43  ? 101 GNG X "C3'" 1 
HETATM 1573 O  "O3'" . GNG B 2 .  ? 12.593  -0.173  -10.237 1.00 65.22  ? 101 GNG X "O3'" 1 
HETATM 1574 MG MG    . MG  C 3 .  ? 6.706   13.065  -4.694  1.00 93.48  ? 102 MG  X MG    1 
HETATM 1575 O  O     . HOH D 4 .  ? -9.141  2.182   -9.606  1.00 60.86  ? 201 HOH X O     1 
HETATM 1576 O  O     . HOH D 4 .  ? 6.327   5.118   -2.047  1.00 59.65  ? 202 HOH X O     1 
HETATM 1577 O  O     . HOH D 4 .  ? 4.186   -10.836 0.109   1.00 57.77  ? 203 HOH X O     1 
HETATM 1578 O  O     . HOH D 4 .  ? -12.192 1.145   -8.252  1.00 57.00  ? 204 HOH X O     1 
HETATM 1579 O  O     . HOH D 4 .  ? -20.220 -3.865  7.840   1.00 60.53  ? 205 HOH X O     1 
HETATM 1580 O  O     . HOH D 4 .  ? -9.439  -0.205  1.627   1.00 59.35  ? 206 HOH X O     1 
HETATM 1581 O  O     . HOH D 4 .  ? -19.671 1.133   8.182   1.00 49.46  ? 207 HOH X O     1 
# 
